data_3P0H
#
_entry.id   3P0H
#
_cell.length_a   240.240
_cell.length_b   240.240
_cell.length_c   240.240
_cell.angle_alpha   90.000
_cell.angle_beta   90.000
_cell.angle_gamma   90.000
#
_symmetry.space_group_name_H-M   'I 2 3'
#
loop_
_entity.id
_entity.type
_entity.pdbx_description
1 polymer 'Tyrosyl-tRNA synthetase'
2 non-polymer "3,7,3',4'-TETRAHYDROXYFLAVONE"
#
_entity_poly.entity_id   1
_entity_poly.type   'polypeptide(L)'
_entity_poly.pdbx_seq_one_letter_code
;(MSE)AHHHHHH(MSE)NTDERYKLLRSVGEECIQESELRNLIEKKPLIRCYDGFEPSGR(MSE)HIAQGIFKAVNVNKC
TAAGCEFVFWVADWFAL(MSE)NDKVGGELEKIRIVGRYLIEVWKAAG(MSE)D(MSE)DKVLFLWSSEEITSHADTYWR
(MSE)VLDIGRQNTIARIKKCCTI(MSE)GKTEGTLTAAQVLYPL(MSE)QCCDIFFLKADICQLGLDQRKVN(MSE)LA
REYCDLIGRKLKPVILSHH(MSE)LAGLKQGQAK(MSE)SKSDPDSAIF(MSE)EDTEEDVARKIRQAYCPRVKQSASAI
TDDGAPVATDDRNPVLDYFQCVVYARPGAAATIDGTTYATYEDLEQAFVSDEVSEDALKSCLIDEVNALLEPVRQHFASN
EEAHELLEAVKSYRKDGATLPLAETALPAAPAKPHAC(MSE)W(MSE)PALLKVPLDVAEG(MSE)IKVTKDFIAAHPEG
TVTLVLPDWSAVASDEITGVEKDISAALQVNCALLKAYGLPSSVKIVTENEVILGNCDDFWVSVIGIARKNLLSHVEELY
GGEVRNAGQVIAAL(MSE)RVATAL(MSE)LSVSHVISTSLDGHINAFAREYTKERIDCVQTLEGRIPALHRPGAAPAVL
GADDVLYLDDND(MSE)DIRRKIKKAYSAPNEEANPVISVAQHLLAQHGALSIERGEANGGNVSYNTPEALVADCGSGAL
HPADLKAAVLQLLLDRSAQARALLNGELKKN(MSE)TVLRNAEKK(MSE)AKKR
;
_entity_poly.pdbx_strand_id   A,B
#
loop_
_chem_comp.id
_chem_comp.type
_chem_comp.name
_chem_comp.formula
FSE non-polymer 3,7,3',4'-TETRAHYDROXYFLAVONE 'C15 H10 O6'
#
# COMPACT_ATOMS: atom_id res chain seq x y z
N HIS A 7 27.34 5.85 9.46
CA HIS A 7 27.06 5.59 10.89
C HIS A 7 25.76 4.80 11.06
N HIS A 8 25.89 3.52 11.40
CA HIS A 8 24.74 2.63 11.59
C HIS A 8 24.06 2.90 12.92
N MSE A 9 22.72 2.87 12.90
CA MSE A 9 21.91 3.06 14.09
C MSE A 9 21.15 1.79 14.38
O MSE A 9 20.48 1.24 13.51
CB MSE A 9 20.92 4.20 13.88
CG MSE A 9 21.50 5.59 14.05
SE MSE A 9 20.14 6.98 13.93
CE MSE A 9 19.87 6.97 12.00
N ASN A 10 21.26 1.31 15.62
CA ASN A 10 20.48 0.15 16.07
C ASN A 10 19.00 0.52 16.22
N THR A 11 18.16 -0.50 16.35
CA THR A 11 16.73 -0.29 16.50
C THR A 11 16.38 0.77 17.55
N ASP A 12 17.04 0.71 18.71
CA ASP A 12 16.77 1.64 19.81
C ASP A 12 17.06 3.08 19.41
N GLU A 13 18.21 3.30 18.77
CA GLU A 13 18.62 4.63 18.35
C GLU A 13 17.71 5.18 17.26
N ARG A 14 17.26 4.30 16.37
CA ARG A 14 16.33 4.71 15.31
C ARG A 14 15.00 5.14 15.90
N TYR A 15 14.48 4.35 16.83
CA TYR A 15 13.25 4.68 17.54
C TYR A 15 13.36 6.02 18.28
N LYS A 16 14.46 6.24 19.00
CA LYS A 16 14.61 7.49 19.74
C LYS A 16 14.53 8.65 18.78
N LEU A 17 15.26 8.55 17.67
CA LEU A 17 15.34 9.64 16.71
C LEU A 17 13.96 9.93 16.15
N LEU A 18 13.28 8.88 15.71
CA LEU A 18 11.98 9.03 15.07
C LEU A 18 10.95 9.54 16.06
N ARG A 19 10.91 8.92 17.23
CA ARG A 19 9.95 9.30 18.27
C ARG A 19 10.12 10.77 18.66
N SER A 20 11.34 11.28 18.57
CA SER A 20 11.62 12.66 18.96
C SER A 20 10.97 13.72 18.06
N VAL A 21 10.40 13.32 16.92
CA VAL A 21 9.72 14.26 16.06
C VAL A 21 8.39 14.70 16.70
N GLY A 22 7.71 13.77 17.36
CA GLY A 22 6.37 14.02 17.85
C GLY A 22 6.29 14.54 19.27
N GLU A 23 5.43 15.53 19.49
CA GLU A 23 5.05 15.95 20.84
C GLU A 23 4.21 14.83 21.44
N GLU A 24 3.48 14.14 20.57
CA GLU A 24 2.69 12.98 20.93
C GLU A 24 3.01 11.90 19.90
N CYS A 25 2.85 10.64 20.28
CA CYS A 25 3.01 9.51 19.36
C CYS A 25 1.96 8.47 19.66
N ILE A 26 0.89 8.43 18.88
CA ILE A 26 -0.19 7.49 19.17
C ILE A 26 0.19 6.06 18.83
N GLN A 27 0.56 5.37 19.91
CA GLN A 27 1.08 4.01 19.95
C GLN A 27 2.58 3.97 19.69
N GLU A 28 3.33 4.23 20.75
CA GLU A 28 4.78 4.07 20.77
C GLU A 28 5.16 2.63 20.46
N SER A 29 4.31 1.69 20.88
CA SER A 29 4.55 0.27 20.61
C SER A 29 4.45 -0.01 19.12
N GLU A 30 3.51 0.65 18.46
CA GLU A 30 3.27 0.46 17.04
C GLU A 30 4.38 1.08 16.19
N LEU A 31 4.93 2.19 16.66
CA LEU A 31 6.11 2.80 16.05
C LEU A 31 7.31 1.86 16.19
N ARG A 32 7.57 1.42 17.41
CA ARG A 32 8.67 0.50 17.74
CA ARG A 32 8.70 0.54 17.69
C ARG A 32 8.63 -0.74 16.86
N ASN A 33 7.43 -1.28 16.70
CA ASN A 33 7.24 -2.49 15.91
C ASN A 33 7.47 -2.23 14.42
N LEU A 34 7.13 -1.02 13.99
CA LEU A 34 7.32 -0.59 12.61
C LEU A 34 8.81 -0.48 12.29
N ILE A 35 9.57 0.05 13.24
CA ILE A 35 11.00 0.23 13.07
C ILE A 35 11.73 -1.11 13.05
N GLU A 36 11.22 -2.08 13.79
CA GLU A 36 11.80 -3.42 13.80
C GLU A 36 11.52 -4.19 12.52
N LYS A 37 10.31 -4.06 12.00
CA LYS A 37 9.82 -4.93 10.93
C LYS A 37 9.98 -4.38 9.50
N LYS A 38 9.75 -3.08 9.31
CA LYS A 38 9.55 -2.50 7.97
C LYS A 38 10.72 -1.66 7.45
N PRO A 39 11.22 -1.98 6.23
CA PRO A 39 12.35 -1.29 5.61
C PRO A 39 12.11 0.15 5.16
N LEU A 40 11.01 0.41 4.47
CA LEU A 40 10.71 1.79 4.03
C LEU A 40 9.37 2.26 4.56
N ILE A 41 9.40 2.90 5.73
CA ILE A 41 8.21 3.41 6.38
C ILE A 41 7.77 4.66 5.63
N ARG A 42 6.48 4.74 5.29
CA ARG A 42 5.91 5.97 4.73
C ARG A 42 5.57 6.93 5.84
N CYS A 43 6.28 8.04 5.90
CA CYS A 43 5.83 9.16 6.70
C CYS A 43 5.11 10.06 5.73
N TYR A 44 4.12 10.80 6.20
CA TYR A 44 3.33 11.65 5.34
C TYR A 44 2.95 12.95 6.02
N ASP A 45 2.92 14.01 5.24
CA ASP A 45 2.40 15.30 5.65
C ASP A 45 1.84 15.94 4.39
N GLY A 46 1.12 17.05 4.53
CA GLY A 46 0.49 17.69 3.38
C GLY A 46 0.32 19.18 3.59
N PHE A 47 0.09 19.91 2.49
CA PHE A 47 -0.12 21.35 2.56
C PHE A 47 -0.73 21.93 1.29
N GLU A 48 -1.48 23.01 1.45
CA GLU A 48 -1.83 23.90 0.34
C GLU A 48 -0.76 24.99 0.29
N PRO A 49 -0.14 25.20 -0.89
CA PRO A 49 0.84 26.29 -1.00
C PRO A 49 0.23 27.67 -0.75
N SER A 50 0.87 28.47 0.11
CA SER A 50 0.42 29.84 0.39
C SER A 50 1.38 30.89 -0.19
N GLY A 51 2.68 30.70 0.05
CA GLY A 51 3.69 31.60 -0.50
C GLY A 51 4.51 32.23 0.60
N ARG A 52 3.83 32.83 1.57
CA ARG A 52 4.48 33.37 2.74
C ARG A 52 4.80 32.19 3.64
N MSE A 53 6.07 31.79 3.66
CA MSE A 53 6.48 30.61 4.42
C MSE A 53 7.12 31.03 5.73
O MSE A 53 8.04 31.85 5.74
CB MSE A 53 7.47 29.76 3.62
CG MSE A 53 7.53 28.30 4.09
SE MSE A 53 9.00 27.27 3.29
CE MSE A 53 9.19 28.27 1.63
N HIS A 54 6.64 30.45 6.83
CA HIS A 54 7.13 30.80 8.16
C HIS A 54 8.07 29.72 8.69
N ILE A 55 8.87 30.09 9.68
CA ILE A 55 10.01 29.27 10.12
C ILE A 55 9.64 27.86 10.55
N ALA A 56 8.44 27.70 11.12
CA ALA A 56 7.97 26.38 11.53
C ALA A 56 7.78 25.48 10.32
N GLN A 57 7.39 26.08 9.21
CA GLN A 57 7.18 25.37 7.96
C GLN A 57 8.50 25.26 7.20
N GLY A 58 9.30 26.32 7.23
CA GLY A 58 10.57 26.35 6.54
C GLY A 58 11.61 25.45 7.17
N ILE A 59 11.98 25.77 8.41
CA ILE A 59 13.10 25.11 9.07
C ILE A 59 12.64 23.90 9.86
N PHE A 60 11.67 24.11 10.74
CA PHE A 60 11.27 23.04 11.65
C PHE A 60 10.86 21.79 10.87
N LYS A 61 10.01 21.95 9.86
CA LYS A 61 9.63 20.81 9.04
C LYS A 61 10.85 20.09 8.49
N ALA A 62 11.80 20.85 7.96
CA ALA A 62 13.04 20.30 7.43
C ALA A 62 13.78 19.49 8.48
N VAL A 63 13.80 20.01 9.71
CA VAL A 63 14.45 19.31 10.81
C VAL A 63 13.81 17.95 11.02
N ASN A 64 12.48 17.93 11.16
CA ASN A 64 11.74 16.71 11.42
C ASN A 64 11.75 15.73 10.25
N VAL A 65 11.63 16.23 9.03
CA VAL A 65 11.69 15.35 7.87
C VAL A 65 13.05 14.66 7.83
N ASN A 66 14.11 15.44 7.99
CA ASN A 66 15.46 14.88 8.08
C ASN A 66 15.60 13.84 9.17
N LYS A 67 14.87 14.01 10.28
CA LYS A 67 14.88 13.02 11.36
C LYS A 67 14.28 11.71 10.86
N CYS A 68 13.15 11.79 10.17
CA CYS A 68 12.48 10.59 9.66
C CYS A 68 13.35 9.83 8.66
N THR A 69 13.95 10.56 7.72
CA THR A 69 14.74 9.92 6.66
C THR A 69 16.03 9.31 7.19
N ALA A 70 16.61 9.90 8.22
CA ALA A 70 17.77 9.34 8.90
C ALA A 70 17.41 8.03 9.62
N ALA A 71 16.22 7.99 10.20
CA ALA A 71 15.71 6.78 10.87
C ALA A 71 15.31 5.67 9.89
N GLY A 72 15.50 5.93 8.59
CA GLY A 72 15.28 4.94 7.56
C GLY A 72 13.88 5.01 6.95
N CYS A 73 13.21 6.14 7.14
CA CYS A 73 11.87 6.32 6.57
C CYS A 73 11.93 6.90 5.17
N GLU A 74 10.78 6.91 4.54
CA GLU A 74 10.55 7.61 3.29
C GLU A 74 9.51 8.67 3.65
N PHE A 75 9.63 9.86 3.06
CA PHE A 75 8.72 10.93 3.42
C PHE A 75 8.00 11.47 2.18
N VAL A 76 6.70 11.21 2.12
CA VAL A 76 5.86 11.62 1.01
C VAL A 76 5.09 12.86 1.43
N PHE A 77 5.30 13.97 0.71
CA PHE A 77 4.53 15.18 0.92
C PHE A 77 3.35 15.19 -0.03
N TRP A 78 2.16 15.46 0.50
CA TRP A 78 0.95 15.51 -0.31
C TRP A 78 0.64 16.98 -0.56
N VAL A 79 0.97 17.44 -1.77
CA VAL A 79 0.79 18.84 -2.12
C VAL A 79 -0.62 19.05 -2.61
N ALA A 80 -1.42 19.75 -1.79
CA ALA A 80 -2.87 19.86 -1.98
C ALA A 80 -3.26 20.94 -2.99
N ASP A 81 -2.80 20.80 -4.24
CA ASP A 81 -2.99 21.82 -5.26
C ASP A 81 -4.32 21.70 -6.00
N TRP A 82 -4.91 20.51 -5.97
CA TRP A 82 -6.22 20.26 -6.62
C TRP A 82 -7.26 21.33 -6.25
N PHE A 83 -7.17 21.87 -5.04
CA PHE A 83 -8.08 22.93 -4.58
C PHE A 83 -7.96 24.25 -5.36
N ALA A 84 -6.93 24.39 -6.18
CA ALA A 84 -6.78 25.55 -7.07
C ALA A 84 -7.80 25.54 -8.21
N LEU A 85 -8.34 24.36 -8.52
CA LEU A 85 -9.37 24.22 -9.56
C LEU A 85 -10.71 24.86 -9.18
N MSE A 86 -10.84 25.27 -7.92
CA MSE A 86 -12.04 25.93 -7.40
C MSE A 86 -12.31 27.30 -8.03
O MSE A 86 -13.41 27.56 -8.54
CB MSE A 86 -11.93 26.12 -5.87
CG MSE A 86 -11.83 24.83 -5.05
SE MSE A 86 -13.28 23.56 -5.34
CE MSE A 86 -14.78 24.82 -5.43
N ASN A 87 -11.29 28.17 -8.02
CA ASN A 87 -11.42 29.56 -8.47
C ASN A 87 -10.95 29.75 -9.91
N ASP A 88 -10.87 28.65 -10.66
CA ASP A 88 -10.06 28.60 -11.87
C ASP A 88 -10.75 29.15 -13.11
N LYS A 89 -10.04 30.01 -13.83
CA LYS A 89 -10.48 30.52 -15.13
C LYS A 89 -9.44 30.16 -16.21
N VAL A 90 -9.65 29.02 -16.86
CA VAL A 90 -8.77 28.53 -17.94
C VAL A 90 -7.37 28.13 -17.45
N GLY A 91 -7.32 27.34 -16.39
CA GLY A 91 -6.05 26.86 -15.81
C GLY A 91 -5.20 27.95 -15.16
N GLY A 92 -5.83 29.06 -14.80
CA GLY A 92 -5.11 30.24 -14.30
C GLY A 92 -4.54 30.07 -12.90
N GLU A 93 -5.41 29.85 -11.93
CA GLU A 93 -5.01 29.76 -10.52
C GLU A 93 -4.18 28.51 -10.23
N LEU A 94 -4.42 27.44 -10.97
CA LEU A 94 -3.69 26.18 -10.78
C LEU A 94 -2.20 26.32 -11.08
N GLU A 95 -1.88 26.95 -12.21
CA GLU A 95 -0.49 27.10 -12.61
C GLU A 95 0.29 28.02 -11.67
N LYS A 96 -0.39 29.01 -11.11
CA LYS A 96 0.21 29.87 -10.11
C LYS A 96 0.53 29.10 -8.84
N ILE A 97 -0.43 28.30 -8.38
CA ILE A 97 -0.27 27.51 -7.15
C ILE A 97 0.82 26.44 -7.27
N ARG A 98 1.00 25.91 -8.48
CA ARG A 98 2.10 24.97 -8.74
C ARG A 98 3.45 25.67 -8.70
N ILE A 99 3.49 26.93 -9.12
CA ILE A 99 4.73 27.71 -9.00
C ILE A 99 5.03 28.02 -7.54
N VAL A 100 4.03 28.47 -6.79
CA VAL A 100 4.20 28.66 -5.36
C VAL A 100 4.68 27.33 -4.78
N GLY A 101 4.05 26.24 -5.21
CA GLY A 101 4.45 24.90 -4.79
C GLY A 101 5.92 24.61 -5.02
N ARG A 102 6.40 24.84 -6.24
CA ARG A 102 7.80 24.61 -6.57
C ARG A 102 8.71 25.53 -5.77
N TYR A 103 8.26 26.76 -5.53
CA TYR A 103 9.02 27.72 -4.71
C TYR A 103 9.26 27.18 -3.30
N LEU A 104 8.20 26.64 -2.68
CA LEU A 104 8.33 26.09 -1.33
C LEU A 104 9.35 24.96 -1.33
N ILE A 105 9.28 24.09 -2.33
CA ILE A 105 10.20 22.95 -2.41
C ILE A 105 11.65 23.44 -2.50
N GLU A 106 11.86 24.44 -3.35
CA GLU A 106 13.20 25.01 -3.51
C GLU A 106 13.72 25.59 -2.21
N VAL A 107 12.84 26.24 -1.46
CA VAL A 107 13.24 26.80 -0.17
C VAL A 107 13.67 25.68 0.79
N TRP A 108 12.91 24.59 0.81
CA TRP A 108 13.27 23.43 1.63
C TRP A 108 14.64 22.87 1.25
N LYS A 109 14.88 22.70 -0.05
CA LYS A 109 16.19 22.23 -0.53
C LYS A 109 17.29 23.11 0.06
N ALA A 110 17.14 24.41 -0.12
CA ALA A 110 18.12 25.39 0.33
C ALA A 110 18.20 25.38 1.84
N ALA A 111 17.06 25.18 2.50
CA ALA A 111 17.01 25.16 3.95
C ALA A 111 17.69 23.93 4.56
N GLY A 112 17.96 22.92 3.75
CA GLY A 112 18.74 21.76 4.19
C GLY A 112 17.97 20.48 4.40
N MSE A 113 16.82 20.35 3.76
CA MSE A 113 16.06 19.10 3.80
C MSE A 113 16.71 18.09 2.84
O MSE A 113 16.80 18.36 1.65
CB MSE A 113 14.62 19.37 3.40
CG MSE A 113 13.66 18.19 3.58
SE MSE A 113 11.88 18.50 2.83
CE MSE A 113 11.08 19.54 4.28
N ASP A 114 17.12 16.94 3.36
CA ASP A 114 17.71 15.88 2.53
C ASP A 114 16.66 15.17 1.66
N MSE A 115 16.63 15.52 0.38
CA MSE A 115 15.57 15.09 -0.54
C MSE A 115 15.74 13.67 -1.12
O MSE A 115 14.92 13.25 -1.94
CB MSE A 115 15.46 16.08 -1.71
CG MSE A 115 15.18 17.52 -1.32
SE MSE A 115 13.43 17.78 -0.54
CE MSE A 115 13.35 19.73 -0.50
N ASP A 116 16.78 12.94 -0.71
CA ASP A 116 17.07 11.63 -1.29
C ASP A 116 15.97 10.60 -1.10
N LYS A 117 15.27 10.67 0.03
CA LYS A 117 14.16 9.76 0.31
C LYS A 117 12.87 10.55 0.57
N VAL A 118 12.78 11.75 0.02
CA VAL A 118 11.60 12.58 0.12
C VAL A 118 10.94 12.63 -1.26
N LEU A 119 9.61 12.59 -1.28
CA LEU A 119 8.84 12.62 -2.52
C LEU A 119 7.73 13.65 -2.40
N PHE A 120 7.41 14.31 -3.51
CA PHE A 120 6.31 15.25 -3.56
C PHE A 120 5.28 14.77 -4.57
N LEU A 121 4.06 14.51 -4.08
CA LEU A 121 2.94 14.21 -4.95
C LEU A 121 2.00 15.39 -4.97
N TRP A 122 1.37 15.59 -6.12
CA TRP A 122 0.47 16.72 -6.35
C TRP A 122 -0.96 16.22 -6.47
N SER A 123 -1.83 16.68 -5.59
CA SER A 123 -3.22 16.20 -5.56
C SER A 123 -3.89 16.29 -6.93
N SER A 124 -3.62 17.37 -7.66
CA SER A 124 -4.20 17.54 -8.99
C SER A 124 -3.84 16.38 -9.93
N GLU A 125 -2.59 15.96 -9.91
CA GLU A 125 -2.16 14.81 -10.73
C GLU A 125 -2.76 13.52 -10.19
N GLU A 126 -2.60 13.29 -8.89
CA GLU A 126 -2.86 11.96 -8.33
C GLU A 126 -4.34 11.64 -8.10
N ILE A 127 -5.14 12.64 -7.75
CA ILE A 127 -6.58 12.41 -7.55
C ILE A 127 -7.25 12.12 -8.88
N THR A 128 -7.10 13.02 -9.83
CA THR A 128 -7.81 12.89 -11.10
C THR A 128 -7.40 11.62 -11.85
N SER A 129 -6.13 11.22 -11.70
CA SER A 129 -5.61 10.00 -12.33
C SER A 129 -6.19 8.73 -11.72
N HIS A 130 -6.68 8.83 -10.49
CA HIS A 130 -7.21 7.68 -9.77
C HIS A 130 -8.58 8.02 -9.20
N ALA A 131 -9.38 8.69 -10.02
CA ALA A 131 -10.69 9.17 -9.64
C ALA A 131 -11.45 8.15 -8.80
N ASP A 132 -11.70 6.98 -9.37
CA ASP A 132 -12.57 6.00 -8.71
C ASP A 132 -12.02 5.63 -7.35
N THR A 133 -10.80 5.12 -7.32
CA THR A 133 -10.16 4.72 -6.07
C THR A 133 -10.29 5.83 -5.03
N TYR A 134 -9.97 7.05 -5.42
CA TYR A 134 -9.95 8.16 -4.48
C TYR A 134 -11.35 8.53 -3.99
N TRP A 135 -12.21 8.94 -4.90
CA TRP A 135 -13.50 9.50 -4.51
C TRP A 135 -14.45 8.50 -3.87
N ARG A 136 -14.36 7.21 -4.23
CA ARG A 136 -15.25 6.22 -3.61
C ARG A 136 -14.94 6.04 -2.14
N MSE A 137 -13.65 6.11 -1.81
CA MSE A 137 -13.22 6.05 -0.41
C MSE A 137 -13.67 7.28 0.35
O MSE A 137 -14.24 7.17 1.43
CB MSE A 137 -11.69 5.95 -0.32
CG MSE A 137 -11.16 6.05 1.10
SE MSE A 137 -9.44 5.18 1.27
CE MSE A 137 -10.04 3.32 1.41
N VAL A 138 -13.42 8.45 -0.23
CA VAL A 138 -13.89 9.71 0.37
C VAL A 138 -15.34 9.58 0.80
N LEU A 139 -16.16 9.01 -0.08
CA LEU A 139 -17.58 8.78 0.21
C LEU A 139 -17.80 7.67 1.22
N ASP A 140 -16.97 6.63 1.19
CA ASP A 140 -17.12 5.54 2.13
C ASP A 140 -16.80 5.95 3.56
N ILE A 141 -15.81 6.82 3.72
CA ILE A 141 -15.45 7.31 5.04
C ILE A 141 -16.60 8.12 5.58
N GLY A 142 -17.29 8.84 4.70
CA GLY A 142 -18.49 9.58 5.08
C GLY A 142 -19.68 8.68 5.34
N ARG A 143 -19.82 7.64 4.52
CA ARG A 143 -20.92 6.69 4.65
C ARG A 143 -20.96 6.06 6.02
N GLN A 144 -19.79 5.72 6.55
CA GLN A 144 -19.71 4.97 7.81
C GLN A 144 -19.46 5.85 9.01
N ASN A 145 -19.85 7.12 8.94
CA ASN A 145 -19.61 8.04 10.05
C ASN A 145 -20.73 9.03 10.31
N THR A 146 -21.23 9.00 11.53
CA THR A 146 -22.12 10.03 12.05
C THR A 146 -21.54 11.40 11.76
N ILE A 147 -22.40 12.37 11.44
CA ILE A 147 -21.94 13.71 11.11
C ILE A 147 -21.37 14.44 12.34
N ALA A 148 -21.83 14.06 13.52
CA ALA A 148 -21.24 14.55 14.76
C ALA A 148 -19.75 14.21 14.80
N ARG A 149 -19.43 12.96 14.47
CA ARG A 149 -18.06 12.48 14.49
C ARG A 149 -17.17 13.22 13.49
N ILE A 150 -17.75 13.70 12.40
CA ILE A 150 -16.98 14.44 11.40
C ILE A 150 -16.95 15.93 11.70
N LYS A 151 -18.02 16.45 12.30
CA LYS A 151 -18.02 17.85 12.77
C LYS A 151 -16.90 18.08 13.77
N LYS A 152 -16.57 17.06 14.56
CA LYS A 152 -15.46 17.13 15.51
C LYS A 152 -14.13 17.41 14.83
N CYS A 153 -13.98 16.99 13.58
CA CYS A 153 -12.71 17.18 12.87
C CYS A 153 -12.45 18.59 12.34
N CYS A 154 -13.45 19.48 12.43
CA CYS A 154 -13.27 20.86 11.95
C CYS A 154 -13.40 21.91 13.06
N THR A 155 -12.90 23.10 12.77
CA THR A 155 -12.82 24.20 13.73
C THR A 155 -14.02 25.15 13.64
N GLY A 162 -21.33 28.69 17.26
CA GLY A 162 -22.17 27.52 17.08
C GLY A 162 -21.95 26.86 15.72
N THR A 163 -23.05 26.58 15.03
CA THR A 163 -23.00 25.89 13.73
C THR A 163 -22.90 26.87 12.55
N LEU A 164 -21.66 27.22 12.19
CA LEU A 164 -21.38 28.02 11.01
C LEU A 164 -20.69 27.17 9.92
N THR A 165 -20.53 25.87 10.19
CA THR A 165 -19.86 24.96 9.26
C THR A 165 -20.63 24.86 7.94
N ALA A 166 -19.89 24.88 6.83
CA ALA A 166 -20.49 24.93 5.51
C ALA A 166 -19.74 24.02 4.56
N ALA A 167 -20.13 22.74 4.51
CA ALA A 167 -19.38 21.72 3.76
C ALA A 167 -17.84 21.76 3.99
N GLN A 168 -17.49 22.06 5.24
CA GLN A 168 -16.16 21.84 5.78
C GLN A 168 -16.20 20.47 6.45
N VAL A 169 -17.28 19.73 6.20
CA VAL A 169 -17.41 18.34 6.59
C VAL A 169 -16.98 17.45 5.44
N LEU A 170 -16.55 18.06 4.34
CA LEU A 170 -16.07 17.32 3.18
C LEU A 170 -14.55 17.20 3.21
N TYR A 171 -13.87 18.29 3.56
CA TYR A 171 -12.41 18.30 3.56
C TYR A 171 -11.79 17.23 4.47
N PRO A 172 -12.38 16.98 5.66
CA PRO A 172 -11.87 15.90 6.50
C PRO A 172 -12.06 14.52 5.88
N LEU A 173 -13.13 14.33 5.12
CA LEU A 173 -13.35 13.06 4.46
C LEU A 173 -12.24 12.85 3.45
N MSE A 174 -11.80 13.94 2.81
CA MSE A 174 -10.71 13.87 1.84
C MSE A 174 -9.38 13.66 2.54
O MSE A 174 -8.63 12.74 2.19
CB MSE A 174 -10.66 15.15 1.01
CG MSE A 174 -11.92 15.39 0.21
SE MSE A 174 -11.82 17.03 -0.82
CE MSE A 174 -13.73 17.28 -1.12
N GLN A 175 -9.08 14.49 3.52
CA GLN A 175 -7.82 14.42 4.26
C GLN A 175 -7.61 13.03 4.82
N CYS A 176 -8.67 12.45 5.37
CA CYS A 176 -8.60 11.09 5.93
C CYS A 176 -8.26 10.08 4.84
N CYS A 177 -8.97 10.19 3.71
CA CYS A 177 -8.73 9.31 2.57
C CYS A 177 -7.28 9.35 2.13
N ASP A 178 -6.67 10.54 2.13
CA ASP A 178 -5.29 10.72 1.68
C ASP A 178 -4.35 9.73 2.37
N ILE A 179 -4.57 9.53 3.66
CA ILE A 179 -3.72 8.67 4.48
C ILE A 179 -3.71 7.26 3.91
N PHE A 180 -4.87 6.78 3.50
CA PHE A 180 -4.97 5.43 2.96
C PHE A 180 -4.63 5.41 1.49
N PHE A 181 -4.99 6.46 0.79
CA PHE A 181 -4.65 6.64 -0.63
C PHE A 181 -3.15 6.50 -0.87
N LEU A 182 -2.35 7.19 -0.06
CA LEU A 182 -0.90 7.16 -0.15
C LEU A 182 -0.25 5.98 0.59
N LYS A 183 -1.06 5.21 1.30
CA LYS A 183 -0.56 4.10 2.13
C LYS A 183 0.48 4.59 3.15
N ALA A 184 0.12 5.67 3.83
CA ALA A 184 0.96 6.25 4.87
C ALA A 184 1.00 5.32 6.07
N ASP A 185 2.21 4.99 6.51
CA ASP A 185 2.42 4.19 7.70
C ASP A 185 2.40 5.07 8.93
N ILE A 186 2.92 6.29 8.78
CA ILE A 186 2.95 7.26 9.86
C ILE A 186 2.36 8.56 9.37
N CYS A 187 1.51 9.16 10.19
CA CYS A 187 0.94 10.46 9.89
C CYS A 187 1.73 11.48 10.65
N GLN A 188 2.81 11.96 10.05
CA GLN A 188 3.66 12.97 10.68
C GLN A 188 3.17 14.35 10.26
N LEU A 189 2.13 14.81 10.96
CA LEU A 189 1.54 16.13 10.75
C LEU A 189 1.58 16.90 12.05
N GLY A 190 1.14 18.16 12.04
CA GLY A 190 1.06 18.95 13.25
C GLY A 190 0.08 18.35 14.25
N LEU A 191 0.20 18.78 15.50
CA LEU A 191 -0.72 18.35 16.53
C LEU A 191 -2.10 18.96 16.29
N ASP A 192 -2.17 20.09 15.58
CA ASP A 192 -3.46 20.71 15.29
C ASP A 192 -4.35 19.84 14.40
N GLN A 193 -3.74 18.95 13.61
CA GLN A 193 -4.47 18.04 12.74
C GLN A 193 -4.71 16.68 13.40
N ARG A 194 -4.69 16.66 14.73
CA ARG A 194 -4.82 15.43 15.49
C ARG A 194 -6.12 14.70 15.21
N LYS A 195 -7.22 15.43 15.21
CA LYS A 195 -8.55 14.83 15.19
C LYS A 195 -8.86 14.04 13.92
N VAL A 196 -8.42 14.53 12.76
CA VAL A 196 -8.63 13.81 11.50
C VAL A 196 -7.85 12.50 11.50
N ASN A 197 -6.59 12.58 11.95
CA ASN A 197 -5.74 11.40 12.03
C ASN A 197 -6.32 10.32 12.93
N MSE A 198 -6.98 10.74 14.00
CA MSE A 198 -7.73 9.82 14.87
C MSE A 198 -8.82 9.11 14.05
O MSE A 198 -8.89 7.88 14.02
CB MSE A 198 -8.38 10.57 16.03
CG MSE A 198 -7.43 11.34 16.94
SE MSE A 198 -6.39 10.14 18.04
CE MSE A 198 -7.81 9.62 19.30
N LEU A 199 -9.63 9.92 13.38
CA LEU A 199 -10.68 9.41 12.48
C LEU A 199 -10.11 8.43 11.45
N ALA A 200 -8.86 8.62 11.06
CA ALA A 200 -8.17 7.65 10.20
C ALA A 200 -7.97 6.33 10.93
N ARG A 201 -7.49 6.39 12.17
CA ARG A 201 -7.28 5.18 12.97
C ARG A 201 -8.59 4.43 13.18
N GLU A 202 -9.67 5.17 13.41
CA GLU A 202 -10.99 4.55 13.58
C GLU A 202 -11.43 3.88 12.29
N TYR A 203 -11.36 4.60 11.17
CA TYR A 203 -11.76 4.07 9.87
C TYR A 203 -10.97 2.82 9.50
N CYS A 204 -9.77 2.69 10.05
CA CYS A 204 -8.95 1.49 9.82
C CYS A 204 -9.62 0.22 10.37
N ASP A 205 -10.28 0.33 11.52
CA ASP A 205 -11.04 -0.79 12.10
C ASP A 205 -12.31 -1.10 11.33
N LEU A 206 -12.75 -0.17 10.48
CA LEU A 206 -13.94 -0.39 9.66
C LEU A 206 -13.58 -1.10 8.35
N ILE A 207 -12.46 -0.73 7.73
CA ILE A 207 -12.06 -1.33 6.45
C ILE A 207 -11.19 -2.59 6.60
N GLY A 208 -11.05 -3.09 7.82
CA GLY A 208 -10.35 -4.35 8.06
C GLY A 208 -8.83 -4.31 7.96
N ARG A 209 -8.26 -3.29 7.29
CA ARG A 209 -6.80 -3.12 7.24
C ARG A 209 -6.28 -3.31 8.67
N LYS A 210 -5.28 -4.18 8.82
CA LYS A 210 -4.90 -4.68 10.14
C LYS A 210 -4.13 -3.65 10.96
N LEU A 211 -3.14 -3.01 10.35
CA LEU A 211 -2.29 -2.05 11.06
C LEU A 211 -2.82 -0.63 10.90
N LYS A 212 -3.05 0.02 12.03
CA LYS A 212 -3.48 1.42 12.06
C LYS A 212 -2.28 2.32 11.77
N PRO A 213 -2.52 3.51 11.21
CA PRO A 213 -1.44 4.44 10.96
C PRO A 213 -0.98 5.08 12.26
N VAL A 214 0.33 5.15 12.47
CA VAL A 214 0.87 5.74 13.68
C VAL A 214 0.81 7.26 13.57
N ILE A 215 0.17 7.92 14.54
CA ILE A 215 0.06 9.37 14.51
C ILE A 215 1.23 9.97 15.28
N LEU A 216 2.22 10.47 14.55
CA LEU A 216 3.40 11.09 15.14
C LEU A 216 3.28 12.60 14.97
N SER A 217 2.72 13.27 15.97
CA SER A 217 2.32 14.66 15.82
C SER A 217 3.39 15.62 16.34
N HIS A 218 3.82 16.55 15.50
CA HIS A 218 4.89 17.48 15.88
C HIS A 218 4.37 18.71 16.62
N HIS A 219 5.28 19.40 17.29
CA HIS A 219 4.95 20.54 18.14
C HIS A 219 4.55 21.77 17.32
N MSE A 220 3.54 22.50 17.80
CA MSE A 220 3.15 23.77 17.20
C MSE A 220 3.99 24.87 17.83
O MSE A 220 3.84 25.18 19.00
CB MSE A 220 1.66 24.05 17.43
CG MSE A 220 0.74 22.92 17.00
SE MSE A 220 0.96 22.33 15.14
CE MSE A 220 0.31 23.91 14.19
N LEU A 221 4.88 25.46 17.03
CA LEU A 221 5.77 26.54 17.50
C LEU A 221 4.95 27.74 17.98
N ALA A 222 5.41 28.38 19.04
CA ALA A 222 4.69 29.49 19.65
C ALA A 222 4.83 30.80 18.87
N GLY A 223 3.85 31.67 19.04
CA GLY A 223 3.90 33.02 18.49
C GLY A 223 4.85 33.88 19.31
N LEU A 224 5.46 34.87 18.68
CA LEU A 224 6.53 35.64 19.31
C LEU A 224 5.99 36.67 20.31
N LYS A 225 4.78 37.18 20.05
CA LYS A 225 4.17 38.16 20.96
C LYS A 225 3.38 37.45 22.06
N GLN A 226 3.04 38.20 23.10
CA GLN A 226 2.34 37.66 24.26
C GLN A 226 0.89 37.34 23.92
N GLY A 227 0.41 36.20 24.40
CA GLY A 227 -0.97 35.77 24.15
C GLY A 227 -1.18 35.10 22.81
N GLN A 228 -0.08 34.69 22.17
CA GLN A 228 -0.13 33.94 20.92
C GLN A 228 0.40 32.54 21.17
N ALA A 229 -0.46 31.54 21.03
CA ALA A 229 -0.05 30.14 21.20
C ALA A 229 0.53 29.59 19.91
N LYS A 230 0.32 30.33 18.83
CA LYS A 230 0.61 29.87 17.49
C LYS A 230 0.95 31.09 16.65
N MSE A 231 1.56 30.85 15.49
CA MSE A 231 1.72 31.90 14.49
C MSE A 231 0.35 32.46 14.06
O MSE A 231 -0.64 31.73 14.05
CB MSE A 231 2.50 31.34 13.30
CG MSE A 231 2.65 32.28 12.12
SE MSE A 231 1.24 32.20 10.77
CE MSE A 231 0.70 30.26 10.93
N SER A 232 0.31 33.74 13.74
CA SER A 232 -0.91 34.39 13.28
C SER A 232 -0.70 34.98 11.88
N LYS A 233 -1.73 34.87 11.05
CA LYS A 233 -1.67 35.34 9.68
C LYS A 233 -1.98 36.84 9.60
N SER A 234 -2.76 37.34 10.56
CA SER A 234 -3.03 38.77 10.68
C SER A 234 -1.77 39.56 11.04
N ASP A 235 -0.95 38.96 11.90
CA ASP A 235 0.23 39.63 12.47
C ASP A 235 1.50 39.10 11.83
N PRO A 236 2.09 39.87 10.90
CA PRO A 236 3.26 39.36 10.19
C PRO A 236 4.54 39.29 11.05
N ASP A 237 4.57 39.93 12.21
CA ASP A 237 5.68 39.70 13.16
C ASP A 237 5.26 38.90 14.40
N SER A 238 4.33 37.97 14.19
CA SER A 238 4.02 36.93 15.16
C SER A 238 5.01 35.77 15.06
N ALA A 239 5.65 35.65 13.91
CA ALA A 239 6.67 34.63 13.69
C ALA A 239 7.68 35.13 12.65
N ILE A 240 8.83 34.46 12.58
CA ILE A 240 9.82 34.78 11.58
C ILE A 240 9.40 34.14 10.27
N PHE A 241 9.52 34.89 9.18
CA PHE A 241 9.27 34.37 7.85
C PHE A 241 10.59 34.19 7.09
N MSE A 242 10.57 33.37 6.04
CA MSE A 242 11.80 32.99 5.35
C MSE A 242 12.38 34.13 4.51
O MSE A 242 13.59 34.19 4.27
CB MSE A 242 11.56 31.76 4.48
CG MSE A 242 11.07 30.54 5.24
SE MSE A 242 12.23 29.98 6.70
CE MSE A 242 13.62 29.11 5.63
N GLU A 243 11.52 35.05 4.06
CA GLU A 243 11.98 36.22 3.29
C GLU A 243 12.43 37.38 4.18
N ASP A 244 12.24 37.27 5.49
CA ASP A 244 12.65 38.31 6.41
C ASP A 244 14.15 38.55 6.33
N THR A 245 14.55 39.82 6.23
CA THR A 245 15.96 40.18 6.25
C THR A 245 16.53 40.00 7.64
N GLU A 246 17.86 40.09 7.76
CA GLU A 246 18.49 39.96 9.07
C GLU A 246 18.12 41.12 9.99
N GLU A 247 17.77 42.27 9.39
CA GLU A 247 17.20 43.40 10.13
C GLU A 247 15.78 43.07 10.62
N ASP A 248 14.98 42.45 9.75
CA ASP A 248 13.65 41.99 10.14
C ASP A 248 13.74 40.97 11.26
N VAL A 249 14.64 40.00 11.11
CA VAL A 249 14.78 38.95 12.12
C VAL A 249 15.12 39.53 13.48
N ALA A 250 16.08 40.46 13.52
CA ALA A 250 16.49 41.11 14.75
C ALA A 250 15.33 41.83 15.43
N ARG A 251 14.58 42.59 14.63
CA ARG A 251 13.46 43.38 15.11
C ARG A 251 12.40 42.50 15.78
N LYS A 252 12.04 41.42 15.10
CA LYS A 252 10.96 40.54 15.55
C LYS A 252 11.28 39.77 16.85
N ILE A 253 12.53 39.35 17.01
CA ILE A 253 12.93 38.59 18.20
C ILE A 253 13.18 39.52 19.38
N ARG A 254 13.71 40.70 19.11
CA ARG A 254 13.99 41.69 20.15
C ARG A 254 12.72 42.08 20.91
N GLN A 255 11.66 42.35 20.16
CA GLN A 255 10.36 42.70 20.76
C GLN A 255 9.59 41.49 21.30
N ALA A 256 10.13 40.29 21.11
CA ALA A 256 9.39 39.06 21.42
C ALA A 256 9.22 38.85 22.92
N TYR A 257 8.04 38.38 23.29
CA TYR A 257 7.72 38.01 24.67
C TYR A 257 8.72 37.00 25.18
N CYS A 258 9.19 37.17 26.41
CA CYS A 258 10.22 36.30 26.96
C CYS A 258 10.18 36.22 28.49
N PRO A 259 9.21 35.44 29.04
CA PRO A 259 9.10 35.18 30.47
C PRO A 259 10.23 34.32 31.04
N ARG A 260 10.74 34.72 32.20
CA ARG A 260 11.80 33.97 32.87
C ARG A 260 11.19 32.84 33.69
N VAL A 261 10.74 31.79 33.00
CA VAL A 261 10.07 30.67 33.62
C VAL A 261 10.45 29.36 32.94
N LYS A 262 10.71 28.33 33.72
CA LYS A 262 11.10 27.03 33.20
C LYS A 262 9.92 26.40 32.45
N GLN A 263 10.13 26.10 31.18
CA GLN A 263 9.06 25.62 30.30
C GLN A 263 8.73 24.15 30.54
N SER A 264 7.45 23.86 30.74
CA SER A 264 6.96 22.51 30.85
C SER A 264 5.98 22.25 29.71
N ALA A 265 5.78 20.98 29.39
CA ALA A 265 4.92 20.58 28.28
C ALA A 265 3.45 20.83 28.60
N SER A 266 2.71 21.30 27.60
CA SER A 266 1.27 21.58 27.75
C SER A 266 0.47 20.28 27.84
N ALA A 267 -0.72 20.36 28.42
CA ALA A 267 -1.66 19.23 28.47
C ALA A 267 -2.14 18.91 27.06
N ILE A 268 -2.37 17.63 26.78
CA ILE A 268 -2.73 17.19 25.42
C ILE A 268 -4.24 17.36 25.19
N THR A 269 -4.60 18.41 24.46
CA THR A 269 -5.99 18.67 24.09
C THR A 269 -6.39 17.64 23.03
N ASP A 270 -7.58 17.08 23.15
CA ASP A 270 -8.09 16.16 22.12
C ASP A 270 -8.37 16.97 20.86
N ASP A 271 -8.96 18.15 21.03
CA ASP A 271 -8.97 19.19 20.00
C ASP A 271 -7.51 19.56 19.81
N GLY A 272 -6.92 19.15 18.68
CA GLY A 272 -5.47 19.22 18.50
C GLY A 272 -4.74 20.50 18.89
N ALA A 273 -5.39 21.65 18.71
CA ALA A 273 -4.73 22.96 18.74
C ALA A 273 -4.10 23.33 20.10
N PRO A 274 -3.13 24.28 20.07
CA PRO A 274 -2.44 24.77 21.27
C PRO A 274 -3.21 25.88 21.99
N VAL A 275 -2.79 26.21 23.21
CA VAL A 275 -3.42 27.27 24.00
C VAL A 275 -2.37 28.27 24.49
N ALA A 276 -2.73 29.56 24.48
CA ALA A 276 -1.80 30.63 24.83
C ALA A 276 -1.85 30.93 26.33
N THR A 277 -0.71 30.74 27.01
CA THR A 277 -0.58 31.05 28.42
C THR A 277 0.55 32.05 28.64
N ASP A 278 0.59 32.67 29.81
CA ASP A 278 1.55 33.73 30.09
C ASP A 278 2.97 33.20 30.35
N ASP A 279 3.09 31.96 30.80
CA ASP A 279 4.43 31.38 31.06
C ASP A 279 4.91 30.49 29.89
N ARG A 280 4.44 30.81 28.69
CA ARG A 280 4.91 30.19 27.46
C ARG A 280 5.90 31.12 26.79
N ASN A 281 7.16 30.69 26.72
CA ASN A 281 8.25 31.52 26.22
C ASN A 281 8.64 31.15 24.78
N PRO A 282 8.27 31.98 23.80
CA PRO A 282 8.57 31.67 22.40
C PRO A 282 10.06 31.73 22.06
N VAL A 283 10.82 32.60 22.72
CA VAL A 283 12.27 32.61 22.54
C VAL A 283 12.85 31.25 22.94
N LEU A 284 12.36 30.67 24.03
CA LEU A 284 12.81 29.35 24.47
C LEU A 284 12.27 28.23 23.58
N ASP A 285 11.01 28.35 23.16
CA ASP A 285 10.40 27.38 22.27
C ASP A 285 11.18 27.27 20.95
N TYR A 286 11.63 28.42 20.44
CA TYR A 286 12.43 28.45 19.22
C TYR A 286 13.72 27.68 19.41
N PHE A 287 14.41 27.94 20.51
CA PHE A 287 15.66 27.25 20.80
C PHE A 287 15.44 25.76 20.81
N GLN A 288 14.32 25.32 21.36
CA GLN A 288 14.04 23.90 21.47
C GLN A 288 13.76 23.27 20.10
N CYS A 289 13.13 24.02 19.20
CA CYS A 289 12.67 23.49 17.91
C CYS A 289 13.62 23.73 16.72
N VAL A 290 14.10 24.95 16.56
CA VAL A 290 14.96 25.30 15.42
C VAL A 290 16.46 25.22 15.74
N VAL A 291 16.82 25.07 17.01
CA VAL A 291 18.23 24.93 17.39
C VAL A 291 18.54 23.54 17.93
N TYR A 292 18.10 23.25 19.15
CA TYR A 292 18.46 22.00 19.84
C TYR A 292 17.85 20.73 19.24
N ALA A 293 16.74 20.87 18.52
CA ALA A 293 16.13 19.73 17.84
C ALA A 293 16.96 19.26 16.62
N ARG A 294 17.84 20.13 16.11
CA ARG A 294 18.80 19.74 15.09
C ARG A 294 19.80 18.76 15.70
N PRO A 295 20.37 17.84 14.89
CA PRO A 295 21.07 16.64 15.39
C PRO A 295 22.13 16.86 16.47
N GLY A 296 23.05 17.80 16.25
CA GLY A 296 24.12 18.05 17.23
C GLY A 296 24.35 19.51 17.53
N ALA A 297 23.28 20.30 17.45
CA ALA A 297 23.39 21.75 17.61
C ALA A 297 23.39 22.12 19.08
N ALA A 298 23.98 23.29 19.37
CA ALA A 298 23.96 23.84 20.72
C ALA A 298 24.21 25.34 20.63
N ALA A 299 23.68 26.08 21.60
CA ALA A 299 23.83 27.54 21.62
C ALA A 299 25.06 27.96 22.42
N THR A 300 25.64 29.10 22.06
CA THR A 300 26.82 29.63 22.73
C THR A 300 26.63 31.10 23.08
N ILE A 301 26.65 31.42 24.37
CA ILE A 301 26.50 32.79 24.83
C ILE A 301 27.67 33.15 25.73
N ASP A 302 28.45 34.15 25.32
CA ASP A 302 29.46 34.74 26.18
C ASP A 302 30.51 33.71 26.58
N GLY A 303 31.08 33.04 25.58
CA GLY A 303 32.11 32.03 25.78
C GLY A 303 31.59 30.62 26.02
N THR A 304 30.69 30.49 26.99
CA THR A 304 30.16 29.19 27.41
C THR A 304 29.13 28.62 26.41
N THR A 305 29.19 27.29 26.22
CA THR A 305 28.30 26.57 25.32
C THR A 305 27.41 25.59 26.07
N TYR A 306 26.11 25.64 25.80
CA TYR A 306 25.15 24.78 26.49
C TYR A 306 24.77 23.62 25.59
N ALA A 307 25.09 22.41 26.03
CA ALA A 307 24.92 21.19 25.23
C ALA A 307 23.46 20.77 25.15
N THR A 308 22.75 20.87 26.26
CA THR A 308 21.32 20.56 26.31
C THR A 308 20.51 21.83 26.11
N TYR A 309 19.27 21.68 25.67
CA TYR A 309 18.31 22.77 25.74
C TYR A 309 18.13 23.18 27.20
N GLU A 310 17.98 22.17 28.07
CA GLU A 310 17.77 22.38 29.51
C GLU A 310 18.88 23.22 30.14
N ASP A 311 20.11 23.01 29.69
CA ASP A 311 21.25 23.75 30.21
C ASP A 311 21.07 25.25 29.96
N LEU A 312 20.59 25.60 28.76
CA LEU A 312 20.31 26.99 28.42
C LEU A 312 19.11 27.54 29.21
N GLU A 313 18.11 26.71 29.43
CA GLU A 313 16.92 27.11 30.16
C GLU A 313 17.25 27.45 31.62
N GLN A 314 18.14 26.66 32.20
CA GLN A 314 18.61 26.89 33.56
C GLN A 314 19.40 28.19 33.62
N ALA A 315 20.41 28.30 32.75
CA ALA A 315 21.23 29.51 32.67
C ALA A 315 20.41 30.79 32.48
N PHE A 316 19.26 30.68 31.83
CA PHE A 316 18.37 31.83 31.66
C PHE A 316 17.60 32.13 32.93
N VAL A 317 17.01 31.12 33.54
CA VAL A 317 16.19 31.32 34.75
C VAL A 317 17.04 31.63 36.00
N SER A 318 18.31 31.21 35.99
CA SER A 318 19.26 31.58 37.04
C SER A 318 19.82 32.98 36.82
N ASP A 319 19.54 33.56 35.65
CA ASP A 319 20.07 34.86 35.24
C ASP A 319 21.58 34.84 35.00
N GLU A 320 22.12 33.67 34.68
CA GLU A 320 23.48 33.57 34.15
C GLU A 320 23.51 34.18 32.75
N VAL A 321 22.43 33.98 32.00
CA VAL A 321 22.27 34.60 30.69
C VAL A 321 21.14 35.63 30.71
N SER A 322 21.41 36.76 30.09
CA SER A 322 20.50 37.88 30.05
C SER A 322 19.45 37.67 28.96
N GLU A 323 18.28 38.28 29.13
CA GLU A 323 17.26 38.31 28.08
C GLU A 323 17.84 38.94 26.81
N ASP A 324 18.62 40.00 26.99
CA ASP A 324 19.37 40.62 25.90
C ASP A 324 20.24 39.58 25.18
N ALA A 325 21.00 38.82 25.95
CA ALA A 325 21.91 37.81 25.39
C ALA A 325 21.12 36.68 24.74
N LEU A 326 20.16 36.13 25.46
CA LEU A 326 19.33 35.04 24.94
C LEU A 326 18.77 35.37 23.56
N LYS A 327 18.21 36.56 23.42
CA LYS A 327 17.65 37.01 22.15
C LYS A 327 18.72 37.29 21.11
N SER A 328 19.79 37.94 21.53
CA SER A 328 20.93 38.17 20.64
C SER A 328 21.39 36.84 20.07
N CYS A 329 21.42 35.82 20.93
CA CYS A 329 21.86 34.47 20.55
C CYS A 329 20.93 33.85 19.52
N LEU A 330 19.63 33.86 19.81
CA LEU A 330 18.65 33.34 18.87
C LEU A 330 18.75 34.07 17.54
N ILE A 331 18.79 35.41 17.60
CA ILE A 331 18.84 36.24 16.40
C ILE A 331 19.95 35.83 15.43
N ASP A 332 21.15 35.63 15.94
CA ASP A 332 22.26 35.16 15.11
C ASP A 332 22.01 33.72 14.64
N GLU A 333 21.48 32.90 15.55
CA GLU A 333 21.20 31.50 15.25
C GLU A 333 20.16 31.35 14.12
N VAL A 334 19.08 32.11 14.22
CA VAL A 334 18.00 32.10 13.22
C VAL A 334 18.48 32.66 11.88
N ASN A 335 19.25 33.74 11.93
CA ASN A 335 19.86 34.28 10.72
C ASN A 335 20.81 33.28 10.04
N ALA A 336 21.56 32.53 10.83
CA ALA A 336 22.38 31.44 10.32
C ALA A 336 21.54 30.42 9.53
N LEU A 337 20.34 30.13 10.02
CA LEU A 337 19.43 29.18 9.38
C LEU A 337 18.78 29.71 8.09
N LEU A 338 18.49 31.02 8.05
CA LEU A 338 17.87 31.62 6.86
C LEU A 338 18.88 32.02 5.77
N GLU A 339 20.11 32.36 6.16
CA GLU A 339 21.07 32.90 5.21
C GLU A 339 21.26 32.03 3.97
N PRO A 340 21.38 30.70 4.14
CA PRO A 340 21.50 29.82 2.99
C PRO A 340 20.36 29.95 2.00
N VAL A 341 19.14 30.18 2.49
CA VAL A 341 18.01 30.44 1.61
C VAL A 341 18.19 31.79 0.91
N ARG A 342 18.46 32.83 1.71
CA ARG A 342 18.63 34.18 1.17
C ARG A 342 19.69 34.19 0.07
N GLN A 343 20.82 33.55 0.36
CA GLN A 343 21.92 33.44 -0.58
C GLN A 343 21.54 32.72 -1.86
N HIS A 344 20.80 31.64 -1.72
CA HIS A 344 20.41 30.81 -2.85
C HIS A 344 19.51 31.57 -3.83
N PHE A 345 18.56 32.32 -3.29
CA PHE A 345 17.62 33.08 -4.12
C PHE A 345 18.21 34.39 -4.64
N ALA A 346 19.44 34.69 -4.24
CA ALA A 346 20.22 35.76 -4.85
C ALA A 346 21.03 35.18 -6.02
N SER A 347 21.87 34.20 -5.73
CA SER A 347 22.77 33.60 -6.72
C SER A 347 22.05 32.90 -7.86
N ASN A 348 21.22 31.92 -7.51
CA ASN A 348 20.56 31.07 -8.50
C ASN A 348 19.50 31.83 -9.31
N GLU A 349 19.73 31.95 -10.61
CA GLU A 349 18.85 32.68 -11.52
C GLU A 349 17.44 32.09 -11.51
N GLU A 350 17.34 30.78 -11.68
CA GLU A 350 16.05 30.07 -11.73
C GLU A 350 15.27 30.23 -10.44
N ALA A 351 15.98 30.18 -9.31
CA ALA A 351 15.35 30.34 -8.00
C ALA A 351 14.88 31.78 -7.80
N HIS A 352 15.75 32.75 -8.10
CA HIS A 352 15.37 34.17 -8.00
C HIS A 352 14.09 34.46 -8.77
N GLU A 353 13.98 33.91 -9.98
CA GLU A 353 12.79 34.06 -10.81
C GLU A 353 11.57 33.43 -10.14
N LEU A 354 11.74 32.24 -9.56
CA LEU A 354 10.66 31.57 -8.82
C LEU A 354 10.08 32.49 -7.75
N LEU A 355 10.96 33.11 -6.98
CA LEU A 355 10.54 34.04 -5.93
C LEU A 355 9.86 35.26 -6.52
N GLU A 356 10.43 35.81 -7.60
CA GLU A 356 9.86 37.01 -8.23
C GLU A 356 8.48 36.77 -8.80
N ALA A 357 8.24 35.54 -9.27
CA ALA A 357 6.91 35.13 -9.74
C ALA A 357 5.94 35.01 -8.58
N VAL A 358 6.38 34.42 -7.47
CA VAL A 358 5.55 34.33 -6.27
C VAL A 358 5.23 35.71 -5.71
N LYS A 359 6.22 36.61 -5.73
CA LYS A 359 6.02 37.97 -5.25
C LYS A 359 4.94 38.72 -6.03
N SER A 360 4.90 38.49 -7.35
CA SER A 360 3.98 39.20 -8.23
C SER A 360 2.51 38.87 -7.93
N TYR A 361 2.24 37.70 -7.40
CA TYR A 361 0.86 37.31 -7.10
C TYR A 361 0.29 38.10 -5.91
N ARG A 362 1.16 38.71 -5.12
CA ARG A 362 0.74 39.37 -3.88
C ARG A 362 0.01 40.71 -4.09
N LYS A 363 0.05 41.25 -5.31
CA LYS A 363 -0.64 42.51 -5.60
C LYS A 363 -2.16 42.36 -5.84
N ASP A 364 -2.74 41.29 -5.31
CA ASP A 364 -4.20 41.11 -5.25
C ASP A 364 -4.61 40.70 -3.83
N GLY A 365 -4.57 41.65 -2.91
CA GLY A 365 -4.91 41.41 -1.50
C GLY A 365 -5.77 42.51 -0.90
N ALA A 366 -6.50 42.17 0.16
CA ALA A 366 -7.37 43.11 0.88
C ALA A 366 -8.44 43.71 -0.03
N THR A 373 -17.46 32.63 -8.60
CA THR A 373 -17.56 31.78 -9.79
C THR A 373 -18.88 32.00 -10.54
N ALA A 374 -18.84 31.82 -11.86
CA ALA A 374 -20.02 32.04 -12.70
C ALA A 374 -20.99 30.85 -12.65
N LEU A 375 -22.27 31.14 -12.82
CA LEU A 375 -23.30 30.10 -12.81
C LEU A 375 -23.36 29.37 -14.17
N PRO A 376 -23.49 28.04 -14.16
CA PRO A 376 -23.63 27.27 -15.40
C PRO A 376 -24.81 27.71 -16.27
N ALA A 377 -24.64 27.60 -17.59
CA ALA A 377 -25.66 28.03 -18.54
C ALA A 377 -26.87 27.11 -18.50
N ALA A 378 -28.06 27.70 -18.63
CA ALA A 378 -29.30 26.93 -18.71
C ALA A 378 -29.34 26.09 -19.99
N PRO A 379 -30.24 25.08 -20.04
CA PRO A 379 -30.38 24.30 -21.27
C PRO A 379 -31.21 25.04 -22.32
N ALA A 380 -30.86 24.84 -23.58
CA ALA A 380 -31.57 25.48 -24.69
C ALA A 380 -33.02 25.01 -24.74
N LYS A 381 -33.23 23.70 -24.58
CA LYS A 381 -34.58 23.11 -24.63
C LYS A 381 -34.79 22.16 -23.45
N PRO A 382 -36.05 22.01 -23.00
CA PRO A 382 -36.41 21.28 -21.78
C PRO A 382 -35.67 19.96 -21.55
N HIS A 383 -35.27 19.72 -20.31
CA HIS A 383 -34.59 18.50 -19.93
C HIS A 383 -34.96 18.11 -18.49
N ALA A 384 -35.69 17.00 -18.36
CA ALA A 384 -36.14 16.52 -17.07
C ALA A 384 -35.14 15.51 -16.55
N CYS A 385 -35.00 15.46 -15.24
CA CYS A 385 -34.11 14.51 -14.61
C CYS A 385 -34.85 13.80 -13.49
N MSE A 386 -34.50 12.54 -13.26
CA MSE A 386 -35.19 11.70 -12.28
C MSE A 386 -34.23 10.67 -11.72
O MSE A 386 -33.40 10.13 -12.46
CB MSE A 386 -36.36 10.99 -12.97
CG MSE A 386 -37.21 10.14 -12.05
SE MSE A 386 -38.87 9.52 -12.88
CE MSE A 386 -38.13 8.51 -14.39
N TRP A 387 -34.32 10.41 -10.42
CA TRP A 387 -33.43 9.46 -9.76
C TRP A 387 -34.15 8.17 -9.39
N MSE A 388 -33.65 7.05 -9.92
CA MSE A 388 -34.15 5.73 -9.57
C MSE A 388 -34.00 5.54 -8.07
O MSE A 388 -32.94 5.80 -7.52
CB MSE A 388 -33.37 4.65 -10.31
CG MSE A 388 -33.91 3.24 -10.12
SE MSE A 388 -35.50 2.87 -11.18
CE MSE A 388 -36.45 1.72 -9.94
N PRO A 389 -35.09 5.10 -7.39
CA PRO A 389 -34.99 4.87 -5.95
C PRO A 389 -34.04 3.71 -5.63
N ALA A 390 -33.15 3.93 -4.69
CA ALA A 390 -32.18 2.91 -4.25
C ALA A 390 -32.85 2.00 -3.23
N LEU A 391 -33.71 1.11 -3.71
CA LEU A 391 -34.48 0.22 -2.85
C LEU A 391 -34.35 -1.21 -3.33
N LEU A 392 -34.49 -2.13 -2.38
CA LEU A 392 -34.45 -3.56 -2.68
C LEU A 392 -35.73 -3.94 -3.41
N LYS A 393 -36.87 -3.50 -2.88
CA LYS A 393 -38.18 -3.70 -3.48
C LYS A 393 -38.89 -2.36 -3.68
N VAL A 394 -39.16 -2.02 -4.93
CA VAL A 394 -39.77 -0.74 -5.29
C VAL A 394 -41.28 -0.93 -5.46
N PRO A 395 -42.10 -0.12 -4.74
CA PRO A 395 -43.56 -0.21 -4.85
C PRO A 395 -44.07 0.01 -6.26
N LEU A 396 -45.15 -0.67 -6.62
CA LEU A 396 -45.77 -0.51 -7.93
C LEU A 396 -46.40 0.87 -8.05
N ASP A 397 -46.92 1.36 -6.93
CA ASP A 397 -47.49 2.71 -6.87
C ASP A 397 -46.47 3.78 -7.29
N VAL A 398 -45.22 3.62 -6.86
CA VAL A 398 -44.16 4.59 -7.18
C VAL A 398 -43.71 4.45 -8.63
N ALA A 399 -43.57 3.22 -9.11
CA ALA A 399 -43.14 2.94 -10.48
C ALA A 399 -44.11 3.50 -11.51
N GLU A 400 -45.41 3.35 -11.24
CA GLU A 400 -46.45 3.86 -12.15
C GLU A 400 -46.50 5.38 -12.10
N GLY A 401 -46.18 5.96 -10.96
CA GLY A 401 -46.03 7.41 -10.84
C GLY A 401 -44.90 7.95 -11.69
N MSE A 402 -43.78 7.23 -11.74
CA MSE A 402 -42.62 7.63 -12.54
C MSE A 402 -42.90 7.55 -14.03
O MSE A 402 -42.50 8.42 -14.79
CB MSE A 402 -41.41 6.77 -12.20
CG MSE A 402 -40.83 6.99 -10.82
SE MSE A 402 -39.50 5.67 -10.33
CE MSE A 402 -38.05 6.25 -11.49
N ILE A 403 -43.59 6.48 -14.44
CA ILE A 403 -43.93 6.28 -15.84
C ILE A 403 -44.84 7.38 -16.37
N LYS A 404 -45.90 7.69 -15.64
CA LYS A 404 -46.84 8.73 -16.03
C LYS A 404 -46.17 10.10 -16.12
N VAL A 405 -45.36 10.44 -15.13
CA VAL A 405 -44.69 11.75 -15.11
C VAL A 405 -43.73 11.90 -16.28
N THR A 406 -43.15 10.79 -16.73
CA THR A 406 -42.28 10.80 -17.89
C THR A 406 -43.09 11.05 -19.17
N LYS A 407 -44.15 10.27 -19.35
CA LYS A 407 -45.06 10.44 -20.50
C LYS A 407 -45.67 11.83 -20.53
N ASP A 408 -46.06 12.32 -19.35
CA ASP A 408 -46.66 13.65 -19.23
C ASP A 408 -45.67 14.76 -19.57
N PHE A 409 -44.39 14.55 -19.28
CA PHE A 409 -43.34 15.52 -19.60
C PHE A 409 -42.99 15.52 -21.08
N ILE A 410 -42.84 14.33 -21.65
CA ILE A 410 -42.46 14.19 -23.07
C ILE A 410 -43.54 14.76 -23.99
N ALA A 411 -44.81 14.55 -23.64
CA ALA A 411 -45.93 15.13 -24.38
C ALA A 411 -45.91 16.65 -24.24
N ALA A 412 -45.94 17.14 -22.99
CA ALA A 412 -46.00 18.58 -22.71
C ALA A 412 -44.79 19.36 -23.23
N HIS A 413 -43.67 18.68 -23.44
CA HIS A 413 -42.46 19.29 -24.02
C HIS A 413 -41.87 18.31 -25.05
N PRO A 414 -42.49 18.22 -26.23
CA PRO A 414 -42.18 17.18 -27.23
C PRO A 414 -40.77 17.25 -27.83
N GLU A 415 -40.11 18.40 -27.69
CA GLU A 415 -38.74 18.59 -28.15
C GLU A 415 -37.73 18.44 -27.00
N GLY A 416 -38.23 18.18 -25.78
CA GLY A 416 -37.41 18.02 -24.60
C GLY A 416 -36.92 16.59 -24.40
N THR A 417 -36.17 16.38 -23.32
CA THR A 417 -35.54 15.09 -23.01
C THR A 417 -35.78 14.70 -21.55
N VAL A 418 -35.79 13.40 -21.29
CA VAL A 418 -35.95 12.89 -19.92
C VAL A 418 -34.80 11.94 -19.61
N THR A 419 -34.11 12.18 -18.49
CA THR A 419 -33.00 11.34 -18.07
C THR A 419 -33.29 10.68 -16.72
N LEU A 420 -33.23 9.35 -16.69
CA LEU A 420 -33.32 8.60 -15.45
C LEU A 420 -31.90 8.27 -14.97
N VAL A 421 -31.53 8.79 -13.79
CA VAL A 421 -30.18 8.61 -13.26
C VAL A 421 -30.18 7.52 -12.19
N LEU A 422 -29.42 6.45 -12.43
CA LEU A 422 -29.23 5.41 -11.42
C LEU A 422 -28.13 5.87 -10.47
N PRO A 423 -28.48 6.15 -9.21
CA PRO A 423 -27.54 6.77 -8.30
C PRO A 423 -26.60 5.76 -7.66
N ASP A 424 -25.72 5.14 -8.46
CA ASP A 424 -24.83 4.09 -7.94
C ASP A 424 -23.62 4.61 -7.17
N TRP A 425 -23.45 5.93 -7.12
CA TRP A 425 -22.46 6.58 -6.24
C TRP A 425 -23.16 7.21 -5.03
N SER A 426 -24.19 8.02 -5.29
CA SER A 426 -24.97 8.68 -4.23
C SER A 426 -25.47 7.71 -3.17
N ALA A 427 -26.16 6.67 -3.61
CA ALA A 427 -26.82 5.75 -2.69
C ALA A 427 -25.83 5.00 -1.81
N VAL A 428 -24.64 4.68 -2.31
CA VAL A 428 -23.64 4.04 -1.44
C VAL A 428 -23.16 5.04 -0.39
N ALA A 429 -23.00 6.29 -0.76
CA ALA A 429 -22.65 7.32 0.22
C ALA A 429 -23.70 7.41 1.33
N SER A 430 -24.98 7.43 0.95
CA SER A 430 -26.11 7.50 1.90
C SER A 430 -26.29 6.28 2.79
N ASP A 431 -25.64 5.17 2.43
CA ASP A 431 -25.78 3.91 3.16
C ASP A 431 -27.17 3.29 2.95
N GLU A 432 -27.69 3.42 1.74
CA GLU A 432 -28.95 2.79 1.36
C GLU A 432 -28.72 1.29 1.23
N ILE A 433 -29.79 0.53 1.44
CA ILE A 433 -29.73 -0.93 1.41
C ILE A 433 -28.61 -1.43 2.34
N THR A 434 -27.65 -2.19 1.83
CA THR A 434 -26.57 -2.74 2.64
C THR A 434 -25.33 -1.85 2.61
N GLY A 435 -25.32 -0.83 1.77
CA GLY A 435 -24.18 0.08 1.65
C GLY A 435 -23.03 -0.46 0.81
N VAL A 436 -23.23 -1.58 0.14
CA VAL A 436 -22.21 -2.22 -0.68
C VAL A 436 -22.43 -1.87 -2.15
N GLU A 437 -21.37 -1.48 -2.86
CA GLU A 437 -21.46 -1.10 -4.28
C GLU A 437 -22.22 -2.12 -5.10
N LYS A 438 -21.81 -3.38 -5.00
CA LYS A 438 -22.39 -4.46 -5.79
C LYS A 438 -23.89 -4.61 -5.55
N ASP A 439 -24.30 -4.48 -4.29
CA ASP A 439 -25.70 -4.67 -3.93
C ASP A 439 -26.58 -3.54 -4.44
N ILE A 440 -26.08 -2.31 -4.35
CA ILE A 440 -26.83 -1.13 -4.81
C ILE A 440 -26.85 -1.06 -6.34
N SER A 441 -25.74 -1.42 -7.00
CA SER A 441 -25.70 -1.48 -8.46
C SER A 441 -26.73 -2.48 -8.97
N ALA A 442 -26.74 -3.67 -8.37
CA ALA A 442 -27.67 -4.72 -8.75
C ALA A 442 -29.12 -4.31 -8.55
N ALA A 443 -29.41 -3.68 -7.42
CA ALA A 443 -30.76 -3.22 -7.11
C ALA A 443 -31.23 -2.20 -8.14
N LEU A 444 -30.41 -1.19 -8.39
CA LEU A 444 -30.72 -0.15 -9.38
C LEU A 444 -30.86 -0.73 -10.78
N GLN A 445 -29.98 -1.67 -11.13
CA GLN A 445 -30.00 -2.28 -12.46
C GLN A 445 -31.23 -3.16 -12.68
N VAL A 446 -31.58 -3.95 -11.66
CA VAL A 446 -32.74 -4.82 -11.73
C VAL A 446 -34.04 -3.99 -11.78
N ASN A 447 -34.22 -3.11 -10.81
CA ASN A 447 -35.43 -2.29 -10.73
C ASN A 447 -35.61 -1.36 -11.94
N CYS A 448 -34.52 -0.99 -12.60
CA CYS A 448 -34.61 -0.17 -13.81
C CYS A 448 -35.14 -0.97 -14.99
N ALA A 449 -34.60 -2.17 -15.18
CA ALA A 449 -35.07 -3.07 -16.24
C ALA A 449 -36.55 -3.40 -16.06
N LEU A 450 -36.95 -3.63 -14.82
CA LEU A 450 -38.33 -3.94 -14.50
C LEU A 450 -39.25 -2.74 -14.72
N LEU A 451 -38.77 -1.54 -14.42
CA LEU A 451 -39.53 -0.32 -14.65
C LEU A 451 -39.84 -0.14 -16.14
N LYS A 452 -38.89 -0.52 -16.99
CA LYS A 452 -39.09 -0.49 -18.44
C LYS A 452 -40.05 -1.58 -18.90
N ALA A 453 -40.04 -2.70 -18.20
CA ALA A 453 -40.96 -3.80 -18.47
C ALA A 453 -42.39 -3.47 -18.12
N TYR A 454 -42.59 -2.53 -17.19
CA TYR A 454 -43.94 -2.08 -16.79
C TYR A 454 -44.43 -0.89 -17.61
N GLY A 455 -43.56 -0.34 -18.45
CA GLY A 455 -43.98 0.64 -19.46
C GLY A 455 -43.27 1.97 -19.45
N LEU A 456 -42.03 2.02 -18.96
CA LEU A 456 -41.25 3.25 -19.06
C LEU A 456 -40.97 3.51 -20.53
N PRO A 457 -41.20 4.75 -21.00
CA PRO A 457 -40.89 5.06 -22.39
C PRO A 457 -39.44 4.78 -22.76
N SER A 458 -39.21 4.45 -24.04
CA SER A 458 -37.87 4.22 -24.56
C SER A 458 -37.12 5.53 -24.82
N SER A 459 -37.85 6.64 -24.88
CA SER A 459 -37.25 7.96 -25.05
C SER A 459 -36.32 8.32 -23.88
N VAL A 460 -36.60 7.76 -22.71
CA VAL A 460 -35.87 8.10 -21.50
C VAL A 460 -34.43 7.65 -21.58
N LYS A 461 -33.51 8.58 -21.33
CA LYS A 461 -32.09 8.29 -21.29
C LYS A 461 -31.70 7.75 -19.92
N ILE A 462 -31.21 6.52 -19.90
CA ILE A 462 -30.81 5.85 -18.68
C ILE A 462 -29.31 5.97 -18.48
N VAL A 463 -28.90 6.75 -17.50
CA VAL A 463 -27.48 6.96 -17.25
C VAL A 463 -27.17 6.76 -15.78
N THR A 464 -26.03 6.13 -15.50
CA THR A 464 -25.58 5.94 -14.11
C THR A 464 -24.73 7.12 -13.70
N GLU A 465 -24.62 7.34 -12.40
CA GLU A 465 -23.71 8.33 -11.89
C GLU A 465 -22.29 7.95 -12.25
N ASN A 466 -21.97 6.67 -12.14
CA ASN A 466 -20.62 6.22 -12.51
C ASN A 466 -20.21 6.78 -13.85
N GLU A 467 -21.13 6.70 -14.81
CA GLU A 467 -20.90 7.19 -16.15
C GLU A 467 -20.76 8.70 -16.18
N VAL A 468 -21.68 9.39 -15.51
CA VAL A 468 -21.70 10.84 -15.52
C VAL A 468 -20.48 11.43 -14.82
N ILE A 469 -20.17 10.91 -13.64
CA ILE A 469 -19.07 11.40 -12.83
C ILE A 469 -17.72 11.16 -13.49
N LEU A 470 -17.47 9.93 -13.95
CA LEU A 470 -16.20 9.62 -14.60
C LEU A 470 -16.06 10.36 -15.93
N GLY A 471 -17.17 10.49 -16.66
CA GLY A 471 -17.22 11.23 -17.93
C GLY A 471 -16.60 12.62 -17.88
N ASN A 472 -16.80 13.34 -16.78
CA ASN A 472 -16.23 14.68 -16.60
C ASN A 472 -15.89 14.88 -15.12
N CYS A 473 -14.93 14.11 -14.65
CA CYS A 473 -14.71 13.92 -13.21
C CYS A 473 -14.20 15.16 -12.47
N ASP A 474 -13.17 15.78 -13.00
CA ASP A 474 -12.55 16.92 -12.33
C ASP A 474 -13.62 17.99 -12.06
N ASP A 475 -14.32 18.40 -13.12
CA ASP A 475 -15.35 19.42 -13.03
C ASP A 475 -16.42 19.05 -12.04
N PHE A 476 -16.80 17.77 -12.04
CA PHE A 476 -17.89 17.30 -11.20
C PHE A 476 -17.66 17.63 -9.72
N TRP A 477 -16.52 17.19 -9.20
CA TRP A 477 -16.23 17.37 -7.77
C TRP A 477 -15.94 18.81 -7.42
N VAL A 478 -15.47 19.58 -8.38
CA VAL A 478 -15.33 21.02 -8.20
C VAL A 478 -16.70 21.63 -7.85
N SER A 479 -17.72 21.29 -8.62
CA SER A 479 -19.04 21.86 -8.36
C SER A 479 -19.65 21.27 -7.09
N VAL A 480 -19.35 20.02 -6.78
CA VAL A 480 -19.83 19.42 -5.55
C VAL A 480 -19.33 20.25 -4.36
N ILE A 481 -18.04 20.58 -4.37
CA ILE A 481 -17.43 21.41 -3.34
C ILE A 481 -17.90 22.88 -3.45
N GLY A 482 -17.96 23.39 -4.68
CA GLY A 482 -18.41 24.76 -4.94
C GLY A 482 -19.78 25.02 -4.37
N ILE A 483 -20.68 24.05 -4.57
CA ILE A 483 -22.01 24.09 -3.96
C ILE A 483 -21.87 24.00 -2.45
N ALA A 484 -21.00 23.11 -2.01
CA ALA A 484 -20.75 22.89 -0.59
C ALA A 484 -20.35 24.18 0.13
N ARG A 485 -19.47 24.97 -0.49
CA ARG A 485 -19.01 26.23 0.10
C ARG A 485 -20.11 27.28 0.25
N LYS A 486 -21.06 27.30 -0.69
CA LYS A 486 -22.12 28.30 -0.69
C LYS A 486 -23.29 27.99 0.25
N ASN A 487 -23.34 26.79 0.82
CA ASN A 487 -24.46 26.39 1.66
C ASN A 487 -24.04 25.88 3.04
N LEU A 488 -24.78 26.30 4.06
CA LEU A 488 -24.50 25.91 5.44
C LEU A 488 -24.85 24.44 5.65
N LEU A 489 -24.18 23.81 6.61
CA LEU A 489 -24.43 22.40 6.90
C LEU A 489 -25.87 22.19 7.32
N SER A 490 -26.34 23.03 8.26
CA SER A 490 -27.70 22.97 8.75
C SER A 490 -28.73 23.11 7.62
N HIS A 491 -28.39 23.92 6.62
CA HIS A 491 -29.26 24.11 5.46
C HIS A 491 -29.47 22.81 4.69
N VAL A 492 -28.41 22.03 4.54
CA VAL A 492 -28.49 20.76 3.84
C VAL A 492 -29.20 19.71 4.69
N GLU A 493 -29.09 19.83 6.01
CA GLU A 493 -29.77 18.91 6.92
C GLU A 493 -31.28 19.15 6.97
N GLU A 494 -31.72 20.37 6.63
CA GLU A 494 -33.15 20.66 6.53
C GLU A 494 -33.82 19.79 5.48
N LEU A 495 -33.06 19.43 4.44
CA LEU A 495 -33.59 18.61 3.34
C LEU A 495 -33.94 17.20 3.79
N TYR A 496 -33.26 16.71 4.83
CA TYR A 496 -33.55 15.40 5.38
C TYR A 496 -34.43 15.50 6.64
N GLY A 497 -35.05 16.67 6.82
CA GLY A 497 -35.94 16.91 7.95
C GLY A 497 -35.24 17.34 9.23
N GLY A 498 -34.09 17.98 9.09
CA GLY A 498 -33.33 18.48 10.23
C GLY A 498 -32.25 17.56 10.78
N GLU A 499 -32.21 16.31 10.32
CA GLU A 499 -31.22 15.34 10.78
C GLU A 499 -30.73 14.41 9.68
N VAL A 500 -29.42 14.10 9.73
CA VAL A 500 -28.83 13.11 8.85
C VAL A 500 -28.33 11.89 9.64
N ARG A 501 -28.39 10.74 8.99
CA ARG A 501 -28.02 9.46 9.57
C ARG A 501 -26.51 9.28 9.59
N ASN A 502 -25.87 9.72 8.52
CA ASN A 502 -24.42 9.73 8.39
C ASN A 502 -24.00 10.96 7.58
N ALA A 503 -22.69 11.16 7.43
CA ALA A 503 -22.18 12.31 6.70
C ALA A 503 -22.42 12.17 5.19
N GLY A 504 -22.52 10.93 4.72
CA GLY A 504 -22.72 10.68 3.31
C GLY A 504 -24.00 11.24 2.74
N GLN A 505 -25.03 11.33 3.57
CA GLN A 505 -26.31 11.92 3.13
C GLN A 505 -26.09 13.37 2.72
N VAL A 506 -25.19 14.06 3.43
CA VAL A 506 -24.86 15.43 3.10
C VAL A 506 -24.22 15.50 1.71
N ILE A 507 -23.30 14.58 1.42
CA ILE A 507 -22.66 14.52 0.11
C ILE A 507 -23.67 14.18 -0.98
N ALA A 508 -24.48 13.15 -0.74
CA ALA A 508 -25.48 12.72 -1.73
C ALA A 508 -26.34 13.89 -2.19
N ALA A 509 -26.77 14.71 -1.24
CA ALA A 509 -27.54 15.91 -1.56
C ALA A 509 -26.78 16.80 -2.54
N LEU A 510 -25.53 17.09 -2.24
CA LEU A 510 -24.68 17.95 -3.09
C LEU A 510 -24.49 17.35 -4.48
N MSE A 511 -24.30 16.04 -4.52
CA MSE A 511 -24.06 15.35 -5.78
C MSE A 511 -25.25 15.46 -6.72
O MSE A 511 -25.09 15.65 -7.93
CB MSE A 511 -23.74 13.88 -5.52
CG MSE A 511 -22.39 13.70 -4.87
SE MSE A 511 -22.08 11.84 -4.42
CE MSE A 511 -21.97 11.14 -6.24
N ARG A 512 -26.47 15.35 -6.17
CA ARG A 512 -27.68 15.44 -6.99
C ARG A 512 -27.78 16.78 -7.70
N VAL A 513 -27.55 17.87 -6.97
CA VAL A 513 -27.51 19.20 -7.58
C VAL A 513 -26.39 19.26 -8.62
N ALA A 514 -25.22 18.73 -8.26
CA ALA A 514 -24.08 18.69 -9.19
C ALA A 514 -24.42 17.91 -10.46
N THR A 515 -25.20 16.84 -10.32
CA THR A 515 -25.64 16.03 -11.45
C THR A 515 -26.63 16.79 -12.32
N ALA A 516 -27.59 17.42 -11.66
CA ALA A 516 -28.58 18.25 -12.34
C ALA A 516 -27.87 19.29 -13.19
N LEU A 517 -26.90 19.97 -12.60
CA LEU A 517 -26.19 21.05 -13.30
C LEU A 517 -25.36 20.56 -14.47
N MSE A 518 -24.69 19.41 -14.32
CA MSE A 518 -23.83 18.89 -15.38
C MSE A 518 -24.60 18.31 -16.53
O MSE A 518 -24.19 18.44 -17.68
CB MSE A 518 -22.86 17.85 -14.83
CG MSE A 518 -21.43 18.34 -14.81
SE MSE A 518 -20.22 16.84 -14.81
CE MSE A 518 -20.72 16.00 -16.51
N LEU A 519 -25.72 17.67 -16.22
CA LEU A 519 -26.63 17.20 -17.25
C LEU A 519 -27.40 18.37 -17.89
N SER A 520 -27.23 19.58 -17.34
CA SER A 520 -27.92 20.79 -17.78
C SER A 520 -29.42 20.54 -17.88
N VAL A 521 -30.05 20.53 -16.71
CA VAL A 521 -31.43 20.11 -16.53
C VAL A 521 -32.31 21.32 -16.25
N SER A 522 -33.52 21.32 -16.80
CA SER A 522 -34.50 22.37 -16.55
C SER A 522 -35.50 21.98 -15.47
N HIS A 523 -35.80 20.69 -15.36
CA HIS A 523 -36.77 20.18 -14.39
C HIS A 523 -36.20 19.02 -13.59
N VAL A 524 -36.56 18.92 -12.30
CA VAL A 524 -36.22 17.75 -11.49
C VAL A 524 -37.46 17.02 -11.01
N ILE A 525 -37.62 15.78 -11.47
CA ILE A 525 -38.73 14.91 -11.06
C ILE A 525 -38.41 14.26 -9.72
N SER A 526 -39.30 14.45 -8.75
CA SER A 526 -39.14 13.86 -7.44
C SER A 526 -40.25 12.85 -7.19
N THR A 527 -39.93 11.76 -6.52
CA THR A 527 -40.93 10.81 -6.03
C THR A 527 -41.10 10.98 -4.52
N SER A 528 -42.00 10.21 -3.92
CA SER A 528 -42.24 10.29 -2.48
C SER A 528 -40.99 9.85 -1.71
N LEU A 529 -40.18 9.00 -2.32
CA LEU A 529 -38.95 8.51 -1.72
C LEU A 529 -37.81 9.54 -1.78
N ASP A 530 -37.80 10.35 -2.84
CA ASP A 530 -36.78 11.40 -2.99
C ASP A 530 -36.94 12.49 -1.93
N GLY A 531 -38.18 12.74 -1.52
CA GLY A 531 -38.47 13.72 -0.49
C GLY A 531 -38.13 15.13 -0.92
N HIS A 532 -37.62 15.92 0.01
CA HIS A 532 -37.23 17.30 -0.26
C HIS A 532 -35.80 17.42 -0.78
N ILE A 533 -35.13 16.30 -1.03
CA ILE A 533 -33.72 16.30 -1.43
C ILE A 533 -33.50 17.02 -2.77
N ASN A 534 -34.42 16.80 -3.71
CA ASN A 534 -34.33 17.39 -5.03
C ASN A 534 -34.68 18.87 -5.06
N ALA A 535 -35.41 19.34 -4.05
CA ALA A 535 -35.75 20.76 -3.92
C ALA A 535 -34.50 21.63 -3.74
N PHE A 536 -33.38 21.00 -3.41
CA PHE A 536 -32.11 21.68 -3.27
C PHE A 536 -31.66 22.26 -4.61
N ALA A 537 -31.86 21.51 -5.68
CA ALA A 537 -31.48 21.97 -7.03
C ALA A 537 -32.24 23.23 -7.41
N ARG A 538 -33.52 23.28 -7.06
CA ARG A 538 -34.37 24.47 -7.23
C ARG A 538 -33.80 25.65 -6.44
N GLU A 539 -33.44 25.40 -5.19
CA GLU A 539 -32.97 26.45 -4.28
C GLU A 539 -31.63 27.04 -4.73
N TYR A 540 -30.71 26.17 -5.14
CA TYR A 540 -29.36 26.58 -5.50
C TYR A 540 -29.32 27.38 -6.80
N THR A 541 -30.20 27.04 -7.74
CA THR A 541 -30.23 27.71 -9.04
C THR A 541 -31.13 28.96 -9.03
N LYS A 542 -31.54 29.41 -7.84
CA LYS A 542 -32.37 30.59 -7.68
C LYS A 542 -33.68 30.45 -8.43
N GLU A 543 -34.47 29.45 -8.03
CA GLU A 543 -35.77 29.17 -8.63
C GLU A 543 -35.75 29.11 -10.17
N ARG A 544 -34.64 28.65 -10.75
CA ARG A 544 -34.56 28.47 -12.21
C ARG A 544 -35.01 27.08 -12.63
N ILE A 545 -34.57 26.07 -11.88
CA ILE A 545 -34.98 24.68 -12.13
C ILE A 545 -36.32 24.42 -11.46
N ASP A 546 -37.31 24.03 -12.24
CA ASP A 546 -38.65 23.76 -11.70
C ASP A 546 -38.73 22.35 -11.14
N CYS A 547 -39.57 22.17 -10.12
CA CYS A 547 -39.77 20.86 -9.50
C CYS A 547 -41.10 20.24 -9.91
N VAL A 548 -41.03 19.09 -10.55
CA VAL A 548 -42.20 18.29 -10.89
C VAL A 548 -42.28 17.16 -9.88
N GLN A 549 -43.43 17.03 -9.21
CA GLN A 549 -43.63 15.94 -8.24
C GLN A 549 -44.35 14.78 -8.92
N THR A 550 -44.04 13.56 -8.48
CA THR A 550 -44.66 12.37 -9.05
C THR A 550 -46.09 12.24 -8.56
N LEU A 551 -46.89 11.44 -9.24
CA LEU A 551 -48.30 11.25 -8.89
C LEU A 551 -48.53 9.86 -8.27
N GLU A 552 -48.73 9.83 -6.95
CA GLU A 552 -48.86 8.57 -6.21
C GLU A 552 -50.17 8.52 -5.41
N GLY A 553 -50.35 7.45 -4.65
CA GLY A 553 -51.56 7.28 -3.84
C GLY A 553 -52.69 6.74 -4.70
N ARG A 554 -52.37 5.84 -5.61
CA ARG A 554 -53.35 5.22 -6.48
C ARG A 554 -53.44 3.69 -6.28
N ILE A 555 -52.32 3.06 -5.92
CA ILE A 555 -52.31 1.64 -5.57
C ILE A 555 -51.92 1.49 -4.10
N PRO A 556 -52.92 1.27 -3.21
CA PRO A 556 -52.67 1.34 -1.78
C PRO A 556 -52.27 0.01 -1.19
N ALA A 557 -51.88 0.03 0.09
CA ALA A 557 -51.55 -1.17 0.82
C ALA A 557 -52.79 -2.05 0.93
N LEU A 558 -52.58 -3.37 0.92
CA LEU A 558 -53.68 -4.33 0.82
C LEU A 558 -54.21 -4.82 2.18
N HIS A 559 -53.64 -4.31 3.28
CA HIS A 559 -54.19 -4.59 4.61
C HIS A 559 -55.44 -3.72 4.82
N ARG A 560 -56.23 -4.06 5.84
CA ARG A 560 -57.41 -3.26 6.19
C ARG A 560 -56.98 -1.93 6.81
N PRO A 561 -57.80 -0.87 6.66
CA PRO A 561 -57.48 0.41 7.30
C PRO A 561 -57.33 0.31 8.84
N GLY A 562 -56.52 1.20 9.41
CA GLY A 562 -56.29 1.23 10.86
C GLY A 562 -55.69 2.53 11.34
N GLY A 569 -40.60 -1.87 4.41
CA GLY A 569 -41.18 -2.54 3.25
C GLY A 569 -41.81 -3.89 3.58
N ALA A 570 -43.05 -3.86 4.06
CA ALA A 570 -43.76 -5.07 4.49
C ALA A 570 -44.22 -5.93 3.32
N ASP A 571 -45.01 -6.97 3.61
CA ASP A 571 -45.46 -7.91 2.58
C ASP A 571 -46.96 -7.80 2.26
N ASP A 572 -47.46 -6.57 2.17
CA ASP A 572 -48.84 -6.35 1.75
C ASP A 572 -48.96 -5.15 0.81
N VAL A 573 -47.89 -4.89 0.07
CA VAL A 573 -47.87 -3.82 -0.93
C VAL A 573 -47.18 -4.37 -2.17
N LEU A 574 -47.76 -4.08 -3.33
CA LEU A 574 -47.30 -4.66 -4.59
C LEU A 574 -46.01 -4.01 -5.06
N TYR A 575 -44.99 -4.82 -5.27
CA TYR A 575 -43.68 -4.36 -5.74
C TYR A 575 -43.49 -4.77 -7.18
N LEU A 576 -42.57 -4.11 -7.89
CA LEU A 576 -42.36 -4.40 -9.31
C LEU A 576 -41.39 -5.55 -9.56
N ASP A 577 -41.05 -6.30 -8.51
CA ASP A 577 -40.27 -7.54 -8.67
C ASP A 577 -41.03 -8.76 -8.14
N ASP A 578 -42.35 -8.64 -8.06
CA ASP A 578 -43.20 -9.76 -7.66
C ASP A 578 -43.35 -10.73 -8.82
N ASN A 579 -43.07 -12.01 -8.57
CA ASN A 579 -43.30 -13.03 -9.59
C ASN A 579 -44.75 -13.51 -9.55
N ASP A 580 -45.13 -14.42 -10.45
CA ASP A 580 -46.53 -14.84 -10.59
C ASP A 580 -47.08 -15.47 -9.31
N MSE A 581 -46.21 -16.13 -8.56
CA MSE A 581 -46.59 -16.78 -7.32
C MSE A 581 -46.75 -15.76 -6.20
O MSE A 581 -47.59 -15.93 -5.32
CB MSE A 581 -45.54 -17.81 -6.94
CG MSE A 581 -46.00 -18.83 -5.93
SE MSE A 581 -44.50 -19.85 -5.20
CE MSE A 581 -43.42 -18.38 -4.49
N ASP A 582 -45.94 -14.69 -6.22
CA ASP A 582 -46.03 -13.63 -5.22
C ASP A 582 -47.32 -12.84 -5.35
N ILE A 583 -47.68 -12.49 -6.58
CA ILE A 583 -48.90 -11.74 -6.85
C ILE A 583 -50.14 -12.49 -6.36
N ARG A 584 -50.22 -13.78 -6.68
CA ARG A 584 -51.33 -14.62 -6.23
C ARG A 584 -51.50 -14.59 -4.72
N ARG A 585 -50.39 -14.63 -3.99
CA ARG A 585 -50.42 -14.61 -2.53
C ARG A 585 -50.96 -13.29 -2.01
N LYS A 586 -50.35 -12.19 -2.44
CA LYS A 586 -50.68 -10.86 -1.89
C LYS A 586 -52.13 -10.44 -2.12
N ILE A 587 -52.69 -10.81 -3.27
CA ILE A 587 -54.10 -10.55 -3.56
C ILE A 587 -54.98 -11.36 -2.62
N LYS A 588 -54.60 -12.61 -2.39
CA LYS A 588 -55.37 -13.52 -1.54
C LYS A 588 -55.61 -12.96 -0.14
N LYS A 589 -54.61 -12.28 0.42
CA LYS A 589 -54.71 -11.72 1.77
C LYS A 589 -55.24 -10.29 1.81
N ALA A 590 -55.62 -9.74 0.66
CA ALA A 590 -56.15 -8.38 0.60
C ALA A 590 -57.50 -8.29 1.30
N TYR A 591 -57.68 -7.26 2.11
CA TYR A 591 -58.91 -7.08 2.88
C TYR A 591 -60.06 -6.64 1.98
N SER A 592 -61.20 -7.33 2.12
CA SER A 592 -62.41 -6.98 1.39
C SER A 592 -63.62 -7.67 1.99
N ALA A 593 -64.42 -6.92 2.75
CA ALA A 593 -65.66 -7.43 3.31
C ALA A 593 -66.78 -7.26 2.29
N PRO A 594 -67.79 -8.14 2.31
CA PRO A 594 -68.91 -8.03 1.37
C PRO A 594 -69.82 -6.86 1.71
N ASN A 595 -70.56 -6.38 0.71
CA ASN A 595 -71.40 -5.19 0.87
C ASN A 595 -70.60 -4.03 1.44
N GLU A 596 -69.56 -3.66 0.72
CA GLU A 596 -68.65 -2.59 1.13
C GLU A 596 -68.26 -1.80 -0.12
N GLU A 597 -68.30 -0.47 -0.03
CA GLU A 597 -68.00 0.39 -1.18
C GLU A 597 -66.67 1.16 -1.05
N ALA A 598 -65.79 0.68 -0.17
CA ALA A 598 -64.48 1.31 0.02
C ALA A 598 -63.52 0.36 0.74
N ASN A 599 -62.62 -0.26 -0.03
CA ASN A 599 -61.57 -1.12 0.53
C ASN A 599 -60.44 -1.28 -0.48
N PRO A 600 -59.25 -1.69 -0.02
CA PRO A 600 -58.08 -1.84 -0.90
C PRO A 600 -58.34 -2.49 -2.26
N VAL A 601 -59.17 -3.53 -2.29
CA VAL A 601 -59.44 -4.25 -3.54
C VAL A 601 -60.22 -3.39 -4.53
N ILE A 602 -61.09 -2.52 -4.02
CA ILE A 602 -61.87 -1.62 -4.87
C ILE A 602 -60.97 -0.56 -5.49
N SER A 603 -60.09 0.02 -4.66
CA SER A 603 -59.18 1.08 -5.10
C SER A 603 -58.28 0.62 -6.24
N VAL A 604 -57.82 -0.63 -6.17
CA VAL A 604 -56.97 -1.21 -7.21
C VAL A 604 -57.76 -1.43 -8.50
N ALA A 605 -59.01 -1.84 -8.37
CA ALA A 605 -59.88 -2.10 -9.52
C ALA A 605 -60.20 -0.82 -10.27
N GLN A 606 -60.55 0.24 -9.54
CA GLN A 606 -60.86 1.53 -10.14
C GLN A 606 -59.66 2.14 -10.85
N HIS A 607 -58.46 1.85 -10.37
CA HIS A 607 -57.23 2.28 -11.03
C HIS A 607 -57.01 1.52 -12.34
N LEU A 608 -57.14 0.20 -12.29
CA LEU A 608 -57.04 -0.64 -13.48
C LEU A 608 -58.12 -0.30 -14.50
N LEU A 609 -59.33 -0.03 -14.00
CA LEU A 609 -60.45 0.42 -14.83
C LEU A 609 -60.11 1.72 -15.53
N ALA A 610 -59.63 2.69 -14.75
CA ALA A 610 -59.30 4.01 -15.26
C ALA A 610 -58.19 3.97 -16.31
N GLN A 611 -57.13 3.22 -16.03
CA GLN A 611 -56.01 3.07 -16.98
C GLN A 611 -56.46 2.40 -18.27
N HIS A 612 -57.31 1.39 -18.14
CA HIS A 612 -57.74 0.58 -19.28
C HIS A 612 -58.93 1.17 -20.03
N GLY A 613 -59.94 1.65 -19.30
CA GLY A 613 -61.16 2.19 -19.89
C GLY A 613 -62.37 1.32 -19.62
N ALA A 614 -62.11 0.12 -19.08
CA ALA A 614 -63.16 -0.80 -18.68
C ALA A 614 -62.58 -1.87 -17.77
N LEU A 615 -63.44 -2.47 -16.95
CA LEU A 615 -63.04 -3.58 -16.08
C LEU A 615 -64.04 -4.72 -16.24
N SER A 616 -63.67 -5.74 -17.00
CA SER A 616 -64.59 -6.85 -17.29
C SER A 616 -64.43 -8.00 -16.29
N ILE A 617 -65.48 -8.23 -15.50
CA ILE A 617 -65.54 -9.36 -14.57
C ILE A 617 -66.37 -10.48 -15.20
N GLU A 618 -65.82 -11.70 -15.19
CA GLU A 618 -66.47 -12.85 -15.81
C GLU A 618 -67.11 -13.77 -14.76
N ARG A 619 -68.38 -14.09 -14.97
CA ARG A 619 -69.14 -14.92 -14.03
C ARG A 619 -70.00 -15.97 -14.74
N GLY A 620 -70.38 -17.01 -14.00
CA GLY A 620 -71.34 -17.99 -14.49
C GLY A 620 -72.69 -17.31 -14.67
N GLU A 621 -73.40 -17.66 -15.74
CA GLU A 621 -74.73 -17.12 -15.98
C GLU A 621 -75.64 -17.56 -14.83
N ALA A 622 -76.43 -16.63 -14.30
CA ALA A 622 -77.22 -16.86 -13.08
C ALA A 622 -76.37 -16.87 -11.79
N ASN A 623 -75.06 -16.72 -11.94
CA ASN A 623 -74.17 -16.38 -10.83
C ASN A 623 -74.01 -14.85 -10.82
N GLY A 624 -74.95 -14.17 -11.48
CA GLY A 624 -74.85 -12.75 -11.80
C GLY A 624 -74.68 -12.55 -13.30
N GLY A 625 -73.86 -13.39 -13.91
CA GLY A 625 -73.54 -13.29 -15.34
C GLY A 625 -72.36 -12.35 -15.59
N ASN A 626 -71.89 -12.34 -16.82
CA ASN A 626 -70.76 -11.46 -17.20
C ASN A 626 -71.13 -9.98 -17.10
N VAL A 627 -70.15 -9.15 -16.80
CA VAL A 627 -70.38 -7.72 -16.61
C VAL A 627 -69.09 -6.92 -16.84
N SER A 628 -69.27 -5.68 -17.33
CA SER A 628 -68.19 -4.71 -17.46
C SER A 628 -68.56 -3.45 -16.71
N TYR A 629 -67.54 -2.70 -16.31
CA TYR A 629 -67.71 -1.39 -15.70
C TYR A 629 -66.78 -0.44 -16.42
N ASN A 630 -67.28 0.75 -16.76
CA ASN A 630 -66.45 1.79 -17.37
C ASN A 630 -66.56 3.11 -16.60
N THR A 631 -66.96 3.01 -15.33
CA THR A 631 -67.06 4.18 -14.45
C THR A 631 -66.91 3.72 -13.00
N PRO A 632 -66.28 4.56 -12.16
CA PRO A 632 -66.12 4.16 -10.76
C PRO A 632 -67.44 4.13 -9.99
N GLU A 633 -68.33 5.06 -10.30
CA GLU A 633 -69.65 5.12 -9.65
C GLU A 633 -70.45 3.83 -9.89
N ALA A 634 -70.33 3.28 -11.09
CA ALA A 634 -71.02 2.03 -11.45
C ALA A 634 -70.48 0.82 -10.70
N LEU A 635 -69.18 0.79 -10.45
CA LEU A 635 -68.56 -0.33 -9.76
C LEU A 635 -68.86 -0.31 -8.26
N VAL A 636 -68.72 0.85 -7.63
CA VAL A 636 -69.02 0.98 -6.19
C VAL A 636 -70.47 0.63 -5.87
N ALA A 637 -71.37 0.93 -6.80
CA ALA A 637 -72.79 0.58 -6.65
C ALA A 637 -72.97 -0.93 -6.46
N ASP A 638 -72.33 -1.72 -7.34
CA ASP A 638 -72.48 -3.18 -7.31
C ASP A 638 -71.71 -3.87 -6.18
N CYS A 639 -70.80 -3.14 -5.53
CA CYS A 639 -70.06 -3.69 -4.40
C CYS A 639 -70.81 -3.45 -3.09
N GLY A 640 -70.97 -2.18 -2.73
CA GLY A 640 -71.59 -1.80 -1.46
C GLY A 640 -73.02 -2.31 -1.33
N SER A 641 -73.80 -2.08 -2.39
CA SER A 641 -75.19 -2.52 -2.45
C SER A 641 -75.44 -3.28 -3.77
N GLY A 642 -74.95 -4.51 -3.85
CA GLY A 642 -75.10 -5.25 -5.10
C GLY A 642 -74.48 -6.64 -5.14
N ALA A 643 -74.51 -7.22 -6.33
CA ALA A 643 -74.18 -8.63 -6.54
C ALA A 643 -72.74 -8.87 -6.93
N LEU A 644 -71.92 -7.82 -6.92
CA LEU A 644 -70.49 -8.00 -7.11
C LEU A 644 -69.90 -8.50 -5.80
N HIS A 645 -69.69 -9.81 -5.72
CA HIS A 645 -69.09 -10.43 -4.55
C HIS A 645 -67.62 -10.08 -4.50
N PRO A 646 -67.05 -9.92 -3.29
CA PRO A 646 -65.61 -9.75 -3.14
C PRO A 646 -64.80 -10.75 -3.95
N ALA A 647 -65.14 -12.04 -3.85
CA ALA A 647 -64.37 -13.10 -4.49
C ALA A 647 -64.34 -13.00 -6.01
N ASP A 648 -65.42 -12.53 -6.60
CA ASP A 648 -65.53 -12.40 -8.05
C ASP A 648 -64.61 -11.29 -8.58
N LEU A 649 -64.60 -10.18 -7.85
CA LEU A 649 -63.76 -9.03 -8.20
C LEU A 649 -62.28 -9.38 -8.18
N LYS A 650 -61.86 -10.04 -7.11
CA LYS A 650 -60.45 -10.37 -6.90
C LYS A 650 -59.91 -11.37 -7.93
N ALA A 651 -60.76 -12.29 -8.38
CA ALA A 651 -60.36 -13.21 -9.46
C ALA A 651 -60.18 -12.45 -10.77
N ALA A 652 -60.92 -11.36 -10.94
CA ALA A 652 -60.81 -10.52 -12.13
C ALA A 652 -59.55 -9.67 -12.14
N VAL A 653 -59.22 -9.09 -10.98
CA VAL A 653 -58.04 -8.23 -10.86
C VAL A 653 -56.75 -9.01 -10.99
N LEU A 654 -56.66 -10.14 -10.29
CA LEU A 654 -55.45 -10.95 -10.27
C LEU A 654 -54.97 -11.34 -11.66
N GLN A 655 -55.92 -11.62 -12.56
CA GLN A 655 -55.59 -11.93 -13.96
C GLN A 655 -55.03 -10.71 -14.66
N LEU A 656 -55.61 -9.54 -14.41
CA LEU A 656 -55.18 -8.29 -15.06
C LEU A 656 -53.77 -7.86 -14.63
N LEU A 657 -53.40 -8.11 -13.39
CA LEU A 657 -52.06 -7.81 -12.91
C LEU A 657 -51.04 -8.77 -13.52
N LEU A 658 -51.42 -10.05 -13.61
CA LEU A 658 -50.58 -11.06 -14.24
C LEU A 658 -50.34 -10.76 -15.72
N ASP A 659 -51.39 -10.32 -16.42
CA ASP A 659 -51.27 -9.98 -17.83
C ASP A 659 -50.38 -8.75 -18.03
N ARG A 660 -50.59 -7.72 -17.22
CA ARG A 660 -49.82 -6.47 -17.32
C ARG A 660 -48.38 -6.58 -16.82
N SER A 661 -48.07 -7.67 -16.12
CA SER A 661 -46.72 -7.91 -15.62
C SER A 661 -46.06 -9.14 -16.27
N ALA A 662 -46.57 -9.56 -17.42
CA ALA A 662 -46.06 -10.74 -18.10
C ALA A 662 -44.65 -10.48 -18.62
N GLN A 663 -44.46 -9.32 -19.23
CA GLN A 663 -43.16 -8.94 -19.77
C GLN A 663 -42.10 -8.83 -18.68
N ALA A 664 -42.50 -8.30 -17.52
CA ALA A 664 -41.58 -8.09 -16.40
C ALA A 664 -41.18 -9.38 -15.71
N ARG A 665 -42.15 -10.24 -15.42
CA ARG A 665 -41.87 -11.52 -14.77
C ARG A 665 -41.02 -12.45 -15.64
N ALA A 666 -41.07 -12.27 -16.95
CA ALA A 666 -40.23 -13.01 -17.87
C ALA A 666 -38.76 -12.70 -17.64
N LEU A 667 -38.47 -11.45 -17.26
CA LEU A 667 -37.10 -11.02 -16.97
C LEU A 667 -36.58 -11.58 -15.63
N LEU A 668 -37.48 -11.79 -14.68
CA LEU A 668 -37.10 -12.30 -13.35
C LEU A 668 -36.45 -13.67 -13.41
N ASN A 669 -37.05 -14.57 -14.19
CA ASN A 669 -36.57 -15.94 -14.31
C ASN A 669 -35.45 -16.10 -15.34
N GLY A 670 -35.34 -15.15 -16.25
CA GLY A 670 -34.36 -15.23 -17.34
C GLY A 670 -33.17 -14.31 -17.18
N GLU A 671 -33.28 -13.11 -17.71
CA GLU A 671 -32.16 -12.17 -17.82
C GLU A 671 -31.64 -11.71 -16.47
N LEU A 672 -32.55 -11.41 -15.55
CA LEU A 672 -32.19 -10.86 -14.23
C LEU A 672 -31.99 -11.94 -13.17
N LYS A 673 -32.10 -13.21 -13.53
CA LYS A 673 -31.96 -14.31 -12.56
C LYS A 673 -30.61 -14.27 -11.86
N LYS A 674 -29.57 -13.88 -12.59
CA LYS A 674 -28.23 -13.73 -12.03
C LYS A 674 -28.26 -12.72 -10.88
N ASN A 675 -28.72 -11.51 -11.16
CA ASN A 675 -28.75 -10.43 -10.17
C ASN A 675 -29.76 -10.64 -9.04
N MSE A 676 -30.80 -11.44 -9.29
CA MSE A 676 -31.80 -11.72 -8.26
C MSE A 676 -31.22 -12.55 -7.12
O MSE A 676 -31.71 -12.48 -6.00
CB MSE A 676 -33.02 -12.42 -8.86
CG MSE A 676 -33.93 -11.48 -9.63
SE MSE A 676 -34.81 -10.20 -8.45
CE MSE A 676 -35.61 -9.05 -9.79
N THR A 677 -30.17 -13.33 -7.41
CA THR A 677 -29.43 -14.05 -6.38
C THR A 677 -28.76 -13.08 -5.42
N VAL A 678 -28.16 -12.03 -5.98
CA VAL A 678 -27.46 -11.03 -5.19
C VAL A 678 -28.42 -10.23 -4.31
N LEU A 679 -29.63 -9.98 -4.80
CA LEU A 679 -30.61 -9.19 -4.04
C LEU A 679 -31.21 -9.96 -2.87
N ARG A 680 -31.55 -11.24 -3.08
CA ARG A 680 -32.09 -12.06 -1.99
C ARG A 680 -31.03 -12.37 -0.94
N ASN A 681 -29.76 -12.38 -1.34
CA ASN A 681 -28.63 -12.48 -0.40
C ASN A 681 -28.46 -11.18 0.39
N ALA A 682 -28.65 -10.05 -0.28
CA ALA A 682 -28.64 -8.75 0.38
C ALA A 682 -29.79 -8.64 1.39
N GLU A 683 -30.96 -9.11 0.99
CA GLU A 683 -32.16 -9.05 1.81
C GLU A 683 -32.00 -9.79 3.14
N LYS A 684 -31.30 -10.92 3.10
CA LYS A 684 -31.10 -11.74 4.30
C LYS A 684 -30.06 -11.12 5.25
N LYS A 685 -29.08 -10.43 4.70
CA LYS A 685 -28.11 -9.68 5.51
C LYS A 685 -28.79 -8.53 6.25
N MSE A 686 -29.81 -7.93 5.65
CA MSE A 686 -30.56 -6.85 6.26
C MSE A 686 -31.48 -7.33 7.38
O MSE A 686 -31.63 -6.68 8.40
CB MSE A 686 -31.39 -6.10 5.21
CG MSE A 686 -30.56 -5.42 4.15
SE MSE A 686 -31.35 -3.74 3.59
CE MSE A 686 -31.00 -2.70 5.20
N ALA A 687 -32.10 -8.49 7.17
CA ALA A 687 -33.00 -9.09 8.16
C ALA A 687 -32.24 -9.57 9.39
N LYS A 688 -30.97 -9.89 9.23
CA LYS A 688 -30.11 -10.35 10.34
C LYS A 688 -29.77 -9.23 11.31
N LYS A 689 -29.52 -8.03 10.78
CA LYS A 689 -29.17 -6.86 11.58
C LYS A 689 -30.30 -5.83 11.59
N HIS B 6 5.73 17.61 -16.49
CA HIS B 6 5.46 17.91 -17.93
C HIS B 6 3.94 18.11 -18.16
N HIS B 7 3.31 17.25 -18.97
CA HIS B 7 1.87 17.35 -19.24
C HIS B 7 1.11 16.39 -18.33
N HIS B 8 -0.18 16.66 -18.12
CA HIS B 8 -1.06 15.71 -17.44
C HIS B 8 -1.31 14.53 -18.37
N MSE B 9 -1.21 13.31 -17.85
CA MSE B 9 -1.36 12.09 -18.64
C MSE B 9 -2.56 11.27 -18.18
O MSE B 9 -2.74 11.05 -16.98
CB MSE B 9 -0.11 11.22 -18.54
CG MSE B 9 0.90 11.43 -19.65
SE MSE B 9 2.34 10.14 -19.54
CE MSE B 9 3.21 10.83 -17.93
N ASN B 10 -3.37 10.81 -19.13
CA ASN B 10 -4.50 9.94 -18.81
C ASN B 10 -4.03 8.51 -18.57
N THR B 11 -4.93 7.68 -18.06
CA THR B 11 -4.61 6.29 -17.73
C THR B 11 -4.00 5.50 -18.88
N ASP B 12 -4.52 5.70 -20.09
CA ASP B 12 -4.03 4.99 -21.27
C ASP B 12 -2.59 5.39 -21.59
N GLU B 13 -2.32 6.69 -21.51
CA GLU B 13 -0.98 7.23 -21.77
C GLU B 13 0.04 6.75 -20.74
N ARG B 14 -0.39 6.69 -19.48
CA ARG B 14 0.44 6.14 -18.41
C ARG B 14 0.79 4.70 -18.69
N TYR B 15 -0.24 3.88 -18.93
CA TYR B 15 -0.04 2.46 -19.22
C TYR B 15 0.90 2.24 -20.40
N LYS B 16 0.70 2.98 -21.47
CA LYS B 16 1.49 2.80 -22.68
C LYS B 16 2.97 3.12 -22.45
N LEU B 17 3.22 4.23 -21.74
CA LEU B 17 4.58 4.64 -21.41
C LEU B 17 5.28 3.63 -20.51
N LEU B 18 4.56 3.13 -19.51
CA LEU B 18 5.14 2.18 -18.58
C LEU B 18 5.32 0.82 -19.23
N ARG B 19 4.33 0.41 -20.02
CA ARG B 19 4.38 -0.87 -20.71
C ARG B 19 5.56 -0.91 -21.66
N SER B 20 5.85 0.22 -22.29
CA SER B 20 6.95 0.33 -23.25
C SER B 20 8.29 -0.04 -22.67
N VAL B 21 8.45 0.06 -21.35
CA VAL B 21 9.68 -0.35 -20.67
C VAL B 21 10.02 -1.82 -20.93
N GLY B 22 9.01 -2.67 -20.87
CA GLY B 22 9.23 -4.10 -20.90
C GLY B 22 9.23 -4.70 -22.29
N GLU B 23 10.13 -5.65 -22.51
CA GLU B 23 10.06 -6.52 -23.68
C GLU B 23 8.88 -7.46 -23.46
N GLU B 24 8.75 -7.93 -22.21
CA GLU B 24 7.59 -8.70 -21.80
C GLU B 24 7.03 -8.13 -20.51
N CYS B 25 5.70 -8.18 -20.36
CA CYS B 25 5.03 -7.72 -19.16
C CYS B 25 4.11 -8.81 -18.66
N ILE B 26 4.59 -9.61 -17.72
CA ILE B 26 3.77 -10.72 -17.22
C ILE B 26 2.55 -10.19 -16.48
N GLN B 27 1.45 -10.29 -17.22
CA GLN B 27 0.13 -9.78 -16.89
C GLN B 27 0.02 -8.29 -17.16
N GLU B 28 -0.11 -7.98 -18.44
CA GLU B 28 -0.52 -6.66 -18.89
C GLU B 28 -1.81 -6.24 -18.21
N SER B 29 -2.71 -7.19 -17.98
CA SER B 29 -3.97 -6.89 -17.30
C SER B 29 -3.71 -6.35 -15.91
N GLU B 30 -2.82 -7.02 -15.17
CA GLU B 30 -2.43 -6.61 -13.82
C GLU B 30 -1.76 -5.25 -13.79
N LEU B 31 -0.91 -5.00 -14.78
CA LEU B 31 -0.24 -3.69 -14.89
C LEU B 31 -1.25 -2.56 -15.05
N ARG B 32 -2.21 -2.73 -15.95
CA ARG B 32 -3.22 -1.69 -16.18
CA ARG B 32 -3.21 -1.70 -16.18
C ARG B 32 -4.06 -1.48 -14.93
N ASN B 33 -4.39 -2.57 -14.26
CA ASN B 33 -5.13 -2.51 -13.01
C ASN B 33 -4.41 -1.64 -11.99
N LEU B 34 -3.10 -1.89 -11.82
CA LEU B 34 -2.27 -1.07 -10.94
C LEU B 34 -2.29 0.39 -11.36
N ILE B 35 -2.15 0.65 -12.65
CA ILE B 35 -2.11 2.02 -13.17
C ILE B 35 -3.39 2.79 -12.81
N GLU B 36 -4.52 2.10 -12.88
CA GLU B 36 -5.80 2.73 -12.60
C GLU B 36 -6.04 3.00 -11.13
N LYS B 37 -5.44 2.18 -10.25
CA LYS B 37 -5.81 2.12 -8.85
C LYS B 37 -4.83 2.80 -7.88
N LYS B 38 -3.54 2.49 -8.02
CA LYS B 38 -2.53 2.85 -7.03
C LYS B 38 -1.74 4.09 -7.46
N PRO B 39 -1.66 5.11 -6.58
CA PRO B 39 -0.85 6.31 -6.82
C PRO B 39 0.65 6.09 -6.92
N LEU B 40 1.27 5.53 -5.90
CA LEU B 40 2.73 5.37 -5.90
C LEU B 40 3.09 3.93 -6.14
N ILE B 41 2.93 3.49 -7.39
CA ILE B 41 3.31 2.14 -7.78
C ILE B 41 4.82 2.03 -7.61
N ARG B 42 5.27 1.01 -6.88
CA ARG B 42 6.68 0.82 -6.62
C ARG B 42 7.32 -0.11 -7.65
N CYS B 43 8.29 0.41 -8.38
CA CYS B 43 9.11 -0.41 -9.28
C CYS B 43 10.43 -0.70 -8.58
N TYR B 44 11.02 -1.85 -8.87
CA TYR B 44 12.27 -2.25 -8.24
C TYR B 44 13.22 -3.00 -9.17
N ASP B 45 14.49 -2.62 -9.09
CA ASP B 45 15.58 -3.33 -9.76
C ASP B 45 16.74 -3.37 -8.76
N GLY B 46 17.77 -4.17 -9.05
CA GLY B 46 18.85 -4.38 -8.10
C GLY B 46 20.18 -4.65 -8.76
N PHE B 47 21.26 -4.46 -8.01
CA PHE B 47 22.60 -4.71 -8.52
C PHE B 47 23.65 -4.74 -7.43
N GLU B 48 24.70 -5.52 -7.67
CA GLU B 48 25.96 -5.37 -6.97
C GLU B 48 26.76 -4.39 -7.81
N PRO B 49 27.33 -3.35 -7.19
CA PRO B 49 28.26 -2.47 -7.91
C PRO B 49 29.49 -3.19 -8.49
N SER B 50 29.90 -2.82 -9.70
CA SER B 50 31.07 -3.41 -10.35
C SER B 50 32.17 -2.39 -10.64
N GLY B 51 31.80 -1.27 -11.25
CA GLY B 51 32.74 -0.19 -11.54
C GLY B 51 32.84 0.13 -13.02
N ARG B 52 32.98 -0.91 -13.83
CA ARG B 52 32.90 -0.77 -15.27
C ARG B 52 31.42 -0.74 -15.66
N MSE B 53 30.85 0.47 -15.71
CA MSE B 53 29.45 0.64 -16.09
C MSE B 53 29.35 0.71 -17.61
O MSE B 53 29.86 1.64 -18.23
CB MSE B 53 28.88 1.91 -15.47
CG MSE B 53 27.35 1.92 -15.41
SE MSE B 53 26.55 3.59 -14.75
CE MSE B 53 28.09 4.30 -13.82
N HIS B 54 28.68 -0.27 -18.20
CA HIS B 54 28.45 -0.26 -19.64
C HIS B 54 27.24 0.63 -19.95
N ILE B 55 26.90 0.78 -21.23
CA ILE B 55 25.90 1.76 -21.67
C ILE B 55 24.48 1.33 -21.35
N ALA B 56 24.20 0.03 -21.42
CA ALA B 56 22.88 -0.48 -21.04
C ALA B 56 22.53 -0.04 -19.63
N GLN B 57 23.48 -0.22 -18.72
CA GLN B 57 23.28 0.11 -17.30
C GLN B 57 23.23 1.62 -17.09
N GLY B 58 24.03 2.36 -17.84
CA GLY B 58 24.11 3.81 -17.72
C GLY B 58 22.90 4.55 -18.26
N ILE B 59 22.62 4.37 -19.54
CA ILE B 59 21.63 5.20 -20.22
C ILE B 59 20.29 4.51 -20.36
N PHE B 60 20.29 3.24 -20.75
CA PHE B 60 19.05 2.51 -21.00
C PHE B 60 18.25 2.33 -19.69
N LYS B 61 18.96 2.04 -18.59
CA LYS B 61 18.32 2.00 -17.28
C LYS B 61 17.74 3.36 -16.95
N ALA B 62 18.52 4.41 -17.23
CA ALA B 62 18.08 5.78 -17.03
C ALA B 62 16.82 6.06 -17.83
N VAL B 63 16.79 5.59 -19.08
CA VAL B 63 15.65 5.81 -19.96
C VAL B 63 14.39 5.18 -19.36
N ASN B 64 14.54 3.95 -18.87
CA ASN B 64 13.42 3.20 -18.32
C ASN B 64 12.97 3.71 -16.96
N VAL B 65 13.93 3.90 -16.04
CA VAL B 65 13.57 4.43 -14.74
C VAL B 65 12.84 5.76 -14.92
N ASN B 66 13.18 6.50 -15.97
CA ASN B 66 12.51 7.77 -16.24
C ASN B 66 11.11 7.58 -16.81
N LYS B 67 10.89 6.51 -17.57
CA LYS B 67 9.55 6.17 -18.05
C LYS B 67 8.65 5.79 -16.87
N CYS B 68 9.21 5.02 -15.92
CA CYS B 68 8.45 4.62 -14.73
C CYS B 68 7.99 5.82 -13.89
N THR B 69 8.95 6.69 -13.56
CA THR B 69 8.65 7.87 -12.76
C THR B 69 7.65 8.80 -13.47
N ALA B 70 7.81 8.94 -14.78
CA ALA B 70 6.90 9.75 -15.57
C ALA B 70 5.49 9.17 -15.52
N ALA B 71 5.39 7.85 -15.62
CA ALA B 71 4.10 7.15 -15.52
C ALA B 71 3.52 7.22 -14.09
N GLY B 72 4.24 7.88 -13.19
CA GLY B 72 3.74 8.16 -11.85
C GLY B 72 4.13 7.10 -10.83
N CYS B 73 5.25 6.45 -11.07
CA CYS B 73 5.76 5.45 -10.15
C CYS B 73 6.79 6.07 -9.25
N GLU B 74 7.16 5.28 -8.25
CA GLU B 74 8.32 5.48 -7.41
C GLU B 74 9.25 4.34 -7.77
N PHE B 75 10.54 4.60 -7.89
CA PHE B 75 11.50 3.55 -8.27
C PHE B 75 12.53 3.33 -7.18
N VAL B 76 12.58 2.11 -6.65
CA VAL B 76 13.49 1.78 -5.57
C VAL B 76 14.58 0.87 -6.09
N PHE B 77 15.83 1.26 -5.89
CA PHE B 77 16.95 0.42 -6.25
C PHE B 77 17.43 -0.31 -5.01
N TRP B 78 17.71 -1.60 -5.15
CA TRP B 78 18.20 -2.41 -4.05
C TRP B 78 19.68 -2.69 -4.30
N VAL B 79 20.56 -1.92 -3.66
CA VAL B 79 21.99 -2.06 -3.89
C VAL B 79 22.52 -3.23 -3.10
N ALA B 80 22.79 -4.34 -3.79
CA ALA B 80 23.22 -5.58 -3.15
C ALA B 80 24.66 -5.48 -2.64
N ASP B 81 24.90 -4.58 -1.68
CA ASP B 81 26.26 -4.36 -1.17
C ASP B 81 26.60 -5.31 -0.02
N TRP B 82 25.57 -5.94 0.55
CA TRP B 82 25.76 -6.88 1.65
C TRP B 82 26.65 -8.07 1.27
N PHE B 83 26.74 -8.39 -0.02
CA PHE B 83 27.60 -9.47 -0.49
C PHE B 83 29.09 -9.10 -0.47
N ALA B 84 29.40 -7.85 -0.15
CA ALA B 84 30.79 -7.42 0.06
C ALA B 84 31.34 -7.98 1.37
N LEU B 85 30.45 -8.30 2.30
CA LEU B 85 30.85 -8.89 3.57
C LEU B 85 31.38 -10.31 3.43
N MSE B 86 31.30 -10.88 2.23
CA MSE B 86 31.81 -12.22 1.96
C MSE B 86 33.32 -12.33 2.19
O MSE B 86 33.78 -13.19 2.94
CB MSE B 86 31.51 -12.63 0.51
CG MSE B 86 30.03 -12.84 0.18
SE MSE B 86 29.11 -14.12 1.32
CE MSE B 86 30.57 -15.37 1.71
N ASN B 87 34.08 -11.44 1.54
CA ASN B 87 35.55 -11.49 1.59
C ASN B 87 36.16 -10.37 2.47
N ASP B 88 35.72 -10.34 3.73
CA ASP B 88 36.30 -9.48 4.75
C ASP B 88 37.02 -10.31 5.81
N GLY B 91 36.19 -4.16 7.55
CA GLY B 91 35.28 -3.84 6.46
C GLY B 91 35.96 -3.16 5.28
N GLY B 92 37.06 -3.75 4.81
CA GLY B 92 37.87 -3.16 3.75
C GLY B 92 37.22 -3.19 2.37
N GLU B 93 36.62 -4.32 2.03
CA GLU B 93 35.95 -4.49 0.74
C GLU B 93 34.55 -3.85 0.69
N LEU B 94 33.91 -3.70 1.86
CA LEU B 94 32.59 -3.08 1.93
C LEU B 94 32.67 -1.57 1.70
N GLU B 95 33.71 -0.94 2.23
CA GLU B 95 33.92 0.51 2.06
C GLU B 95 34.12 0.88 0.60
N LYS B 96 34.80 0.01 -0.15
CA LYS B 96 35.08 0.22 -1.57
C LYS B 96 33.81 0.09 -2.41
N ILE B 97 33.03 -0.94 -2.12
CA ILE B 97 31.76 -1.19 -2.81
C ILE B 97 30.82 0.01 -2.69
N ARG B 98 30.71 0.56 -1.49
CA ARG B 98 29.86 1.73 -1.27
C ARG B 98 30.30 2.92 -2.12
N ILE B 99 31.62 3.12 -2.22
CA ILE B 99 32.18 4.17 -3.08
C ILE B 99 31.82 3.92 -4.54
N VAL B 100 32.00 2.69 -5.00
CA VAL B 100 31.62 2.30 -6.37
C VAL B 100 30.12 2.53 -6.58
N GLY B 101 29.34 2.14 -5.58
CA GLY B 101 27.90 2.36 -5.60
C GLY B 101 27.54 3.83 -5.71
N ARG B 102 28.28 4.66 -4.98
CA ARG B 102 28.05 6.11 -5.03
C ARG B 102 28.47 6.69 -6.38
N TYR B 103 29.55 6.16 -6.95
CA TYR B 103 30.00 6.57 -8.29
C TYR B 103 28.90 6.30 -9.33
N LEU B 104 28.38 5.08 -9.33
CA LEU B 104 27.33 4.70 -10.26
C LEU B 104 26.16 5.65 -10.18
N ILE B 105 25.78 6.03 -8.96
CA ILE B 105 24.66 6.93 -8.74
C ILE B 105 24.96 8.32 -9.32
N GLU B 106 26.19 8.78 -9.17
CA GLU B 106 26.57 10.09 -9.71
C GLU B 106 26.56 10.07 -11.23
N VAL B 107 26.99 8.96 -11.81
CA VAL B 107 26.93 8.77 -13.25
C VAL B 107 25.48 8.87 -13.70
N TRP B 108 24.59 8.17 -12.99
CA TRP B 108 23.17 8.25 -13.30
C TRP B 108 22.61 9.67 -13.17
N LYS B 109 23.02 10.39 -12.13
CA LYS B 109 22.62 11.78 -11.98
C LYS B 109 23.02 12.60 -13.21
N ALA B 110 24.26 12.42 -13.65
CA ALA B 110 24.80 13.14 -14.80
C ALA B 110 24.23 12.64 -16.12
N ALA B 111 23.84 11.37 -16.18
CA ALA B 111 23.27 10.78 -17.39
C ALA B 111 21.87 11.30 -17.70
N GLY B 112 21.16 11.75 -16.66
CA GLY B 112 19.82 12.31 -16.84
C GLY B 112 18.68 11.57 -16.16
N MSE B 113 18.98 10.66 -15.24
CA MSE B 113 17.95 9.97 -14.49
C MSE B 113 17.33 10.98 -13.54
O MSE B 113 18.05 11.65 -12.81
CB MSE B 113 18.52 8.79 -13.71
CG MSE B 113 17.47 8.00 -12.95
SE MSE B 113 18.24 6.55 -11.89
CE MSE B 113 18.95 5.43 -13.34
N ASP B 114 16.00 11.09 -13.56
CA ASP B 114 15.28 12.04 -12.71
C ASP B 114 15.10 11.42 -11.33
N MSE B 115 15.86 11.92 -10.37
CA MSE B 115 15.97 11.28 -9.07
C MSE B 115 14.83 11.61 -8.11
O MSE B 115 14.78 11.05 -7.01
CB MSE B 115 17.31 11.63 -8.44
CG MSE B 115 18.52 11.14 -9.22
SE MSE B 115 18.58 9.19 -9.34
CE MSE B 115 20.40 9.01 -10.04
N ASP B 116 13.92 12.50 -8.51
CA ASP B 116 12.86 12.99 -7.62
C ASP B 116 12.09 11.87 -6.91
N LYS B 117 11.75 10.82 -7.64
CA LYS B 117 11.01 9.69 -7.07
C LYS B 117 11.83 8.40 -7.22
N VAL B 118 13.15 8.54 -7.14
CA VAL B 118 14.05 7.40 -7.12
C VAL B 118 14.74 7.34 -5.77
N LEU B 119 14.83 6.12 -5.22
CA LEU B 119 15.46 5.88 -3.92
C LEU B 119 16.46 4.75 -4.05
N PHE B 120 17.58 4.88 -3.32
CA PHE B 120 18.57 3.83 -3.26
C PHE B 120 18.66 3.25 -1.86
N LEU B 121 18.22 2.00 -1.71
CA LEU B 121 18.40 1.28 -0.46
C LEU B 121 19.63 0.39 -0.53
N TRP B 122 20.36 0.30 0.58
CA TRP B 122 21.61 -0.46 0.64
C TRP B 122 21.42 -1.73 1.47
N SER B 123 21.57 -2.89 0.83
CA SER B 123 21.25 -4.18 1.45
C SER B 123 21.99 -4.41 2.76
N SER B 124 23.18 -3.86 2.89
CA SER B 124 23.96 -3.96 4.11
C SER B 124 23.24 -3.27 5.27
N GLU B 125 22.63 -2.12 5.02
CA GLU B 125 21.89 -1.40 6.06
C GLU B 125 20.57 -2.12 6.33
N GLU B 126 19.81 -2.37 5.27
CA GLU B 126 18.41 -2.77 5.41
C GLU B 126 18.21 -4.22 5.87
N ILE B 127 19.12 -5.12 5.49
CA ILE B 127 19.08 -6.49 6.00
C ILE B 127 19.42 -6.46 7.48
N THR B 128 20.63 -6.03 7.79
CA THR B 128 21.09 -5.92 9.17
C THR B 128 20.01 -5.33 10.09
N SER B 129 19.42 -4.21 9.68
CA SER B 129 18.43 -3.50 10.49
C SER B 129 17.17 -4.31 10.76
N HIS B 130 16.79 -5.17 9.83
CA HIS B 130 15.55 -5.94 9.93
C HIS B 130 15.83 -7.42 9.72
N ALA B 131 16.87 -7.91 10.42
CA ALA B 131 17.38 -9.27 10.22
C ALA B 131 16.31 -10.35 10.35
N ASP B 132 15.54 -10.30 11.43
CA ASP B 132 14.51 -11.31 11.63
C ASP B 132 13.51 -11.33 10.46
N THR B 133 12.95 -10.17 10.13
CA THR B 133 12.00 -10.08 9.03
C THR B 133 12.56 -10.67 7.74
N TYR B 134 13.80 -10.29 7.43
CA TYR B 134 14.42 -10.66 6.16
C TYR B 134 14.73 -12.15 6.07
N TRP B 135 15.52 -12.64 7.01
CA TRP B 135 16.04 -14.00 6.94
C TRP B 135 14.95 -15.05 7.13
N ARG B 136 14.04 -14.83 8.06
CA ARG B 136 12.96 -15.78 8.29
C ARG B 136 12.16 -16.00 7.01
N MSE B 137 11.97 -14.94 6.23
CA MSE B 137 11.32 -15.06 4.93
C MSE B 137 12.19 -15.83 3.94
O MSE B 137 11.70 -16.74 3.26
CB MSE B 137 10.96 -13.68 4.34
CG MSE B 137 10.47 -13.78 2.90
SE MSE B 137 9.44 -12.23 2.33
CE MSE B 137 7.77 -12.58 3.30
N VAL B 138 13.47 -15.48 3.85
CA VAL B 138 14.38 -16.18 2.96
C VAL B 138 14.27 -17.68 3.20
N LEU B 139 14.25 -18.08 4.47
CA LEU B 139 14.12 -19.50 4.82
C LEU B 139 12.73 -20.04 4.48
N ASP B 140 11.69 -19.26 4.76
CA ASP B 140 10.32 -19.64 4.45
C ASP B 140 10.20 -20.00 2.98
N ILE B 141 10.80 -19.20 2.10
CA ILE B 141 10.67 -19.43 0.67
C ILE B 141 11.24 -20.80 0.31
N GLY B 142 12.37 -21.14 0.91
CA GLY B 142 12.96 -22.47 0.72
C GLY B 142 12.16 -23.60 1.35
N ARG B 143 11.49 -23.30 2.46
CA ARG B 143 10.66 -24.28 3.16
C ARG B 143 9.49 -24.76 2.29
N GLN B 144 8.82 -23.81 1.64
CA GLN B 144 7.62 -24.11 0.86
C GLN B 144 7.91 -24.47 -0.60
N ASN B 145 9.14 -24.93 -0.89
CA ASN B 145 9.54 -25.22 -2.26
C ASN B 145 10.40 -26.46 -2.36
N THR B 146 10.11 -27.29 -3.35
CA THR B 146 10.95 -28.44 -3.69
C THR B 146 12.30 -27.97 -4.22
N ILE B 147 13.34 -28.77 -3.99
CA ILE B 147 14.69 -28.41 -4.40
C ILE B 147 14.81 -28.30 -5.92
N ALA B 148 14.03 -29.12 -6.64
CA ALA B 148 13.99 -29.08 -8.09
C ALA B 148 13.51 -27.73 -8.60
N ARG B 149 12.50 -27.19 -7.93
CA ARG B 149 11.91 -25.90 -8.31
C ARG B 149 12.93 -24.77 -8.24
N ILE B 150 13.78 -24.81 -7.22
CA ILE B 150 14.76 -23.76 -7.02
C ILE B 150 16.01 -24.01 -7.86
N LYS B 151 16.28 -25.27 -8.17
CA LYS B 151 17.33 -25.62 -9.14
C LYS B 151 17.01 -25.05 -10.53
N LYS B 152 15.73 -24.87 -10.82
CA LYS B 152 15.28 -24.35 -12.11
C LYS B 152 15.64 -22.89 -12.32
N CYS B 153 15.88 -22.14 -11.24
CA CYS B 153 16.15 -20.70 -11.32
C CYS B 153 17.63 -20.36 -11.49
N CYS B 154 18.44 -21.31 -11.94
CA CYS B 154 19.90 -21.09 -12.07
C CYS B 154 20.38 -21.39 -13.49
N GLY B 162 25.14 -30.29 -16.27
CA GLY B 162 24.39 -31.14 -15.34
C GLY B 162 24.22 -30.47 -13.98
N THR B 163 24.62 -31.17 -12.92
CA THR B 163 24.54 -30.64 -11.55
C THR B 163 25.92 -30.23 -11.02
N LEU B 164 26.37 -29.06 -11.46
CA LEU B 164 27.60 -28.46 -10.97
C LEU B 164 27.26 -27.35 -9.97
N THR B 165 26.01 -27.33 -9.48
CA THR B 165 25.50 -26.24 -8.67
C THR B 165 26.04 -26.32 -7.24
N ALA B 166 26.57 -25.21 -6.74
CA ALA B 166 27.22 -25.17 -5.44
C ALA B 166 26.53 -24.16 -4.55
N ALA B 167 25.50 -24.61 -3.83
CA ALA B 167 24.65 -23.74 -2.99
C ALA B 167 24.36 -22.37 -3.62
N GLN B 168 24.01 -22.40 -4.91
CA GLN B 168 23.50 -21.26 -5.64
C GLN B 168 21.97 -21.36 -5.62
N VAL B 169 21.45 -22.13 -4.66
CA VAL B 169 20.03 -22.24 -4.42
C VAL B 169 19.65 -21.35 -3.24
N LEU B 170 20.62 -20.59 -2.75
CA LEU B 170 20.42 -19.66 -1.67
C LEU B 170 20.11 -18.28 -2.25
N TYR B 171 20.92 -17.88 -3.24
CA TYR B 171 20.79 -16.55 -3.84
C TYR B 171 19.40 -16.25 -4.40
N PRO B 172 18.78 -17.21 -5.10
CA PRO B 172 17.42 -17.00 -5.60
C PRO B 172 16.43 -16.75 -4.48
N LEU B 173 16.62 -17.43 -3.36
CA LEU B 173 15.73 -17.27 -2.22
C LEU B 173 15.83 -15.86 -1.65
N MSE B 174 17.04 -15.31 -1.61
CA MSE B 174 17.25 -13.95 -1.12
C MSE B 174 16.66 -12.94 -2.10
O MSE B 174 15.95 -12.03 -1.70
CB MSE B 174 18.75 -13.65 -0.96
CG MSE B 174 19.46 -14.51 0.07
SE MSE B 174 21.35 -14.07 0.16
CE MSE B 174 22.01 -15.69 1.03
N GLN B 175 16.95 -13.15 -3.39
CA GLN B 175 16.45 -12.26 -4.44
C GLN B 175 14.94 -12.30 -4.50
N CYS B 176 14.37 -13.47 -4.26
CA CYS B 176 12.92 -13.62 -4.18
C CYS B 176 12.41 -12.90 -2.94
N CYS B 177 13.15 -12.98 -1.84
CA CYS B 177 12.73 -12.31 -0.61
C CYS B 177 12.75 -10.80 -0.77
N ASP B 178 13.81 -10.30 -1.41
CA ASP B 178 13.94 -8.86 -1.68
C ASP B 178 12.65 -8.26 -2.25
N ILE B 179 12.03 -8.97 -3.19
CA ILE B 179 10.83 -8.48 -3.86
C ILE B 179 9.76 -8.12 -2.84
N PHE B 180 9.55 -9.02 -1.87
CA PHE B 180 8.52 -8.84 -0.86
C PHE B 180 9.00 -8.00 0.33
N PHE B 181 10.29 -8.11 0.65
CA PHE B 181 10.90 -7.28 1.68
C PHE B 181 10.64 -5.80 1.39
N LEU B 182 10.89 -5.39 0.14
CA LEU B 182 10.69 -4.01 -0.31
C LEU B 182 9.23 -3.69 -0.70
N LYS B 183 8.35 -4.68 -0.63
CA LYS B 183 6.96 -4.52 -1.04
C LYS B 183 6.85 -3.92 -2.45
N ALA B 184 7.57 -4.53 -3.40
CA ALA B 184 7.56 -4.10 -4.78
C ALA B 184 6.24 -4.47 -5.46
N ASP B 185 5.64 -3.51 -6.13
CA ASP B 185 4.47 -3.75 -6.97
C ASP B 185 4.91 -4.31 -8.32
N ILE B 186 5.99 -3.73 -8.88
CA ILE B 186 6.52 -4.15 -10.18
C ILE B 186 8.00 -4.54 -10.09
N CYS B 187 8.30 -5.76 -10.54
CA CYS B 187 9.69 -6.19 -10.68
C CYS B 187 10.15 -5.74 -12.06
N GLN B 188 10.80 -4.58 -12.10
CA GLN B 188 11.30 -3.99 -13.33
C GLN B 188 12.82 -4.22 -13.40
N LEU B 189 13.15 -5.48 -13.66
CA LEU B 189 14.52 -5.96 -13.85
C LEU B 189 14.65 -6.33 -15.31
N GLY B 190 15.82 -6.80 -15.70
CA GLY B 190 16.02 -7.28 -17.06
C GLY B 190 15.41 -8.66 -17.26
N LEU B 191 15.38 -9.11 -18.50
CA LEU B 191 14.78 -10.39 -18.84
C LEU B 191 15.63 -11.57 -18.33
N ASP B 192 16.91 -11.32 -18.06
CA ASP B 192 17.77 -12.30 -17.37
C ASP B 192 17.03 -12.96 -16.23
N GLN B 193 16.49 -12.12 -15.35
CA GLN B 193 16.00 -12.55 -14.05
C GLN B 193 14.56 -13.05 -14.08
N ARG B 194 14.08 -13.39 -15.28
CA ARG B 194 12.70 -13.82 -15.47
C ARG B 194 12.33 -14.95 -14.54
N LYS B 195 13.21 -15.94 -14.43
CA LYS B 195 12.89 -17.16 -13.70
C LYS B 195 12.66 -16.91 -12.20
N VAL B 196 13.47 -16.04 -11.62
CA VAL B 196 13.36 -15.72 -10.19
C VAL B 196 12.06 -14.97 -9.92
N ASN B 197 11.74 -14.03 -10.80
CA ASN B 197 10.49 -13.28 -10.68
C ASN B 197 9.24 -14.17 -10.83
N MSE B 198 9.34 -15.24 -11.62
CA MSE B 198 8.27 -16.22 -11.72
C MSE B 198 8.10 -16.95 -10.40
O MSE B 198 6.98 -17.14 -9.92
CB MSE B 198 8.55 -17.26 -12.81
CG MSE B 198 8.67 -16.71 -14.24
SE MSE B 198 7.22 -15.53 -14.79
CE MSE B 198 5.69 -16.64 -14.25
N LEU B 199 9.22 -17.34 -9.80
CA LEU B 199 9.21 -17.97 -8.48
C LEU B 199 8.62 -17.04 -7.41
N ALA B 200 8.84 -15.74 -7.57
CA ALA B 200 8.26 -14.76 -6.65
C ALA B 200 6.74 -14.69 -6.79
N ARG B 201 6.25 -14.73 -8.01
CA ARG B 201 4.80 -14.76 -8.26
C ARG B 201 4.18 -15.98 -7.61
N GLU B 202 4.85 -17.12 -7.72
CA GLU B 202 4.37 -18.36 -7.10
C GLU B 202 4.30 -18.25 -5.59
N TYR B 203 5.37 -17.73 -4.99
CA TYR B 203 5.43 -17.53 -3.55
C TYR B 203 4.31 -16.62 -3.03
N CYS B 204 3.83 -15.71 -3.88
CA CYS B 204 2.78 -14.77 -3.49
C CYS B 204 1.45 -15.49 -3.21
N ASP B 205 1.18 -16.56 -3.96
CA ASP B 205 0.00 -17.38 -3.71
C ASP B 205 0.18 -18.30 -2.49
N LEU B 206 1.38 -18.30 -1.91
CA LEU B 206 1.69 -19.12 -0.73
C LEU B 206 1.74 -18.31 0.58
N ILE B 207 1.58 -16.99 0.51
CA ILE B 207 1.74 -16.16 1.72
C ILE B 207 0.58 -15.21 2.00
N GLY B 208 -0.51 -15.30 1.26
CA GLY B 208 -1.69 -14.49 1.57
C GLY B 208 -1.54 -12.99 1.40
N ARG B 209 -0.49 -12.55 0.70
CA ARG B 209 -0.51 -11.25 0.06
C ARG B 209 -1.38 -11.49 -1.17
N LYS B 210 -2.17 -10.49 -1.56
CA LYS B 210 -3.21 -10.72 -2.56
C LYS B 210 -2.70 -10.50 -4.00
N LEU B 211 -2.18 -9.30 -4.29
CA LEU B 211 -1.79 -8.97 -5.65
C LEU B 211 -0.35 -9.38 -5.96
N LYS B 212 -0.18 -10.23 -6.96
CA LYS B 212 1.14 -10.69 -7.38
C LYS B 212 1.93 -9.55 -8.01
N PRO B 213 3.26 -9.61 -7.91
CA PRO B 213 4.09 -8.58 -8.51
C PRO B 213 4.14 -8.70 -10.03
N VAL B 214 3.97 -7.57 -10.71
CA VAL B 214 4.00 -7.52 -12.17
C VAL B 214 5.46 -7.50 -12.63
N ILE B 215 5.80 -8.42 -13.53
CA ILE B 215 7.18 -8.60 -13.96
C ILE B 215 7.43 -7.90 -15.30
N LEU B 216 7.76 -6.62 -15.23
CA LEU B 216 7.98 -5.78 -16.40
C LEU B 216 9.47 -5.84 -16.79
N SER B 217 9.81 -6.83 -17.61
CA SER B 217 11.19 -7.17 -17.90
C SER B 217 11.75 -6.40 -19.09
N HIS B 218 12.84 -5.67 -18.90
CA HIS B 218 13.43 -4.87 -19.97
C HIS B 218 14.34 -5.67 -20.89
N HIS B 219 14.54 -5.17 -22.10
CA HIS B 219 15.32 -5.84 -23.15
C HIS B 219 16.81 -5.87 -22.80
N MSE B 220 17.48 -6.94 -23.23
CA MSE B 220 18.93 -7.05 -23.10
C MSE B 220 19.60 -6.50 -24.37
O MSE B 220 19.39 -7.04 -25.46
CB MSE B 220 19.34 -8.50 -22.89
CG MSE B 220 18.60 -9.21 -21.78
SE MSE B 220 18.60 -8.20 -20.11
CE MSE B 220 20.54 -8.09 -19.82
N LEU B 221 20.38 -5.44 -24.22
CA LEU B 221 21.08 -4.84 -25.35
C LEU B 221 22.14 -5.81 -25.89
N ALA B 222 22.30 -5.82 -27.21
CA ALA B 222 23.14 -6.79 -27.88
C ALA B 222 24.62 -6.48 -27.70
N GLY B 223 25.44 -7.51 -27.87
CA GLY B 223 26.88 -7.32 -27.94
C GLY B 223 27.22 -6.71 -29.29
N LEU B 224 28.24 -5.88 -29.34
CA LEU B 224 28.55 -5.15 -30.57
C LEU B 224 29.11 -6.07 -31.66
N LYS B 225 29.69 -7.19 -31.28
CA LYS B 225 30.29 -8.14 -32.24
C LYS B 225 29.39 -9.33 -32.53
N GLN B 226 29.75 -10.10 -33.56
CA GLN B 226 28.95 -11.24 -33.99
C GLN B 226 29.11 -12.44 -33.07
N GLY B 227 28.00 -13.12 -32.80
CA GLY B 227 27.97 -14.24 -31.87
C GLY B 227 27.78 -13.84 -30.41
N GLN B 228 27.59 -12.54 -30.17
CA GLN B 228 27.35 -12.01 -28.82
C GLN B 228 25.90 -11.57 -28.70
N ALA B 229 25.13 -12.30 -27.90
CA ALA B 229 23.72 -11.96 -27.66
C ALA B 229 23.58 -10.96 -26.52
N LYS B 230 24.70 -10.52 -25.98
CA LYS B 230 24.73 -9.72 -24.76
C LYS B 230 26.14 -9.20 -24.61
N MSE B 231 26.32 -8.13 -23.83
CA MSE B 231 27.66 -7.65 -23.52
C MSE B 231 28.43 -8.74 -22.76
O MSE B 231 27.85 -9.48 -21.96
CB MSE B 231 27.62 -6.34 -22.73
CG MSE B 231 27.50 -6.49 -21.22
SE MSE B 231 29.21 -6.82 -20.32
CE MSE B 231 29.66 -4.99 -19.84
N SER B 232 29.73 -8.84 -23.03
CA SER B 232 30.58 -9.86 -22.42
C SER B 232 31.57 -9.22 -21.47
N LYS B 233 31.82 -9.87 -20.33
CA LYS B 233 32.73 -9.32 -19.31
C LYS B 233 34.17 -9.49 -19.75
N SER B 234 34.42 -10.58 -20.48
CA SER B 234 35.73 -10.85 -21.09
C SER B 234 36.11 -9.75 -22.07
N ASP B 235 35.22 -9.50 -23.05
CA ASP B 235 35.50 -8.62 -24.18
C ASP B 235 34.94 -7.21 -23.93
N PRO B 236 35.82 -6.24 -23.66
CA PRO B 236 35.35 -4.87 -23.42
C PRO B 236 34.87 -4.15 -24.68
N ASP B 237 35.19 -4.68 -25.86
CA ASP B 237 34.69 -4.12 -27.11
C ASP B 237 33.30 -4.63 -27.45
N SER B 238 32.71 -5.43 -26.57
CA SER B 238 31.35 -5.95 -26.76
C SER B 238 30.27 -4.93 -26.38
N ALA B 239 30.66 -3.82 -25.77
CA ALA B 239 29.71 -2.79 -25.40
C ALA B 239 30.41 -1.47 -25.13
N ILE B 240 29.68 -0.38 -25.29
CA ILE B 240 30.20 0.93 -24.96
C ILE B 240 30.09 1.16 -23.45
N PHE B 241 31.16 1.64 -22.85
CA PHE B 241 31.18 1.95 -21.43
C PHE B 241 31.14 3.47 -21.22
N MSE B 242 30.78 3.87 -20.01
CA MSE B 242 30.56 5.29 -19.70
C MSE B 242 31.86 6.08 -19.59
O MSE B 242 31.86 7.31 -19.66
CB MSE B 242 29.74 5.42 -18.42
CG MSE B 242 28.40 4.70 -18.43
SE MSE B 242 27.12 5.36 -19.76
CE MSE B 242 26.89 7.16 -19.08
N GLU B 243 32.97 5.38 -19.41
CA GLU B 243 34.30 6.00 -19.38
C GLU B 243 35.00 6.01 -20.74
N ASP B 244 34.42 5.33 -21.73
CA ASP B 244 35.01 5.31 -23.07
C ASP B 244 35.17 6.74 -23.56
N THR B 245 36.31 7.01 -24.20
CA THR B 245 36.57 8.30 -24.84
C THR B 245 35.80 8.32 -26.15
N GLU B 246 35.72 9.47 -26.80
CA GLU B 246 35.02 9.52 -28.10
C GLU B 246 35.81 8.79 -29.18
N GLU B 247 37.11 8.63 -28.94
CA GLU B 247 37.94 7.81 -29.80
C GLU B 247 37.57 6.33 -29.64
N ASP B 248 37.31 5.91 -28.40
CA ASP B 248 36.86 4.54 -28.12
C ASP B 248 35.49 4.25 -28.71
N VAL B 249 34.54 5.15 -28.44
CA VAL B 249 33.18 5.03 -28.96
C VAL B 249 33.20 4.76 -30.46
N ALA B 250 33.96 5.58 -31.18
CA ALA B 250 34.11 5.43 -32.63
C ALA B 250 34.67 4.06 -32.98
N ARG B 251 35.79 3.69 -32.36
CA ARG B 251 36.45 2.41 -32.64
C ARG B 251 35.49 1.22 -32.52
N LYS B 252 34.75 1.17 -31.41
CA LYS B 252 33.85 0.05 -31.13
C LYS B 252 32.68 -0.03 -32.09
N ILE B 253 32.11 1.12 -32.47
CA ILE B 253 30.97 1.16 -33.38
C ILE B 253 31.39 0.80 -34.81
N ARG B 254 32.53 1.34 -35.25
CA ARG B 254 33.02 1.06 -36.60
C ARG B 254 33.17 -0.41 -36.89
N GLN B 255 33.54 -1.19 -35.87
CA GLN B 255 33.79 -2.62 -36.04
C GLN B 255 32.61 -3.50 -35.67
N ALA B 256 31.52 -2.90 -35.21
CA ALA B 256 30.37 -3.66 -34.75
C ALA B 256 29.63 -4.33 -35.90
N TYR B 257 29.23 -5.59 -35.67
CA TYR B 257 28.39 -6.35 -36.58
C TYR B 257 27.19 -5.52 -36.97
N CYS B 258 26.76 -5.57 -38.23
CA CYS B 258 25.71 -4.68 -38.72
C CYS B 258 24.99 -5.21 -39.97
N PRO B 259 24.26 -6.34 -39.84
CA PRO B 259 23.51 -6.93 -40.94
C PRO B 259 22.36 -6.08 -41.45
N ARG B 260 22.07 -6.16 -42.75
CA ARG B 260 20.99 -5.40 -43.35
C ARG B 260 19.69 -6.22 -43.33
N VAL B 261 19.06 -6.27 -42.16
CA VAL B 261 17.82 -7.01 -41.96
C VAL B 261 16.90 -6.26 -40.99
N LYS B 262 15.60 -6.33 -41.24
CA LYS B 262 14.62 -5.78 -40.29
C LYS B 262 14.64 -6.57 -39.00
N GLN B 263 14.80 -5.87 -37.88
CA GLN B 263 14.83 -6.50 -36.57
C GLN B 263 13.41 -6.86 -36.15
N SER B 264 13.25 -8.09 -35.64
CA SER B 264 11.98 -8.55 -35.11
C SER B 264 12.16 -9.00 -33.66
N ALA B 265 11.07 -9.02 -32.90
CA ALA B 265 11.12 -9.43 -31.50
C ALA B 265 11.40 -10.93 -31.40
N SER B 266 12.43 -11.28 -30.64
CA SER B 266 12.78 -12.69 -30.41
C SER B 266 11.79 -13.32 -29.43
N ALA B 267 11.51 -14.61 -29.64
CA ALA B 267 10.62 -15.35 -28.74
C ALA B 267 11.26 -15.44 -27.36
N ILE B 268 10.45 -15.29 -26.31
CA ILE B 268 10.94 -15.31 -24.94
C ILE B 268 11.31 -16.73 -24.52
N THR B 269 12.57 -16.92 -24.11
CA THR B 269 13.02 -18.20 -23.55
C THR B 269 12.49 -18.33 -22.14
N ASP B 270 12.39 -19.56 -21.64
CA ASP B 270 12.00 -19.79 -20.24
C ASP B 270 13.09 -19.18 -19.36
N ASP B 271 14.33 -19.61 -19.56
CA ASP B 271 15.49 -18.91 -19.02
C ASP B 271 15.69 -17.66 -19.86
N GLY B 272 15.23 -16.52 -19.34
CA GLY B 272 15.14 -15.29 -20.13
C GLY B 272 16.40 -14.74 -20.78
N ALA B 273 17.55 -15.38 -20.54
CA ALA B 273 18.80 -15.00 -21.20
C ALA B 273 18.66 -15.05 -22.72
N PRO B 274 19.25 -14.06 -23.42
CA PRO B 274 19.11 -13.96 -24.87
C PRO B 274 20.07 -14.88 -25.63
N VAL B 275 19.68 -15.28 -26.84
CA VAL B 275 20.54 -16.09 -27.72
C VAL B 275 20.95 -15.27 -28.95
N ALA B 276 22.17 -15.50 -29.43
CA ALA B 276 22.75 -14.71 -30.53
C ALA B 276 22.42 -15.31 -31.89
N THR B 277 21.51 -14.67 -32.61
CA THR B 277 21.19 -15.03 -33.99
C THR B 277 21.91 -14.07 -34.94
N ASP B 278 22.12 -14.48 -36.18
CA ASP B 278 22.85 -13.65 -37.16
C ASP B 278 22.03 -12.45 -37.66
N ASP B 279 20.74 -12.44 -37.38
CA ASP B 279 19.88 -11.29 -37.74
C ASP B 279 19.91 -10.19 -36.67
N ARG B 280 20.50 -10.48 -35.51
CA ARG B 280 20.70 -9.46 -34.47
C ARG B 280 21.68 -8.38 -34.92
N ASN B 281 21.16 -7.19 -35.22
CA ASN B 281 21.99 -6.06 -35.61
C ASN B 281 22.18 -5.13 -34.42
N PRO B 282 23.36 -5.18 -33.78
CA PRO B 282 23.64 -4.39 -32.58
C PRO B 282 23.49 -2.89 -32.79
N VAL B 283 23.89 -2.40 -33.96
CA VAL B 283 23.81 -0.96 -34.24
C VAL B 283 22.36 -0.51 -34.22
N LEU B 284 21.49 -1.28 -34.86
CA LEU B 284 20.05 -1.00 -34.81
C LEU B 284 19.52 -1.17 -33.38
N ASP B 285 20.06 -2.14 -32.65
CA ASP B 285 19.63 -2.38 -31.27
C ASP B 285 19.92 -1.19 -30.34
N TYR B 286 21.09 -0.59 -30.50
CA TYR B 286 21.44 0.64 -29.78
C TYR B 286 20.49 1.76 -30.16
N PHE B 287 20.31 1.95 -31.46
CA PHE B 287 19.39 2.98 -31.94
C PHE B 287 18.01 2.86 -31.30
N GLN B 288 17.50 1.63 -31.22
CA GLN B 288 16.18 1.40 -30.64
C GLN B 288 16.18 1.70 -29.14
N CYS B 289 17.21 1.23 -28.43
CA CYS B 289 17.26 1.31 -26.97
C CYS B 289 17.73 2.65 -26.39
N VAL B 290 18.89 3.13 -26.82
CA VAL B 290 19.46 4.36 -26.25
C VAL B 290 19.20 5.63 -27.03
N VAL B 291 18.45 5.55 -28.14
CA VAL B 291 18.11 6.76 -28.91
C VAL B 291 16.60 6.97 -29.05
N TYR B 292 15.92 6.04 -29.72
CA TYR B 292 14.49 6.19 -29.96
C TYR B 292 13.61 5.85 -28.76
N ALA B 293 14.15 5.09 -27.81
CA ALA B 293 13.44 4.81 -26.56
C ALA B 293 13.30 6.08 -25.71
N ARG B 294 14.26 7.00 -25.84
CA ARG B 294 14.18 8.30 -25.18
C ARG B 294 12.99 9.07 -25.76
N PRO B 295 12.44 10.03 -25.01
CA PRO B 295 11.07 10.48 -25.24
C PRO B 295 10.81 11.21 -26.58
N GLY B 296 11.58 12.26 -26.86
CA GLY B 296 11.37 13.04 -28.09
C GLY B 296 12.48 12.88 -29.12
N ALA B 297 13.42 11.97 -28.86
CA ALA B 297 14.65 11.88 -29.63
C ALA B 297 14.41 11.25 -31.00
N ALA B 298 15.25 11.63 -31.96
CA ALA B 298 15.17 11.12 -33.32
C ALA B 298 16.51 11.32 -34.06
N ALA B 299 16.81 10.39 -34.98
CA ALA B 299 18.09 10.41 -35.68
C ALA B 299 18.01 11.27 -36.94
N THR B 300 19.16 11.80 -37.35
CA THR B 300 19.27 12.65 -38.54
C THR B 300 20.52 12.26 -39.34
N ILE B 301 20.32 11.83 -40.58
CA ILE B 301 21.42 11.43 -41.47
C ILE B 301 21.28 12.17 -42.79
N ASP B 302 22.25 13.02 -43.10
CA ASP B 302 22.33 13.71 -44.39
C ASP B 302 21.02 14.42 -44.75
N GLY B 303 20.63 15.37 -43.91
CA GLY B 303 19.41 16.16 -44.13
C GLY B 303 18.17 15.57 -43.48
N THR B 304 17.77 14.37 -43.91
CA THR B 304 16.49 13.78 -43.48
C THR B 304 16.54 13.29 -42.03
N THR B 305 15.44 13.54 -41.30
CA THR B 305 15.30 13.09 -39.91
C THR B 305 14.27 11.95 -39.86
N TYR B 306 14.63 10.85 -39.21
CA TYR B 306 13.73 9.71 -39.10
C TYR B 306 12.96 9.74 -37.77
N ALA B 307 11.65 9.97 -37.86
CA ALA B 307 10.79 10.16 -36.69
C ALA B 307 10.70 8.92 -35.81
N THR B 308 10.44 7.78 -36.43
CA THR B 308 10.35 6.51 -35.72
C THR B 308 11.63 5.71 -35.91
N TYR B 309 11.84 4.73 -35.05
CA TYR B 309 12.90 3.74 -35.27
C TYR B 309 12.62 2.94 -36.53
N GLU B 310 11.35 2.65 -36.79
CA GLU B 310 10.95 1.86 -37.97
C GLU B 310 11.32 2.59 -39.25
N ASP B 311 11.24 3.92 -39.23
CA ASP B 311 11.62 4.74 -40.38
C ASP B 311 13.11 4.59 -40.69
N LEU B 312 13.94 4.70 -39.66
CA LEU B 312 15.39 4.53 -39.82
C LEU B 312 15.76 3.13 -40.29
N GLU B 313 15.04 2.12 -39.77
CA GLU B 313 15.31 0.73 -40.13
C GLU B 313 15.00 0.47 -41.60
N GLN B 314 13.82 0.91 -42.04
CA GLN B 314 13.43 0.79 -43.45
C GLN B 314 14.42 1.55 -44.34
N ALA B 315 14.83 2.74 -43.90
CA ALA B 315 15.78 3.57 -44.64
C ALA B 315 17.17 2.94 -44.73
N PHE B 316 17.49 2.02 -43.82
CA PHE B 316 18.75 1.27 -43.87
C PHE B 316 18.61 0.04 -44.75
N VAL B 317 17.50 -0.68 -44.61
CA VAL B 317 17.29 -1.92 -45.34
C VAL B 317 17.13 -1.67 -46.85
N SER B 318 16.45 -0.58 -47.21
CA SER B 318 16.30 -0.20 -48.63
C SER B 318 17.53 0.53 -49.18
N ASP B 319 18.53 0.74 -48.32
CA ASP B 319 19.82 1.31 -48.72
C ASP B 319 19.75 2.81 -49.07
N GLU B 320 18.75 3.51 -48.55
CA GLU B 320 18.78 4.97 -48.54
C GLU B 320 19.93 5.41 -47.64
N VAL B 321 20.10 4.68 -46.54
CA VAL B 321 21.14 4.95 -45.55
C VAL B 321 22.24 3.88 -45.63
N SER B 322 23.48 4.33 -45.77
CA SER B 322 24.63 3.44 -45.87
C SER B 322 25.02 2.90 -44.51
N GLU B 323 25.64 1.72 -44.49
CA GLU B 323 26.16 1.17 -43.24
C GLU B 323 27.16 2.12 -42.59
N ASP B 324 27.94 2.83 -43.40
CA ASP B 324 28.90 3.78 -42.87
C ASP B 324 28.18 4.98 -42.27
N ALA B 325 27.16 5.47 -42.98
CA ALA B 325 26.37 6.59 -42.50
C ALA B 325 25.63 6.23 -41.21
N LEU B 326 25.11 5.00 -41.12
CA LEU B 326 24.37 4.55 -39.94
C LEU B 326 25.28 4.52 -38.72
N LYS B 327 26.47 3.98 -38.88
CA LYS B 327 27.43 3.91 -37.79
C LYS B 327 27.94 5.29 -37.37
N SER B 328 28.23 6.15 -38.34
CA SER B 328 28.67 7.52 -38.04
C SER B 328 27.64 8.29 -37.21
N CYS B 329 26.36 8.04 -37.47
CA CYS B 329 25.27 8.71 -36.77
C CYS B 329 25.22 8.28 -35.31
N LEU B 330 25.31 6.97 -35.09
CA LEU B 330 25.25 6.40 -33.76
C LEU B 330 26.42 6.89 -32.92
N ILE B 331 27.59 7.02 -33.54
CA ILE B 331 28.79 7.46 -32.83
C ILE B 331 28.60 8.88 -32.27
N ASP B 332 28.07 9.78 -33.10
CA ASP B 332 27.76 11.13 -32.66
C ASP B 332 26.66 11.12 -31.59
N GLU B 333 25.70 10.20 -31.77
CA GLU B 333 24.57 10.07 -30.86
C GLU B 333 25.02 9.57 -29.49
N VAL B 334 25.82 8.51 -29.49
CA VAL B 334 26.37 7.96 -28.26
C VAL B 334 27.32 8.94 -27.58
N ASN B 335 28.16 9.62 -28.36
CA ASN B 335 29.03 10.66 -27.81
C ASN B 335 28.22 11.79 -27.18
N ALA B 336 27.17 12.24 -27.85
CA ALA B 336 26.28 13.26 -27.31
C ALA B 336 25.71 12.85 -25.95
N LEU B 337 25.45 11.55 -25.78
CA LEU B 337 24.92 10.99 -24.54
C LEU B 337 25.98 10.92 -23.45
N LEU B 338 27.19 10.48 -23.81
CA LEU B 338 28.27 10.37 -22.82
C LEU B 338 28.88 11.71 -22.36
N GLU B 339 28.89 12.70 -23.24
CA GLU B 339 29.68 13.92 -23.01
C GLU B 339 29.36 14.62 -21.67
N PRO B 340 28.08 14.83 -21.36
CA PRO B 340 27.74 15.46 -20.10
C PRO B 340 28.29 14.69 -18.89
N VAL B 341 28.30 13.37 -18.97
CA VAL B 341 28.86 12.53 -17.90
C VAL B 341 30.37 12.76 -17.83
N ARG B 342 31.04 12.69 -18.99
CA ARG B 342 32.48 12.98 -19.08
C ARG B 342 32.80 14.36 -18.49
N GLN B 343 32.09 15.38 -18.99
CA GLN B 343 32.27 16.77 -18.54
C GLN B 343 31.98 16.96 -17.05
N HIS B 344 31.02 16.21 -16.53
CA HIS B 344 30.69 16.30 -15.11
C HIS B 344 31.84 15.77 -14.27
N PHE B 345 32.38 14.62 -14.64
CA PHE B 345 33.48 14.01 -13.88
C PHE B 345 34.81 14.70 -14.09
N ALA B 346 34.88 15.57 -15.11
CA ALA B 346 36.01 16.48 -15.27
C ALA B 346 35.85 17.65 -14.32
N SER B 347 34.71 18.33 -14.40
CA SER B 347 34.50 19.62 -13.73
C SER B 347 34.32 19.51 -12.23
N ASN B 348 33.47 18.58 -11.80
CA ASN B 348 33.11 18.43 -10.40
C ASN B 348 34.16 17.63 -9.64
N GLU B 349 34.87 18.27 -8.71
CA GLU B 349 35.98 17.59 -8.00
C GLU B 349 35.48 16.46 -7.12
N GLU B 350 34.36 16.68 -6.43
CA GLU B 350 33.76 15.64 -5.61
C GLU B 350 33.53 14.38 -6.45
N ALA B 351 33.01 14.57 -7.66
CA ALA B 351 32.77 13.47 -8.59
C ALA B 351 34.06 12.91 -9.18
N HIS B 352 34.98 13.80 -9.54
CA HIS B 352 36.29 13.39 -10.07
C HIS B 352 37.02 12.46 -9.10
N GLU B 353 37.04 12.84 -7.83
CA GLU B 353 37.68 12.02 -6.78
C GLU B 353 37.01 10.67 -6.65
N LEU B 354 35.71 10.63 -6.90
CA LEU B 354 34.93 9.39 -6.83
C LEU B 354 35.36 8.46 -7.96
N LEU B 355 35.54 9.01 -9.16
CA LEU B 355 35.98 8.25 -10.32
C LEU B 355 37.39 7.72 -10.11
N GLU B 356 38.31 8.60 -9.70
CA GLU B 356 39.70 8.21 -9.43
C GLU B 356 39.78 7.09 -8.39
N ALA B 357 38.93 7.17 -7.37
CA ALA B 357 38.87 6.14 -6.34
C ALA B 357 38.48 4.78 -6.92
N VAL B 358 37.53 4.80 -7.84
CA VAL B 358 37.09 3.56 -8.50
C VAL B 358 38.21 2.99 -9.37
N LYS B 359 38.99 3.87 -10.00
CA LYS B 359 40.12 3.44 -10.83
C LYS B 359 41.26 2.84 -10.00
N SER B 360 41.43 3.29 -8.76
CA SER B 360 42.53 2.81 -7.91
C SER B 360 42.35 1.34 -7.48
N TYR B 361 41.13 0.82 -7.57
CA TYR B 361 40.84 -0.57 -7.18
C TYR B 361 41.19 -1.59 -8.26
N ARG B 362 41.33 -1.14 -9.51
CA ARG B 362 41.44 -2.04 -10.65
C ARG B 362 42.75 -2.81 -10.77
N LYS B 363 43.76 -2.39 -10.00
CA LYS B 363 45.10 -3.00 -10.08
C LYS B 363 45.10 -4.45 -9.61
N ALA B 374 39.55 -18.52 4.14
CA ALA B 374 40.22 -19.06 5.32
C ALA B 374 39.32 -20.06 6.07
N LEU B 375 39.80 -20.57 7.19
CA LEU B 375 39.06 -21.52 8.03
C LEU B 375 39.46 -21.30 9.49
N PRO B 376 38.50 -21.39 10.43
CA PRO B 376 38.83 -21.09 11.83
C PRO B 376 39.77 -22.11 12.49
N ALA B 377 40.65 -21.62 13.36
CA ALA B 377 41.53 -22.48 14.15
C ALA B 377 40.71 -23.16 15.24
N ALA B 378 41.22 -24.28 15.75
CA ALA B 378 40.50 -25.09 16.73
C ALA B 378 40.42 -24.40 18.08
N PRO B 379 39.40 -24.75 18.90
CA PRO B 379 39.30 -24.19 20.24
C PRO B 379 40.40 -24.71 21.15
N ALA B 380 40.78 -23.90 22.14
CA ALA B 380 41.80 -24.30 23.10
C ALA B 380 41.36 -25.53 23.91
N LYS B 381 40.10 -25.52 24.35
CA LYS B 381 39.54 -26.61 25.14
C LYS B 381 38.37 -27.25 24.41
N PRO B 382 38.15 -28.57 24.63
CA PRO B 382 37.05 -29.31 24.01
C PRO B 382 35.69 -28.67 24.20
N HIS B 383 34.85 -28.80 23.17
CA HIS B 383 33.52 -28.21 23.19
C HIS B 383 32.57 -28.99 22.27
N ALA B 384 31.63 -29.71 22.89
CA ALA B 384 30.62 -30.45 22.15
C ALA B 384 29.37 -29.60 22.01
N CYS B 385 28.64 -29.80 20.92
CA CYS B 385 27.30 -29.24 20.78
C CYS B 385 26.33 -30.28 20.23
N MSE B 386 25.06 -30.11 20.55
CA MSE B 386 24.05 -31.14 20.37
C MSE B 386 22.69 -30.52 20.08
O MSE B 386 22.21 -29.69 20.83
CB MSE B 386 23.97 -31.97 21.65
CG MSE B 386 23.05 -33.17 21.58
SE MSE B 386 23.17 -34.20 23.24
CE MSE B 386 22.53 -32.85 24.50
N TRP B 387 22.06 -30.94 18.99
CA TRP B 387 20.81 -30.33 18.55
C TRP B 387 19.60 -31.00 19.17
N MSE B 388 18.75 -30.20 19.81
CA MSE B 388 17.52 -30.69 20.42
C MSE B 388 16.56 -31.13 19.31
O MSE B 388 16.22 -30.32 18.44
CB MSE B 388 16.87 -29.60 21.26
CG MSE B 388 15.55 -30.01 21.93
SE MSE B 388 15.79 -31.22 23.45
CE MSE B 388 14.07 -32.14 23.36
N PRO B 389 16.12 -32.40 19.33
CA PRO B 389 15.29 -32.89 18.23
C PRO B 389 13.98 -32.13 18.12
N ALA B 390 13.66 -31.71 16.90
CA ALA B 390 12.42 -30.99 16.61
C ALA B 390 11.29 -31.98 16.46
N LEU B 391 10.70 -32.38 17.59
CA LEU B 391 9.57 -33.30 17.61
C LEU B 391 8.49 -32.83 18.57
N LEU B 392 7.26 -33.24 18.30
CA LEU B 392 6.13 -33.00 19.21
C LEU B 392 6.32 -33.87 20.44
N LYS B 393 6.42 -35.17 20.22
CA LYS B 393 6.69 -36.13 21.27
C LYS B 393 8.08 -36.70 21.07
N VAL B 394 8.93 -36.56 22.08
CA VAL B 394 10.29 -37.09 22.03
C VAL B 394 10.38 -38.36 22.87
N PRO B 395 10.84 -39.48 22.27
CA PRO B 395 11.02 -40.74 22.99
C PRO B 395 11.91 -40.64 24.22
N LEU B 396 11.63 -41.47 25.23
CA LEU B 396 12.48 -41.55 26.40
C LEU B 396 13.83 -42.17 26.04
N ASP B 397 13.83 -43.07 25.05
CA ASP B 397 15.05 -43.72 24.59
C ASP B 397 16.07 -42.71 24.06
N VAL B 398 15.56 -41.70 23.37
CA VAL B 398 16.41 -40.65 22.79
C VAL B 398 16.94 -39.70 23.87
N ALA B 399 16.06 -39.28 24.77
CA ALA B 399 16.45 -38.38 25.86
C ALA B 399 17.52 -38.99 26.76
N GLU B 400 17.34 -40.28 27.09
CA GLU B 400 18.31 -41.01 27.90
C GLU B 400 19.66 -41.13 27.20
N GLY B 401 19.62 -41.44 25.90
CA GLY B 401 20.82 -41.50 25.07
C GLY B 401 21.53 -40.17 25.04
N MSE B 402 20.75 -39.09 24.92
CA MSE B 402 21.28 -37.73 24.96
C MSE B 402 21.87 -37.41 26.33
O MSE B 402 22.91 -36.76 26.43
CB MSE B 402 20.19 -36.71 24.61
CG MSE B 402 19.87 -36.62 23.14
SE MSE B 402 18.33 -35.48 22.76
CE MSE B 402 18.98 -33.82 23.58
N ILE B 403 21.19 -37.86 27.39
CA ILE B 403 21.66 -37.64 28.76
C ILE B 403 22.94 -38.42 29.07
N LYS B 404 23.05 -39.64 28.55
CA LYS B 404 24.22 -40.48 28.76
C LYS B 404 25.47 -39.94 28.05
N VAL B 405 25.30 -39.51 26.80
CA VAL B 405 26.41 -38.98 26.01
C VAL B 405 26.99 -37.70 26.63
N THR B 406 26.11 -36.87 27.21
CA THR B 406 26.53 -35.66 27.91
C THR B 406 27.40 -35.99 29.12
N LYS B 407 26.88 -36.84 30.00
CA LYS B 407 27.60 -37.26 31.20
C LYS B 407 28.94 -37.94 30.88
N ASP B 408 28.93 -38.77 29.83
CA ASP B 408 30.14 -39.46 29.38
C ASP B 408 31.18 -38.51 28.78
N PHE B 409 30.71 -37.45 28.12
CA PHE B 409 31.62 -36.45 27.52
C PHE B 409 32.33 -35.62 28.59
N ILE B 410 31.57 -35.16 29.58
CA ILE B 410 32.12 -34.35 30.66
C ILE B 410 33.08 -35.19 31.49
N ALA B 411 32.73 -36.46 31.69
CA ALA B 411 33.59 -37.39 32.43
C ALA B 411 34.90 -37.69 31.69
N ALA B 412 34.87 -37.63 30.36
CA ALA B 412 36.04 -37.91 29.53
C ALA B 412 36.83 -36.65 29.18
N HIS B 413 36.18 -35.50 29.28
CA HIS B 413 36.82 -34.20 29.06
C HIS B 413 36.37 -33.27 30.18
N PRO B 414 37.13 -33.23 31.29
CA PRO B 414 36.68 -32.49 32.47
C PRO B 414 36.80 -30.97 32.35
N GLU B 415 37.44 -30.48 31.29
CA GLU B 415 37.47 -29.06 30.97
C GLU B 415 36.55 -28.73 29.80
N GLY B 416 35.83 -29.73 29.32
CA GLY B 416 35.02 -29.58 28.12
C GLY B 416 33.65 -28.98 28.39
N THR B 417 33.12 -28.29 27.39
CA THR B 417 31.81 -27.65 27.47
C THR B 417 30.83 -28.41 26.60
N VAL B 418 29.57 -28.45 27.01
CA VAL B 418 28.51 -29.09 26.23
C VAL B 418 27.38 -28.09 26.00
N THR B 419 27.04 -27.86 24.73
CA THR B 419 25.98 -26.94 24.38
C THR B 419 24.81 -27.69 23.72
N LEU B 420 23.61 -27.46 24.22
CA LEU B 420 22.40 -27.94 23.56
C LEU B 420 21.86 -26.79 22.71
N VAL B 421 21.56 -27.07 21.45
CA VAL B 421 21.04 -26.05 20.54
C VAL B 421 19.59 -26.35 20.21
N LEU B 422 18.68 -25.53 20.76
CA LEU B 422 17.27 -25.60 20.38
C LEU B 422 17.16 -24.91 19.02
N PRO B 423 16.95 -25.70 17.96
CA PRO B 423 17.05 -25.15 16.61
C PRO B 423 15.75 -24.47 16.14
N ASP B 424 15.44 -23.31 16.71
CA ASP B 424 14.17 -22.66 16.42
C ASP B 424 14.12 -21.90 15.08
N TRP B 425 15.23 -21.89 14.35
CA TRP B 425 15.29 -21.36 12.98
C TRP B 425 15.39 -22.48 11.95
N SER B 426 16.37 -23.38 12.14
CA SER B 426 16.60 -24.51 11.23
C SER B 426 15.34 -25.33 11.01
N ALA B 427 14.68 -25.69 12.10
CA ALA B 427 13.51 -26.57 12.07
C ALA B 427 12.39 -25.99 11.21
N VAL B 428 12.17 -24.67 11.29
CA VAL B 428 11.16 -24.04 10.43
C VAL B 428 11.58 -24.11 8.97
N ALA B 429 12.87 -23.92 8.69
CA ALA B 429 13.39 -24.10 7.33
C ALA B 429 13.15 -25.55 6.87
N SER B 430 13.42 -26.50 7.76
CA SER B 430 13.24 -27.93 7.48
C SER B 430 11.77 -28.36 7.29
N ASP B 431 10.83 -27.52 7.72
CA ASP B 431 9.39 -27.82 7.66
C ASP B 431 9.01 -28.92 8.64
N GLU B 432 9.70 -28.97 9.78
CA GLU B 432 9.43 -29.96 10.81
C GLU B 432 8.09 -29.63 11.47
N ILE B 433 7.40 -30.67 11.92
CA ILE B 433 6.12 -30.53 12.62
C ILE B 433 5.13 -29.76 11.71
N THR B 434 4.48 -28.73 12.24
CA THR B 434 3.53 -27.93 11.47
C THR B 434 4.26 -27.00 10.49
N GLY B 435 5.45 -26.56 10.89
CA GLY B 435 6.24 -25.63 10.09
C GLY B 435 6.05 -24.18 10.49
N VAL B 436 5.26 -23.95 11.55
CA VAL B 436 5.07 -22.60 12.07
C VAL B 436 6.04 -22.37 13.23
N GLU B 437 6.56 -21.15 13.32
CA GLU B 437 7.61 -20.80 14.29
C GLU B 437 7.17 -21.06 15.73
N LYS B 438 6.01 -20.55 16.08
CA LYS B 438 5.49 -20.62 17.46
C LYS B 438 5.32 -22.07 17.92
N ASP B 439 4.79 -22.91 17.05
CA ASP B 439 4.57 -24.31 17.36
C ASP B 439 5.90 -25.02 17.57
N ILE B 440 6.86 -24.77 16.68
CA ILE B 440 8.19 -25.34 16.81
C ILE B 440 8.87 -24.82 18.08
N SER B 441 8.80 -23.52 18.32
CA SER B 441 9.42 -22.92 19.51
C SER B 441 8.84 -23.48 20.81
N ALA B 442 7.52 -23.58 20.88
CA ALA B 442 6.85 -24.13 22.05
C ALA B 442 7.26 -25.59 22.28
N ALA B 443 7.30 -26.37 21.19
CA ALA B 443 7.68 -27.79 21.26
C ALA B 443 9.13 -27.99 21.70
N LEU B 444 10.02 -27.08 21.30
CA LEU B 444 11.42 -27.14 21.69
C LEU B 444 11.62 -26.75 23.15
N GLN B 445 10.98 -25.66 23.56
CA GLN B 445 11.05 -25.16 24.94
C GLN B 445 10.53 -26.19 25.94
N VAL B 446 9.38 -26.78 25.63
CA VAL B 446 8.77 -27.81 26.48
C VAL B 446 9.70 -29.01 26.64
N ASN B 447 10.04 -29.66 25.52
CA ASN B 447 10.85 -30.88 25.57
C ASN B 447 12.28 -30.65 26.09
N CYS B 448 12.75 -29.40 26.02
CA CYS B 448 14.05 -29.06 26.59
C CYS B 448 13.97 -28.98 28.11
N ALA B 449 12.94 -28.32 28.62
CA ALA B 449 12.70 -28.23 30.06
C ALA B 449 12.48 -29.61 30.68
N LEU B 450 11.80 -30.48 29.94
CA LEU B 450 11.53 -31.83 30.39
C LEU B 450 12.77 -32.72 30.30
N LEU B 451 13.68 -32.43 29.37
CA LEU B 451 14.97 -33.12 29.31
C LEU B 451 15.82 -32.79 30.54
N LYS B 452 15.64 -31.58 31.07
CA LYS B 452 16.30 -31.16 32.31
C LYS B 452 15.71 -31.84 33.54
N ALA B 453 14.40 -32.08 33.52
CA ALA B 453 13.73 -32.77 34.61
C ALA B 453 14.17 -34.23 34.72
N TYR B 454 14.24 -34.92 33.57
CA TYR B 454 14.67 -36.33 33.53
C TYR B 454 16.16 -36.53 33.82
N GLY B 455 16.93 -35.43 33.84
CA GLY B 455 18.28 -35.46 34.39
C GLY B 455 19.41 -34.97 33.51
N LEU B 456 19.15 -33.98 32.65
CA LEU B 456 20.21 -33.32 31.90
C LEU B 456 21.02 -32.49 32.91
N PRO B 457 22.36 -32.56 32.84
CA PRO B 457 23.18 -31.80 33.80
C PRO B 457 23.06 -30.28 33.66
N SER B 458 23.28 -29.57 34.77
CA SER B 458 23.25 -28.11 34.78
C SER B 458 24.42 -27.49 33.99
N SER B 459 25.50 -28.25 33.85
CA SER B 459 26.67 -27.81 33.09
C SER B 459 26.35 -27.45 31.65
N VAL B 460 25.43 -28.21 31.05
CA VAL B 460 25.09 -28.03 29.64
C VAL B 460 24.50 -26.65 29.38
N LYS B 461 25.19 -25.87 28.56
CA LYS B 461 24.71 -24.54 28.19
C LYS B 461 23.57 -24.67 27.19
N ILE B 462 22.41 -24.11 27.53
CA ILE B 462 21.21 -24.21 26.69
C ILE B 462 20.98 -22.91 25.93
N VAL B 463 21.13 -22.97 24.61
CA VAL B 463 21.09 -21.76 23.77
C VAL B 463 20.21 -21.99 22.54
N THR B 464 19.45 -20.97 22.15
CA THR B 464 18.54 -21.07 21.01
C THR B 464 19.26 -20.58 19.77
N GLU B 465 18.85 -21.10 18.61
CA GLU B 465 19.41 -20.61 17.35
C GLU B 465 19.14 -19.11 17.21
N ASN B 466 17.92 -18.69 17.55
CA ASN B 466 17.58 -17.26 17.57
C ASN B 466 18.64 -16.45 18.31
N GLU B 467 19.07 -16.96 19.46
CA GLU B 467 20.06 -16.31 20.30
C GLU B 467 21.39 -16.19 19.55
N VAL B 468 21.85 -17.30 18.98
CA VAL B 468 23.13 -17.33 18.27
C VAL B 468 23.11 -16.50 16.99
N ILE B 469 22.04 -16.61 16.21
CA ILE B 469 21.96 -15.90 14.92
C ILE B 469 21.87 -14.40 15.13
N LEU B 470 20.88 -13.94 15.89
CA LEU B 470 20.70 -12.50 16.12
C LEU B 470 21.92 -11.89 16.84
N GLY B 471 22.58 -12.68 17.69
CA GLY B 471 23.78 -12.22 18.40
C GLY B 471 24.93 -11.84 17.49
N ASN B 472 25.08 -12.56 16.38
CA ASN B 472 26.11 -12.29 15.38
C ASN B 472 25.55 -12.52 13.97
N CYS B 473 24.58 -11.69 13.58
CA CYS B 473 23.76 -12.01 12.40
C CYS B 473 24.51 -11.97 11.07
N ASP B 474 25.15 -10.84 10.78
CA ASP B 474 25.92 -10.72 9.55
C ASP B 474 26.92 -11.89 9.45
N ASP B 475 27.82 -11.97 10.42
CA ASP B 475 28.85 -13.01 10.46
C ASP B 475 28.29 -14.41 10.20
N PHE B 476 27.16 -14.71 10.83
CA PHE B 476 26.52 -16.01 10.73
C PHE B 476 26.15 -16.33 9.28
N TRP B 477 25.34 -15.46 8.68
CA TRP B 477 24.88 -15.67 7.31
C TRP B 477 26.03 -15.59 6.30
N VAL B 478 27.02 -14.75 6.57
CA VAL B 478 28.22 -14.73 5.73
C VAL B 478 28.88 -16.10 5.76
N SER B 479 28.97 -16.72 6.94
CA SER B 479 29.60 -18.03 7.05
C SER B 479 28.68 -19.13 6.52
N VAL B 480 27.37 -18.93 6.64
CA VAL B 480 26.42 -19.88 6.06
C VAL B 480 26.70 -20.00 4.57
N ILE B 481 26.77 -18.85 3.90
CA ILE B 481 27.03 -18.78 2.45
C ILE B 481 28.42 -19.32 2.09
N GLY B 482 29.44 -18.89 2.84
CA GLY B 482 30.82 -19.33 2.63
C GLY B 482 30.92 -20.85 2.56
N ILE B 483 30.33 -21.52 3.55
CA ILE B 483 30.27 -22.99 3.57
C ILE B 483 29.59 -23.51 2.31
N ALA B 484 28.51 -22.82 1.92
CA ALA B 484 27.69 -23.21 0.79
C ALA B 484 28.42 -23.03 -0.55
N ARG B 485 29.22 -21.97 -0.67
CA ARG B 485 30.01 -21.74 -1.88
C ARG B 485 31.06 -22.85 -2.13
N LYS B 486 31.56 -23.45 -1.04
CA LYS B 486 32.55 -24.54 -1.15
C LYS B 486 31.91 -25.85 -1.59
N ASN B 487 30.84 -26.27 -0.93
CA ASN B 487 30.24 -27.58 -1.16
C ASN B 487 29.25 -27.61 -2.32
N LEU B 488 29.15 -28.77 -2.98
CA LEU B 488 28.20 -28.97 -4.07
C LEU B 488 26.83 -29.32 -3.52
N LEU B 489 25.79 -28.91 -4.24
CA LEU B 489 24.41 -29.20 -3.86
C LEU B 489 24.21 -30.70 -3.73
N SER B 490 24.59 -31.44 -4.76
CA SER B 490 24.47 -32.90 -4.79
C SER B 490 25.15 -33.56 -3.57
N HIS B 491 26.26 -32.99 -3.12
CA HIS B 491 26.95 -33.47 -1.93
C HIS B 491 26.12 -33.22 -0.67
N VAL B 492 25.46 -32.07 -0.62
CA VAL B 492 24.59 -31.75 0.52
C VAL B 492 23.37 -32.66 0.53
N GLU B 493 22.90 -33.03 -0.66
CA GLU B 493 21.77 -33.94 -0.82
C GLU B 493 22.08 -35.37 -0.35
N GLU B 494 23.36 -35.75 -0.38
CA GLU B 494 23.79 -37.06 0.10
C GLU B 494 23.52 -37.25 1.58
N LEU B 495 23.57 -36.16 2.34
CA LEU B 495 23.40 -36.21 3.80
C LEU B 495 22.01 -36.72 4.21
N TYR B 496 21.00 -36.36 3.43
CA TYR B 496 19.63 -36.82 3.69
C TYR B 496 19.29 -38.14 2.99
N GLY B 497 20.23 -38.66 2.18
CA GLY B 497 20.05 -39.95 1.48
C GLY B 497 19.55 -39.83 0.04
N GLY B 498 19.84 -38.71 -0.61
CA GLY B 498 19.41 -38.48 -2.00
C GLY B 498 17.90 -38.35 -2.12
N GLU B 499 17.29 -37.64 -1.18
CA GLU B 499 15.83 -37.53 -1.10
C GLU B 499 15.45 -36.32 -0.25
N VAL B 500 15.67 -35.12 -0.80
CA VAL B 500 15.39 -33.89 -0.08
C VAL B 500 13.92 -33.48 -0.28
N ARG B 501 13.26 -33.13 0.82
CA ARG B 501 11.85 -32.79 0.82
C ARG B 501 11.62 -31.38 0.27
N ASN B 502 12.34 -30.42 0.85
CA ASN B 502 12.23 -29.01 0.50
C ASN B 502 13.61 -28.37 0.42
N ALA B 503 13.71 -27.19 -0.17
CA ALA B 503 14.98 -26.46 -0.23
C ALA B 503 15.49 -26.08 1.15
N GLY B 504 14.57 -25.82 2.08
CA GLY B 504 14.95 -25.43 3.44
C GLY B 504 15.84 -26.43 4.16
N GLN B 505 15.61 -27.72 3.90
CA GLN B 505 16.46 -28.77 4.48
C GLN B 505 17.92 -28.57 4.09
N VAL B 506 18.16 -28.12 2.86
CA VAL B 506 19.51 -27.84 2.39
C VAL B 506 20.12 -26.70 3.17
N ILE B 507 19.29 -25.71 3.54
CA ILE B 507 19.75 -24.59 4.36
C ILE B 507 20.09 -25.03 5.79
N ALA B 508 19.15 -25.71 6.44
CA ALA B 508 19.34 -26.15 7.82
C ALA B 508 20.66 -26.91 7.99
N ALA B 509 21.02 -27.72 7.00
CA ALA B 509 22.28 -28.45 7.03
C ALA B 509 23.49 -27.50 7.05
N LEU B 510 23.44 -26.48 6.20
CA LEU B 510 24.46 -25.44 6.16
C LEU B 510 24.49 -24.63 7.46
N MSE B 511 23.31 -24.36 8.01
CA MSE B 511 23.19 -23.58 9.25
C MSE B 511 23.86 -24.28 10.41
O MSE B 511 24.52 -23.64 11.24
CB MSE B 511 21.73 -23.32 9.56
CG MSE B 511 21.08 -22.33 8.62
SE MSE B 511 19.20 -22.04 9.05
CE MSE B 511 19.44 -21.19 10.79
N ARG B 512 23.69 -25.60 10.49
CA ARG B 512 24.27 -26.38 11.57
C ARG B 512 25.80 -26.30 11.57
N VAL B 513 26.41 -26.40 10.40
CA VAL B 513 27.86 -26.25 10.30
C VAL B 513 28.27 -24.85 10.79
N ALA B 514 27.53 -23.83 10.34
CA ALA B 514 27.80 -22.45 10.72
C ALA B 514 27.63 -22.22 12.22
N THR B 515 26.64 -22.89 12.81
CA THR B 515 26.44 -22.85 14.26
C THR B 515 27.64 -23.49 14.97
N ALA B 516 28.05 -24.64 14.48
CA ALA B 516 29.17 -25.38 15.03
C ALA B 516 30.45 -24.56 14.97
N LEU B 517 30.68 -23.90 13.85
CA LEU B 517 31.86 -23.04 13.69
C LEU B 517 31.78 -21.82 14.60
N MSE B 518 30.59 -21.26 14.77
CA MSE B 518 30.42 -20.05 15.56
C MSE B 518 30.59 -20.32 17.05
O MSE B 518 31.26 -19.57 17.76
CB MSE B 518 29.06 -19.41 15.31
CG MSE B 518 28.90 -18.06 15.98
SE MSE B 518 27.86 -16.85 14.89
CE MSE B 518 29.30 -16.19 13.73
N LEU B 519 29.98 -21.40 17.52
CA LEU B 519 30.17 -21.84 18.89
C LEU B 519 31.58 -22.40 19.12
N SER B 520 32.36 -22.52 18.05
CA SER B 520 33.73 -23.03 18.10
C SER B 520 33.74 -24.40 18.77
N VAL B 521 33.23 -25.38 18.04
CA VAL B 521 32.98 -26.72 18.55
C VAL B 521 34.09 -27.66 18.08
N SER B 522 34.46 -28.60 18.96
CA SER B 522 35.40 -29.68 18.62
C SER B 522 34.69 -31.01 18.39
N HIS B 523 33.46 -31.13 18.89
CA HIS B 523 32.67 -32.35 18.76
C HIS B 523 31.20 -32.05 18.47
N VAL B 524 30.59 -32.87 17.61
CA VAL B 524 29.14 -32.76 17.33
C VAL B 524 28.44 -34.05 17.71
N ILE B 525 27.58 -33.98 18.72
CA ILE B 525 26.81 -35.13 19.16
C ILE B 525 25.59 -35.30 18.25
N SER B 526 25.44 -36.50 17.71
CA SER B 526 24.33 -36.80 16.83
C SER B 526 23.41 -37.82 17.49
N THR B 527 22.15 -37.44 17.67
CA THR B 527 21.12 -38.39 18.07
C THR B 527 20.66 -39.18 16.83
N SER B 528 19.95 -40.27 17.05
CA SER B 528 19.49 -41.15 15.96
C SER B 528 18.68 -40.39 14.90
N LEU B 529 17.94 -39.38 15.35
CA LEU B 529 17.15 -38.53 14.46
C LEU B 529 18.00 -37.57 13.64
N ASP B 530 19.03 -36.99 14.27
CA ASP B 530 19.96 -36.09 13.56
C ASP B 530 20.52 -36.81 12.33
N GLY B 531 21.00 -38.03 12.54
CA GLY B 531 21.46 -38.89 11.46
C GLY B 531 22.80 -38.46 10.89
N HIS B 532 22.86 -38.35 9.56
CA HIS B 532 24.11 -38.03 8.86
C HIS B 532 24.22 -36.56 8.48
N ILE B 533 23.35 -35.72 9.02
CA ILE B 533 23.37 -34.28 8.75
C ILE B 533 24.58 -33.62 9.40
N ASN B 534 24.86 -34.03 10.63
CA ASN B 534 25.96 -33.46 11.43
C ASN B 534 27.35 -33.89 10.94
N ALA B 535 27.40 -34.97 10.16
CA ALA B 535 28.65 -35.42 9.52
C ALA B 535 29.24 -34.35 8.59
N PHE B 536 28.38 -33.45 8.11
CA PHE B 536 28.82 -32.29 7.33
C PHE B 536 29.89 -31.55 8.12
N ALA B 537 29.56 -31.16 9.36
CA ALA B 537 30.48 -30.45 10.23
C ALA B 537 31.88 -31.08 10.20
N ARG B 538 31.92 -32.40 10.28
CA ARG B 538 33.20 -33.14 10.26
C ARG B 538 33.89 -33.03 8.89
N GLU B 539 33.13 -33.19 7.81
CA GLU B 539 33.68 -33.09 6.47
C GLU B 539 34.23 -31.70 6.19
N TYR B 540 33.44 -30.68 6.48
CA TYR B 540 33.81 -29.30 6.20
C TYR B 540 35.09 -28.87 6.90
N THR B 541 35.27 -29.33 8.14
CA THR B 541 36.41 -28.94 8.98
C THR B 541 37.67 -29.79 8.78
N LYS B 542 37.69 -30.62 7.72
CA LYS B 542 38.83 -31.48 7.39
C LYS B 542 39.19 -32.37 8.58
N GLU B 543 38.23 -33.19 9.00
CA GLU B 543 38.40 -34.16 10.09
C GLU B 543 38.89 -33.55 11.42
N ARG B 544 38.63 -32.26 11.63
CA ARG B 544 39.00 -31.62 12.89
C ARG B 544 37.94 -31.94 13.94
N ILE B 545 36.68 -31.73 13.58
CA ILE B 545 35.56 -32.07 14.44
C ILE B 545 35.37 -33.58 14.43
N ASP B 546 35.14 -34.16 15.61
CA ASP B 546 34.81 -35.58 15.73
C ASP B 546 33.30 -35.76 15.89
N CYS B 547 32.80 -36.90 15.42
CA CYS B 547 31.38 -37.23 15.56
C CYS B 547 31.15 -38.26 16.66
N VAL B 548 30.46 -37.84 17.72
CA VAL B 548 30.02 -38.75 18.77
C VAL B 548 28.59 -39.17 18.47
N GLN B 549 28.35 -40.49 18.44
CA GLN B 549 27.02 -41.03 18.16
C GLN B 549 26.32 -41.37 19.47
N THR B 550 25.01 -41.18 19.50
CA THR B 550 24.23 -41.41 20.71
C THR B 550 24.02 -42.91 20.94
N LEU B 551 23.95 -43.31 22.21
CA LEU B 551 23.74 -44.71 22.59
C LEU B 551 22.25 -45.00 22.78
N GLU B 552 21.64 -45.63 21.76
CA GLU B 552 20.22 -45.96 21.78
C GLU B 552 19.96 -47.42 21.38
N GLY B 553 18.84 -47.97 21.85
CA GLY B 553 18.45 -49.35 21.55
C GLY B 553 19.03 -50.35 22.52
N ASP B 571 2.39 -45.91 19.59
CA ASP B 571 2.65 -47.19 20.22
C ASP B 571 2.45 -47.14 21.75
N ASP B 572 2.02 -45.98 22.25
CA ASP B 572 1.90 -45.76 23.70
C ASP B 572 3.24 -45.99 24.41
N VAL B 573 4.33 -45.57 23.77
CA VAL B 573 5.68 -45.72 24.33
C VAL B 573 5.99 -44.57 25.29
N LEU B 574 6.80 -44.85 26.30
CA LEU B 574 7.20 -43.86 27.28
C LEU B 574 7.82 -42.66 26.59
N TYR B 575 7.02 -41.61 26.39
CA TYR B 575 7.52 -40.35 25.89
C TYR B 575 7.91 -39.47 27.07
N LEU B 576 8.82 -38.54 26.82
CA LEU B 576 9.27 -37.60 27.84
C LEU B 576 8.13 -36.70 28.34
N ASP B 577 7.14 -36.43 27.46
CA ASP B 577 5.96 -35.66 27.84
C ASP B 577 4.86 -36.48 28.53
N ASP B 578 5.06 -37.79 28.67
CA ASP B 578 4.00 -38.69 29.14
C ASP B 578 3.47 -38.33 30.52
N ASN B 579 2.15 -38.35 30.64
CA ASN B 579 1.45 -38.06 31.88
C ASN B 579 1.34 -39.32 32.74
N ASP B 580 0.99 -39.13 34.01
CA ASP B 580 0.79 -40.23 34.96
C ASP B 580 -0.12 -41.34 34.42
N MSE B 581 -1.21 -40.95 33.77
CA MSE B 581 -2.15 -41.89 33.18
C MSE B 581 -1.62 -42.53 31.90
O MSE B 581 -1.82 -43.73 31.67
CB MSE B 581 -3.48 -41.20 32.87
CG MSE B 581 -4.21 -40.68 34.10
SE MSE B 581 -5.58 -39.36 33.69
CE MSE B 581 -4.53 -38.10 32.62
N ASP B 582 -0.95 -41.73 31.08
CA ASP B 582 -0.39 -42.22 29.81
C ASP B 582 0.74 -43.23 30.03
N ILE B 583 1.43 -43.11 31.16
CA ILE B 583 2.51 -44.02 31.51
C ILE B 583 1.99 -45.38 32.01
N ARG B 584 0.82 -45.37 32.65
CA ARG B 584 0.22 -46.60 33.18
C ARG B 584 -0.40 -47.45 32.08
N ARG B 585 -1.11 -46.80 31.16
CA ARG B 585 -1.72 -47.49 30.01
C ARG B 585 -0.68 -48.02 29.03
N LYS B 586 0.49 -47.39 29.01
CA LYS B 586 1.61 -47.82 28.18
C LYS B 586 2.19 -49.17 28.58
N ILE B 587 2.05 -49.51 29.86
CA ILE B 587 2.60 -50.77 30.40
C ILE B 587 1.72 -51.97 30.06
N LYS B 588 0.40 -51.75 30.03
CA LYS B 588 -0.56 -52.83 29.78
C LYS B 588 -0.37 -53.51 28.43
N LYS B 589 -0.07 -52.72 27.39
CA LYS B 589 0.10 -53.24 26.03
C LYS B 589 1.33 -54.13 25.84
N ALA B 590 2.33 -53.98 26.70
CA ALA B 590 3.54 -54.78 26.62
C ALA B 590 3.29 -56.22 27.08
N VAL B 601 9.20 -56.25 27.39
CA VAL B 601 9.05 -56.25 28.85
C VAL B 601 10.36 -56.61 29.55
N ILE B 602 11.05 -57.63 29.04
CA ILE B 602 12.31 -58.10 29.64
C ILE B 602 13.50 -57.19 29.31
N SER B 603 13.43 -56.50 28.17
CA SER B 603 14.51 -55.60 27.75
C SER B 603 14.59 -54.36 28.64
N VAL B 604 13.45 -53.74 28.90
CA VAL B 604 13.38 -52.53 29.72
C VAL B 604 13.79 -52.79 31.17
N ALA B 605 13.39 -53.95 31.69
CA ALA B 605 13.67 -54.32 33.08
C ALA B 605 15.17 -54.30 33.41
N GLN B 606 15.98 -54.83 32.51
CA GLN B 606 17.43 -54.88 32.69
C GLN B 606 18.07 -53.49 32.62
N HIS B 607 17.58 -52.67 31.70
CA HIS B 607 18.08 -51.30 31.54
C HIS B 607 17.70 -50.41 32.72
N LEU B 608 16.56 -50.69 33.34
CA LEU B 608 16.05 -49.89 34.45
C LEU B 608 16.93 -49.95 35.70
N LEU B 609 17.45 -51.12 36.02
CA LEU B 609 18.41 -51.26 37.13
C LEU B 609 19.74 -50.64 36.73
N ALA B 610 20.15 -50.86 35.48
CA ALA B 610 21.38 -50.28 34.93
C ALA B 610 21.19 -48.79 34.64
N ALA B 651 2.85 -54.97 38.20
CA ALA B 651 3.13 -53.55 38.37
C ALA B 651 4.37 -53.32 39.23
N ALA B 652 5.48 -53.96 38.87
CA ALA B 652 6.75 -53.78 39.57
C ALA B 652 7.49 -52.56 39.04
N VAL B 653 7.70 -52.54 37.73
CA VAL B 653 8.38 -51.43 37.05
C VAL B 653 7.55 -50.15 37.03
N LEU B 654 6.24 -50.29 36.82
CA LEU B 654 5.31 -49.15 36.74
C LEU B 654 5.51 -48.12 37.85
N GLN B 655 5.86 -48.59 39.04
CA GLN B 655 6.19 -47.70 40.16
C GLN B 655 7.54 -47.01 39.95
N LEU B 656 8.52 -47.77 39.47
CA LEU B 656 9.88 -47.25 39.28
C LEU B 656 9.97 -46.07 38.31
N LEU B 657 9.21 -46.15 37.21
CA LEU B 657 9.18 -45.08 36.22
C LEU B 657 8.48 -43.83 36.75
N LEU B 658 7.43 -44.02 37.53
CA LEU B 658 6.69 -42.92 38.16
C LEU B 658 7.54 -42.17 39.19
N ASP B 659 8.53 -42.86 39.78
CA ASP B 659 9.41 -42.24 40.77
C ASP B 659 10.37 -41.24 40.11
N ARG B 660 11.02 -41.67 39.03
CA ARG B 660 12.01 -40.85 38.32
C ARG B 660 11.37 -39.69 37.57
N SER B 661 10.19 -39.92 37.00
CA SER B 661 9.45 -38.90 36.26
C SER B 661 8.56 -38.03 37.17
N ALA B 662 8.84 -38.07 38.48
CA ALA B 662 8.05 -37.32 39.46
C ALA B 662 8.23 -35.81 39.31
N GLN B 663 9.44 -35.39 38.94
CA GLN B 663 9.72 -33.97 38.73
C GLN B 663 9.29 -33.49 37.34
N ALA B 664 9.39 -34.37 36.34
CA ALA B 664 8.99 -34.04 34.98
C ALA B 664 7.48 -33.86 34.88
N ARG B 665 6.73 -34.80 35.44
CA ARG B 665 5.26 -34.72 35.45
C ARG B 665 4.72 -33.56 36.28
N ALA B 666 5.52 -33.05 37.21
CA ALA B 666 5.15 -31.87 38.00
C ALA B 666 5.07 -30.62 37.13
N LEU B 667 5.87 -30.56 36.07
CA LEU B 667 5.89 -29.41 35.18
C LEU B 667 4.74 -29.41 34.18
N LEU B 668 4.45 -30.57 33.59
CA LEU B 668 3.43 -30.71 32.55
C LEU B 668 2.11 -30.01 32.90
N ASN B 669 1.63 -30.23 34.12
CA ASN B 669 0.41 -29.60 34.59
C ASN B 669 0.63 -28.16 35.05
N GLY B 670 1.80 -27.90 35.64
CA GLY B 670 2.11 -26.60 36.19
C GLY B 670 2.55 -25.57 35.16
N GLU B 671 3.85 -25.56 34.88
CA GLU B 671 4.47 -24.54 34.02
C GLU B 671 4.15 -24.69 32.53
N LEU B 672 4.21 -25.92 32.03
CA LEU B 672 4.18 -26.18 30.58
C LEU B 672 2.77 -26.37 30.00
N LYS B 673 1.74 -26.31 30.84
CA LYS B 673 0.36 -26.52 30.37
C LYS B 673 -0.08 -25.47 29.34
N LYS B 674 0.50 -24.27 29.44
CA LYS B 674 0.27 -23.23 28.44
C LYS B 674 0.76 -23.66 27.06
N ASN B 675 1.96 -24.22 27.01
CA ASN B 675 2.56 -24.68 25.75
C ASN B 675 2.02 -26.02 25.27
N MSE B 676 1.61 -26.88 26.21
CA MSE B 676 0.98 -28.16 25.85
C MSE B 676 -0.38 -27.94 25.18
O MSE B 676 -0.87 -28.82 24.47
CB MSE B 676 0.82 -29.05 27.09
CG MSE B 676 2.14 -29.52 27.72
SE MSE B 676 3.11 -30.86 26.67
CE MSE B 676 1.91 -32.38 26.90
N THR B 677 -0.98 -26.77 25.41
CA THR B 677 -2.16 -26.33 24.66
C THR B 677 -1.82 -26.11 23.19
N VAL B 678 -0.69 -25.46 22.94
CA VAL B 678 -0.24 -25.16 21.58
C VAL B 678 0.16 -26.44 20.84
N LEU B 679 0.75 -27.39 21.56
CA LEU B 679 1.17 -28.67 20.97
C LEU B 679 -0.02 -29.57 20.62
N ARG B 680 -1.08 -29.53 21.43
CA ARG B 680 -2.32 -30.24 21.13
C ARG B 680 -2.92 -29.69 19.84
N ASN B 681 -3.11 -28.37 19.81
CA ASN B 681 -3.64 -27.69 18.62
C ASN B 681 -2.77 -27.91 17.38
N ALA B 682 -1.47 -28.10 17.60
CA ALA B 682 -0.55 -28.48 16.54
C ALA B 682 -0.72 -29.94 16.14
N GLU B 683 -1.02 -30.81 17.12
CA GLU B 683 -1.26 -32.22 16.84
C GLU B 683 -2.54 -32.42 16.03
N LYS B 684 -3.57 -31.64 16.34
CA LYS B 684 -4.84 -31.70 15.60
C LYS B 684 -4.66 -31.19 14.17
N LYS B 685 -3.80 -30.19 14.01
CA LYS B 685 -3.50 -29.60 12.70
C LYS B 685 -2.70 -30.57 11.83
N MSE B 686 -1.86 -31.40 12.47
CA MSE B 686 -1.08 -32.42 11.75
C MSE B 686 -1.98 -33.52 11.18
O MSE B 686 -1.75 -33.99 10.07
CB MSE B 686 -0.04 -33.06 12.70
CG MSE B 686 1.11 -32.14 13.09
SE MSE B 686 2.82 -32.60 12.26
CE MSE B 686 2.34 -32.33 10.39
N ALA B 687 -2.99 -33.92 11.94
CA ALA B 687 -3.94 -34.97 11.53
C ALA B 687 -4.84 -34.53 10.37
N LYS B 688 -5.07 -33.22 10.24
CA LYS B 688 -5.89 -32.67 9.16
C LYS B 688 -5.13 -32.56 7.83
N LYS B 689 -3.80 -32.66 7.87
CA LYS B 689 -2.97 -32.55 6.68
C LYS B 689 -3.08 -33.82 5.81
C6 FSE C . -4.49 17.37 2.57
C5 FSE C . -4.41 18.75 2.77
C10 FSE C . -3.82 19.26 3.93
C9 FSE C . -3.30 18.36 4.85
C8 FSE C . -3.38 16.98 4.66
C7 FSE C . -3.98 16.48 3.51
C4 FSE C . -3.73 20.63 4.15
C3 FSE C . -3.11 21.06 5.32
C2 FSE C . -2.61 20.16 6.26
C1' FSE C . -1.96 20.48 7.46
C6' FSE C . -2.35 21.54 8.27
C5' FSE C . -1.67 21.81 9.47
C4' FSE C . -0.59 21.01 9.84
C3' FSE C . -0.20 19.95 9.04
C2' FSE C . -0.87 19.69 7.85
O1 FSE C . -2.72 18.84 6.00
O4 FSE C . -4.18 21.44 3.35
O3' FSE C . 0.86 19.20 9.45
O4' FSE C . 0.10 21.23 10.99
O3 FSE C . -3.00 22.39 5.52
O7 FSE C . -4.05 15.14 3.31
C6 FSE D . 19.44 -8.67 -5.35
C5 FSE D . 20.61 -8.74 -6.11
C10 FSE D . 20.56 -8.56 -7.50
C9 FSE D . 19.32 -8.33 -8.10
C8 FSE D . 18.15 -8.25 -7.34
C7 FSE D . 18.21 -8.43 -5.96
C4 FSE D . 21.72 -8.64 -8.27
C3 FSE D . 21.60 -8.50 -9.65
C2 FSE D . 20.37 -8.25 -10.26
C1' FSE D . 20.13 -8.10 -11.63
C6' FSE D . 20.74 -8.93 -12.58
C5' FSE D . 20.46 -8.75 -13.93
C4' FSE D . 19.59 -7.75 -14.36
C3' FSE D . 18.98 -6.93 -13.42
C2' FSE D . 19.25 -7.11 -12.07
O1 FSE D . 19.26 -8.15 -9.46
O4 FSE D . 22.83 -8.88 -7.77
O3' FSE D . 18.13 -5.96 -13.85
O4' FSE D . 19.28 -7.53 -15.68
O3 FSE D . 22.73 -8.60 -10.39
O7 FSE D . 17.07 -8.36 -5.21
#